data_7QIY
#
_entry.id   7QIY
#
_cell.length_a   1.00
_cell.length_b   1.00
_cell.length_c   1.00
_cell.angle_alpha   90.00
_cell.angle_beta   90.00
_cell.angle_gamma   90.00
#
_symmetry.space_group_name_H-M   'P 1'
#
loop_
_entity.id
_entity.type
_entity.pdbx_description
1 polymer '18S rRNA head'
2 polymer 'KH type-2 domain-containing protein'
3 polymer 'Ribosomal_S7 domain-containing protein'
4 polymer 'S10_plectin domain-containing protein'
5 polymer '40S head ribosomal protein uS19'
6 polymer '40S head ribosomal protein uS9'
7 polymer '40S ribosomal protein S17'
8 polymer '40S head ribosomal protein uS13'
9 polymer '40S head ribosomal protein eS19'
10 polymer 'Ribosomal_S10 domain-containing protein'
11 polymer '40S head ribosomal protein eS28'
12 polymer '40S ribosomal protein S29'
13 polymer 'Mitogen-activated protein kinase'
14 polymer '40S ribosomal protein S25'
15 polymer tRNA
16 polymer mRNA
17 non-polymer 'POTASSIUM ION'
18 non-polymer 1,4-DIAMINOBUTANE
19 non-polymer 'MAGNESIUM ION'
20 non-polymer beta-D-glucopyranose
21 non-polymer 'ZINC ION'
22 water water
#
loop_
_entity_poly.entity_id
_entity_poly.type
_entity_poly.pdbx_seq_one_letter_code
_entity_poly.pdbx_strand_id
1 'polyribonucleotide'
;UACCUGGUUGAUCCUGCCAGUAGUCAU(A2M)UGCUUGUCU(OMC)AAAGAUUAAGCCAUGCAUGUGUAAGUAUGAACAA
AUUCAGACUGUGAAACUGCGAAUGGCUCAU(PSU)AAAUCAG(PSU)UAUAGUUUG(PSU)U(OMU)GAUGGUAUCUACU
ACU(OMC)GGAUAACCGUAGUAAUUCUAG(A2M)GCUAAUACGUGCAACAAACCCCGACUUCUGGAAGGGAUGCAUUUA
(PSU)UAGAUAAAAGGUCGACGCGGGCUCUGCCCGUUGCUGC(OMG)AUGAUUCA(PSU)GA(PSU)AACUCGACGGAUC
GCACGGCCAUCGUGCCGGCGACGCAUCA(PSU)UCAAA(PSU)UUCUGCCCUAUCAACUUUCGAUGGUAGGAUAGUGGCC
UACCAUGGUGGUGACGGG(PSU)GACGGAGAAUUAGGGUUCGA(PSU)UCCGGAGA(OMG)GGAGCCUGAGAAACGGCUA
CCACAU(OMC)CAAGGAAGGCAGCAGGCGCGC(A2M)AAUUACCCAA(PSU)CCUGACACGGGGAGGU(A2M)GUGA
(OMC)AAUAAAUAACAAUACCGGGCUCUAUGAGUCUGGUAAUUGGAAUGAGUACAAUCUAAAUCCCUUAACGAGG(A2M)
UCCAUUGGAGGGCAAGUCUGGUGCCAGCAGCCGCGG(OMU)AA(PSU)UCCAGCUCCAAUA(OMG)CGUAA(PSU)UUAA
GUUG(OMU)UGCAGUU(A2M)AAAAGCUCGUAG(PSU)UGGACUUUGGGAUGGGCCGGCCGGUCCGCCCUAGGUGUGCAC
CGGUCGUCUCGUCCCUUCUGUCGGCGAUGCGCUCCUGGCCUUAAUUGGCCGGGUCGUGCCUCCGGCGCUGUUACU(PSU)
UGAAGAAA(PSU)UAGAGUGCUCAAAGCAAGCCUACGCUCUGUAUACAUU(A2M)GCAUGGGA(PSU)AACAUUAUAGGA
UUUCGGUCCUAUUACGUUGGCCUUCGGGAUCGGAGUAAUGAUUAACAGGGACAGUCGGGGGCAUUCGUAUUUCAUAGUCA
GAGGUGAAAU(PSU)CUUGGAUUUAUGAAAGACGAACAACUGCGAAAGCAU(PSU)(PSU)GCCAAGGAUGUUUUCAUUA
AUCAAGA(A2M)CGAAAGUUGGGGGCUCGAAGACGA(PSU)CAGAUACCG(OMU)CCUAGUCUCAACCA(PSU)AAACGA
UGCCGACCAGGGAUCGGCGGAUGUUGCUUUUAGGACUCCGCCGGCACCUUAUGAGAAAUCAAAGUUUUUGGG(PSU)UCC
GGGGGGAGUA(PSU)GGUCGCAAGGCUGAAACUUAAAGGAAUUGACGGAAGGGCACCACCAGGAGUGGAGCC(PSU)GCG
GC(PSU)UAAUU(PSU)GAC(I2T)CAACACGGGGAAACU(PSU)ACCAGG(PSU)(OMC)CAGACAUAGUAAGGAUUGA
CAGACUGAGAGCUCUUUCUUGAUUC(OMU)A(OMU)GGGUGG(OMU)G(OMG)UGCAUGGC(4AC)GUUCUUAGU(PSU)
GGUGGAGCGA(PSU)UUG(PSU)CUGG(PSU)UAAUUCCGUUAACGA(A2M)CGAGACCUCAGCCUGCUAACUAGCUAUG
CGGAGGUAUCCCUUCGCGGCCAGCU(OMU)CUUAGAGGGACUACGGCCUUUUAGGCCGCGGAAGUUUGAGGCAAUAACA
(OMG)GUCUGUGAUGCCC(OMU)UAGAUGUUCUGGGCCGCACGCGCGCUACACUGAUGUA(PSU)UCAACGAGCUUAUAG
CCUUGGCCGACAGGCCCGGGUAAUCUUUGAAAUU(PSU)CA(PSU)CGUGAUGGGGAUAGAUCAUUGCAAUUGU(PSU)G
GUCUUCAACG(A2M)G(7MG)AAUUCCUAGUAAGCGCGAGUCAUCAGCUCGCGUUGACUACGUCCCUGCCCUU(PSU)GU
ACACACCG(OMC)CCGUCGCUCCUACCGAUUGAAUGAUCCGGUGAAAUGUUCGGAUCGCGGCGACGUGGGCGGUUCGCUG
CCCGCGACGUCGCGAGAAGUCCAUUGAACCUUAUCAUUUAGAGGA(A2M)GGAGAAGUCGUA(6MZ)CAAGGUUUCGUAG
GUG(MA6)(MA6)CCUGCGGAAGGAUCAUUG
;
2
2 'polypeptide(L)'
;MAKQSVQMSKKRKFVADGVFFAELNEVLTRELAEDGYSGVEVRVTPMRTEIIIRATRTQNVLGDKGRRIRELTSVVQKRF
NFDENTVELYAEKVNNRGLCAIAQAESLRYKLLGGLAVRRACYGVLRFIMESGAKGCEVIVSGKLRAQRAKSMKFKDGYM
ISSGQPVKEYIDSAVRHVLLRQGVLGIKVKIMLDWDPKGKQGPTTPLPDLVTIHPPKEEEEYLRLPVAAPVEIDPPIVV
;
D
3 'polypeptide(L)'
;MEEASVVAVDNQKPQQEKPHTDVLLFNRWSYDGVQIADMSVEDYITATANKHPTYMPHTAGRYQAKRFRKAQCPIVERLT
NSLMMHGRNNGKKLMAVRIIKHAMEIIHLLTDQNPIQVIVDAVINSGPREDATRIGSAGVVRRQAVDISPLRRVNQAIYL
LTTGARESAFRNIKTIAECLADELINAAKGSSNSYAIKKKDEIERVAKANR
;
E
4 'polypeptide(L)'
;MIIPEKNRREISKYLFQEGVCFAKKDYNLAKHPNIDVPNLQVIKLMQSFKSKEYVRETFAWMHYYWYLTNDGIEFLRTYL
NLPSEIVPATLKKSAKPLGRPMGGPPGDRPRGPPRFEGDRPRFGDRDGYRAGPRGPPGEFGGEKGGAPADYQPAFRGGGG
RPGFGRGAGGFGGAPPSSSS
;
F
5 'polypeptide(L)'
;MAEVEADVATGQPRKRTFKKFSYRGVDLDSLLDMSTDELVKLYPARPRRRFQRGLKRKPMALIKKLRKAKREAPQGEKPE
VVRTHLRNMIIVPEMIGSVIGIYNGKTFNQIEVKPEMISHYLAEFSISYKPVKHGRPGIGATHSSRFIPLK
;
G
6 'polypeptide(L)'
;MQAAPATVESVQCFGRKKTAVAVTHCKRGRGLIKINGVPIELVQPEILRYKAFEPILLLGRHRFAGVDMRIRVKGGGHTS
QIYAIRQSIAKALVAFYQKYVDEQQKKEIKDILIRYDRTLLVADPRRCEPKKFGGRGARSRFQKSYR
;
H
7 'polypeptide(L)'
;MGRVRTKTVKKSSRQVIERYYSKMTLDFHTNKKILEEVAIIPSKRLRNKIAGFSTHLMKRIQKGPVRGISLKLQEEERER
RMDFVPDESAIKTDLIEVDKETLDMLSALGMSDLPGVVKQAAEPQAVAALPSYGRGGGGFGRKY
;
I
8 'polypeptide(L)'
;MSLVANEEFQHILRVQNTNVDGKQKIMFALTSIKGIGRRFANIACKKADIDMNKRAGELTAAELDSLMVVVANPRQFKIP
DWFLNRQKDYKDGKFSQVTSNALDMKLRDDLERLKKIRNHRGLRHYWGLRVRGQHTKTTGRRGKTVGVSKKR
;
J
9 'polypeptide(L)'
;MEPARSVKDVSPHDFVKAYAAHLKRSGKLELPEWTDIVKTGKLKELAPYDPDWYYIRAASMARKIYLRGGIGVGGFRRIY
GGNQRNGSRPRHFCKSSGSVARHILQQLQTMNIIDFDPKGGRRITSNGQRDLDQVAGRISAAN
;
K
10 'polypeptide(L)'
;MAAYAAMKPTKPGLEEPAEMIHKIRITLSSKNVKNLEKVCADLVRGAKDKRLRVKGPVRMPTKVLNITTRKSPCGEGTNT
WDRFELRVHKRVIDLFSSPDVVKQITSITIEPGVEVEVTIAES
;
L
11 'polypeptide(L)' MESVTKHAIVIKIMGRTGSRGQVTQVRVKFLDDQNRFIMRNVKGPVREGDILTLLESEREARRLR M
12 'polypeptide(L)' MGHSNIWNAHPKNYGPGSRTCRVCGNPHAIIRKYGLMCCRQCFRSNAKEIGFIKYR N
13 'polypeptide(L)'
;MSQESLVLRGTMKAHTDWVTAIATPIDNSDMIVTSSRDKSIIVWSLTKDGSQYGVPRRRLTGHGHFVEDVVLSSDGMFAL
SGSWDGELRLWDLQAGTTARRFVGHTKDVLSVAFSVDNRQIVSASRDKTIKLWNTLGECKYTIQEQDSHSDWVSCVRFSP
NNLQPTIVSGSWDRTVKIWNLTNCKLRSTLAGHSGYVNTVAVSPDGSLCASGGKDGVILLWDLAEGKKLYSLDAGSIIHT
LCFSPNRYWLCAATESSIKIWDLESKSIVVDLKVDLKQESEMFGTAATDSKTKVIYCTSLSWSADGSTLFSGYTDGLIRV
WGIGRY
;
O
14 'polypeptide(L)'
;MAPKKEKAPPPSSKPAKSGGGKQKKKKWSKGKQKEKVNNMVLFDKGTYDKLITEAPKYKLITPSVLSDRLRISGSLARKA
IRELMAKGLIRMVSAHASQQIYTRATNT
;
P
15 'polyribonucleotide' AGGCUGAUAACCUA Q
16 'polyribonucleotide' AUC R
#
loop_
_chem_comp.id
_chem_comp.type
_chem_comp.name
_chem_comp.formula
4AC RNA linking N(4)-ACETYLCYTIDINE-5'-MONOPHOSPHATE 'C11 H16 N3 O9 P'
6MZ RNA linking N6-METHYLADENOSINE-5'-MONOPHOSPHATE 'C11 H16 N5 O7 P'
7MG RNA linking 7N-METHYL-8-HYDROGUANOSINE-5'-MONOPHOSPHATE 'C11 H18 N5 O8 P'
A RNA linking ADENOSINE-5'-MONOPHOSPHATE 'C10 H14 N5 O7 P'
A2M RNA linking '2'-O-methyladenosine 5'-(dihydrogen phosphate)' 'C11 H16 N5 O7 P'
BGC D-saccharide, beta linking beta-D-glucopyranose 'C6 H12 O6'
C RNA linking CYTIDINE-5'-MONOPHOSPHATE 'C9 H14 N3 O8 P'
G RNA linking GUANOSINE-5'-MONOPHOSPHATE 'C10 H14 N5 O8 P'
I2T RNA linking '(2~{S})-2-azanyl-4-[5-[(2~{S},3~{R},4~{S},5~{R})-3,4-bis(oxidanyl)-5-(phosphonooxymethyl)oxolan-2-yl]-3-methyl-2,6-bis(oxidanylidene)pyrimidin-1-yl]butanoic acid' 'C14 H22 N3 O11 P'
K non-polymer 'POTASSIUM ION' 'K 1'
MA6 RNA linking 6N-DIMETHYLADENOSINE-5'-MONOPHOSHATE 'C12 H18 N5 O7 P'
MG non-polymer 'MAGNESIUM ION' 'Mg 2'
OMC RNA linking O2'-METHYLYCYTIDINE-5'-MONOPHOSPHATE 'C10 H16 N3 O8 P'
OMG RNA linking O2'-METHYLGUANOSINE-5'-MONOPHOSPHATE 'C11 H16 N5 O8 P'
OMU RNA linking 'O2'-METHYLURIDINE 5'-MONOPHOSPHATE' 'C10 H15 N2 O9 P'
PSU RNA linking PSEUDOURIDINE-5'-MONOPHOSPHATE 'C9 H13 N2 O9 P'
PUT non-polymer 1,4-DIAMINOBUTANE 'C4 H12 N2'
U RNA linking URIDINE-5'-MONOPHOSPHATE 'C9 H13 N2 O9 P'
ZN non-polymer 'ZINC ION' 'Zn 2'
#
# COMPACT_ATOMS: atom_id res chain seq x y z
N1 PSU A 1177 24.27 -24.99 -0.29
C2 PSU A 1177 23.61 -25.91 -1.05
N3 PSU A 1177 22.25 -25.92 -0.90
C4 PSU A 1177 21.51 -25.11 -0.05
C5 PSU A 1177 22.30 -24.17 0.74
C6 PSU A 1177 23.64 -24.15 0.57
O2 PSU A 1177 24.18 -26.67 -1.83
O4 PSU A 1177 20.30 -25.21 0.00
C1' PSU A 1177 21.58 -23.32 1.74
C2' PSU A 1177 21.17 -24.11 2.98
O2' PSU A 1177 20.03 -23.49 3.56
C3' PSU A 1177 22.40 -23.90 3.85
C4' PSU A 1177 22.70 -22.43 3.59
O3' PSU A 1177 22.20 -24.20 5.22
O4' PSU A 1177 22.43 -22.28 2.17
C5' PSU A 1177 24.09 -21.96 3.92
O5' PSU A 1177 25.06 -22.64 3.14
P PSU A 1177 26.44 -21.93 2.74
OP1 PSU A 1177 27.04 -21.40 3.96
OP2 PSU A 1177 27.19 -22.86 1.90
HN1 PSU A 1177 25.28 -24.93 -0.38
HN3 PSU A 1177 21.74 -26.58 -1.45
H6 PSU A 1177 24.28 -23.47 1.11
H1' PSU A 1177 20.75 -22.84 1.23
H2' PSU A 1177 20.92 -25.15 2.77
HO2' PSU A 1177 19.44 -23.36 2.79
H3' PSU A 1177 23.21 -24.49 3.45
H4' PSU A 1177 22.00 -21.78 4.13
H5' PSU A 1177 24.30 -22.17 4.97
H5'' PSU A 1177 24.22 -20.89 3.76
N1 PSU A 1183 30.78 -41.34 7.57
C2 PSU A 1183 30.38 -40.40 8.48
N3 PSU A 1183 31.23 -39.35 8.64
C4 PSU A 1183 32.43 -39.16 7.99
C5 PSU A 1183 32.80 -40.20 7.06
C6 PSU A 1183 31.96 -41.24 6.89
O2 PSU A 1183 29.33 -40.49 9.12
O4 PSU A 1183 33.11 -38.16 8.22
C1' PSU A 1183 34.13 -40.10 6.39
C2' PSU A 1183 35.30 -40.44 7.33
O2' PSU A 1183 36.43 -39.66 6.95
C3' PSU A 1183 35.48 -41.92 7.02
C4' PSU A 1183 35.23 -41.98 5.53
O3' PSU A 1183 36.74 -42.43 7.42
O4' PSU A 1183 34.20 -40.99 5.30
C5' PSU A 1183 34.78 -43.31 5.00
O5' PSU A 1183 33.62 -43.78 5.67
P PSU A 1183 32.78 -45.01 5.12
OP1 PSU A 1183 33.72 -46.12 4.90
OP2 PSU A 1183 31.62 -45.21 6.02
HN1 PSU A 1183 30.18 -42.14 7.41
HN3 PSU A 1183 30.94 -38.65 9.30
H6 PSU A 1183 32.15 -42.05 6.20
H1' PSU A 1183 34.22 -39.09 5.97
H2' PSU A 1183 35.06 -40.21 8.36
HO2' PSU A 1183 36.94 -40.28 6.37
H3' PSU A 1183 34.70 -42.47 7.53
H4' PSU A 1183 36.10 -41.69 4.95
H5' PSU A 1183 34.51 -43.22 3.94
H5'' PSU A 1183 35.54 -44.09 5.07
N1 PSU A 1189 20.90 -33.65 13.59
C2 PSU A 1189 20.14 -32.65 13.06
N3 PSU A 1189 18.95 -32.43 13.70
C4 PSU A 1189 18.47 -33.13 14.79
C5 PSU A 1189 19.33 -34.19 15.28
C6 PSU A 1189 20.50 -34.39 14.66
O2 PSU A 1189 20.49 -31.98 12.10
O4 PSU A 1189 17.38 -32.82 15.29
C1' PSU A 1189 18.85 -35.00 16.45
C2' PSU A 1189 17.67 -35.91 16.11
O2' PSU A 1189 16.83 -36.00 17.24
C3' PSU A 1189 18.39 -37.23 15.85
C4' PSU A 1189 19.50 -37.21 16.88
O3' PSU A 1189 17.55 -38.37 15.96
O4' PSU A 1189 19.90 -35.81 16.92
C5' PSU A 1189 20.70 -38.09 16.61
O5' PSU A 1189 21.42 -37.64 15.46
P PSU A 1189 22.86 -38.22 15.12
OP1 PSU A 1189 22.80 -39.68 15.20
OP2 PSU A 1189 23.29 -37.58 13.87
HN1 PSU A 1189 21.80 -33.85 13.15
HN3 PSU A 1189 18.37 -31.69 13.34
H6 PSU A 1189 21.20 -35.17 14.97
H1' PSU A 1189 18.63 -34.31 17.26
H2' PSU A 1189 17.08 -35.54 15.28
HO2' PSU A 1189 16.49 -35.08 17.31
H3' PSU A 1189 18.84 -37.20 14.86
H4' PSU A 1189 19.13 -37.47 17.87
H5' PSU A 1189 21.38 -38.04 17.46
H5'' PSU A 1189 20.42 -39.12 16.45
O5' I2T A 1193 6.30 -39.04 1.64
C5' I2T A 1193 7.20 -38.47 0.71
C4' I2T A 1193 6.49 -37.97 -0.52
O4' I2T A 1193 5.81 -39.07 -1.18
C3' I2T A 1193 5.41 -36.94 -0.29
O3' I2T A 1193 5.93 -35.63 -0.17
C2' I2T A 1193 4.50 -37.12 -1.50
O2' I2T A 1193 5.03 -36.47 -2.64
C1' I2T A 1193 4.58 -38.63 -1.71
C5 I2T A 1193 3.46 -39.40 -1.08
C6 I2T A 1193 3.66 -40.24 -0.05
N1 I2T A 1193 2.68 -41.02 0.49
C2 I2T A 1193 1.40 -41.00 -0.01
N3 I2T A 1193 1.17 -40.15 -1.07
C4 I2T A 1193 2.13 -39.32 -1.65
C34 I2T A 1193 -2.52 -41.14 -3.05
CN1 I2T A 1193 2.96 -41.91 1.61
N34 I2T A 1193 -1.45 -40.74 -5.23
O2 I2T A 1193 0.51 -41.69 0.47
O4 I2T A 1193 1.83 -38.55 -2.54
OP1 I2T A 1193 5.83 -40.36 3.69
OP2 I2T A 1193 6.80 -41.46 1.60
P I2T A 1193 6.71 -40.31 2.50
C31 I2T A 1193 -0.18 -40.16 -1.66
C32 I2T A 1193 -0.17 -40.16 -3.18
C33 I2T A 1193 -1.19 -41.11 -3.81
O36 I2T A 1193 -3.31 -40.18 -3.21
O35 I2T A 1193 -2.73 -42.13 -2.31
H5' I2T A 1193 7.98 -39.20 0.46
H5'' I2T A 1193 7.73 -37.65 1.20
H4' I2T A 1193 7.23 -37.62 -1.25
H3' I2T A 1193 4.81 -37.16 0.59
H2' I2T A 1193 3.49 -36.73 -1.41
HO2' I2T A 1193 5.86 -36.93 -2.92
H1' I2T A 1193 4.64 -38.89 -2.77
H6 I2T A 1193 4.63 -40.36 0.44
H12 I2T A 1193 3.81 -41.59 2.21
H10 I2T A 1193 3.19 -42.93 1.26
H11 I2T A 1193 2.10 -41.97 2.27
H13 I2T A 1193 -1.43 -41.54 -5.86
H15 I2T A 1193 -0.76 -40.06 -5.52
H18 I2T A 1193 -0.74 -39.30 -1.29
H19 I2T A 1193 -0.74 -41.01 -1.26
H21 I2T A 1193 0.79 -40.47 -3.57
H20 I2T A 1193 -0.30 -39.15 -3.56
H22 I2T A 1193 -0.78 -42.13 -3.80
H14 I2T A 1193 -2.36 -40.29 -5.30
N1 PSU A 1209 22.97 -25.73 19.61
C2 PSU A 1209 23.96 -25.78 18.68
N3 PSU A 1209 25.05 -26.54 19.04
C4 PSU A 1209 25.21 -27.24 20.21
C5 PSU A 1209 24.11 -27.14 21.15
C6 PSU A 1209 23.04 -26.38 20.80
O2 PSU A 1209 23.90 -25.21 17.60
O4 PSU A 1209 26.24 -27.88 20.41
C1' PSU A 1209 24.15 -27.92 22.42
C2' PSU A 1209 24.51 -27.11 23.66
O2' PSU A 1209 25.91 -26.89 23.76
C3' PSU A 1209 23.92 -27.98 24.76
C4' PSU A 1209 22.66 -28.53 24.11
O3' PSU A 1209 24.81 -29.06 25.04
O4' PSU A 1209 22.88 -28.47 22.67
C5' PSU A 1209 21.38 -27.79 24.43
O5' PSU A 1209 21.43 -26.43 24.03
P PSU A 1209 20.29 -25.42 24.49
OP1 PSU A 1209 19.01 -25.94 23.96
OP2 PSU A 1209 20.43 -25.18 25.93
HN1 PSU A 1209 22.15 -25.18 19.40
HN3 PSU A 1209 25.81 -26.58 18.37
H6 PSU A 1209 22.19 -26.26 21.46
H1' PSU A 1209 24.81 -28.77 22.26
H2' PSU A 1209 24.05 -26.12 23.60
HO2' PSU A 1209 26.26 -27.82 23.67
H3' PSU A 1209 23.69 -27.39 25.64
H4' PSU A 1209 22.49 -29.57 24.39
H5' PSU A 1209 21.22 -27.82 25.51
H5'' PSU A 1209 20.51 -28.24 23.96
N1 PSU A 1216 32.97 -31.91 36.70
C2 PSU A 1216 31.80 -31.26 36.46
N3 PSU A 1216 31.77 -29.96 36.88
C4 PSU A 1216 32.79 -29.28 37.52
C5 PSU A 1216 34.00 -30.05 37.74
C6 PSU A 1216 34.02 -31.33 37.32
O2 PSU A 1216 30.85 -31.78 35.88
O4 PSU A 1216 32.63 -28.11 37.86
C1' PSU A 1216 35.17 -29.37 38.39
C2' PSU A 1216 34.94 -28.97 39.85
O2' PSU A 1216 35.56 -27.71 40.07
C3' PSU A 1216 35.68 -30.08 40.59
C4' PSU A 1216 36.85 -30.37 39.67
O3' PSU A 1216 36.08 -29.71 41.90
O4' PSU A 1216 36.29 -30.22 38.34
C5' PSU A 1216 37.47 -31.73 39.80
O5' PSU A 1216 38.57 -31.85 38.92
P PSU A 1216 39.27 -33.26 38.64
OP1 PSU A 1216 40.29 -33.48 39.69
OP2 PSU A 1216 38.22 -34.26 38.41
HN1 PSU A 1216 33.04 -32.88 36.41
HN3 PSU A 1216 30.91 -29.45 36.71
H6 PSU A 1216 34.90 -31.96 37.46
H1' PSU A 1216 35.42 -28.52 37.76
H2' PSU A 1216 33.88 -28.88 40.08
HO2' PSU A 1216 35.02 -27.12 39.48
H3' PSU A 1216 35.03 -30.95 40.63
H4' PSU A 1216 37.63 -29.63 39.78
H5' PSU A 1216 36.75 -32.50 39.54
H5'' PSU A 1216 37.82 -31.94 40.82
N1 OMC A 1217 30.98 -29.81 40.77
C2 OMC A 1217 29.90 -30.22 39.99
N3 OMC A 1217 29.90 -31.48 39.47
C4 OMC A 1217 30.93 -32.31 39.73
C5 OMC A 1217 32.04 -31.91 40.52
C6 OMC A 1217 32.03 -30.66 41.03
O2 OMC A 1217 28.98 -29.44 39.80
N4 OMC A 1217 30.88 -33.54 39.20
C1' OMC A 1217 30.99 -28.43 41.31
C2' OMC A 1217 30.27 -28.31 42.65
O2' OMC A 1217 29.72 -27.01 42.75
CM2 OMC A 1217 28.53 -26.80 42.01
C3' OMC A 1217 31.43 -28.48 43.63
C4' OMC A 1217 32.57 -27.78 42.92
O4' OMC A 1217 32.34 -28.04 41.51
O3' OMC A 1217 31.18 -27.95 44.92
C5' OMC A 1217 33.96 -28.22 43.30
O5' OMC A 1217 34.03 -29.64 43.37
P OMC A 1217 35.43 -30.40 43.20
OP1 OMC A 1217 36.26 -30.09 44.37
OP2 OMC A 1217 35.13 -31.81 42.87
H5 OMC A 1217 32.87 -32.59 40.72
H6 OMC A 1217 32.84 -30.28 41.63
HN41 OMC A 1217 31.63 -34.21 39.34
HN42 OMC A 1217 30.11 -33.82 38.63
H1' OMC A 1217 30.62 -27.74 40.56
H2' OMC A 1217 29.51 -29.06 42.80
HM21 OMC A 1217 28.82 -26.14 41.20
HM22 OMC A 1217 28.14 -27.72 41.58
HM23 OMC A 1217 27.72 -26.34 42.57
H3' OMC A 1217 31.67 -29.55 43.69
H4' OMC A 1217 32.52 -26.69 43.06
H5' OMC A 1217 34.20 -27.88 44.31
H5'' OMC A 1217 34.73 -27.85 42.63
N1 OMU A 1262 27.72 -40.96 56.26
C2 OMU A 1262 26.55 -41.43 56.83
N3 OMU A 1262 25.60 -40.47 57.07
C4 OMU A 1262 25.69 -39.12 56.82
C5 OMU A 1262 26.93 -38.70 56.23
C6 OMU A 1262 27.89 -39.62 55.98
O2 OMU A 1262 26.38 -42.61 57.09
O4 OMU A 1262 24.75 -38.37 57.10
C1' OMU A 1262 28.78 -41.94 55.97
C2' OMU A 1262 28.38 -42.91 54.85
O2' OMU A 1262 29.03 -44.15 55.06
CM2 OMU A 1262 28.41 -44.98 56.03
C3' OMU A 1262 28.95 -42.20 53.63
C4' OMU A 1262 30.25 -41.60 54.16
O3' OMU A 1262 29.16 -43.06 52.51
O4' OMU A 1262 29.94 -41.26 55.54
C5' OMU A 1262 30.75 -40.38 53.43
O5' OMU A 1262 29.70 -39.46 53.18
P OMU A 1262 29.88 -38.24 52.16
OP1 OMU A 1262 30.67 -38.74 51.02
OP2 OMU A 1262 28.56 -37.63 51.94
HN3 OMU A 1262 24.73 -40.81 57.48
H5 OMU A 1262 27.06 -37.65 56.01
H6 OMU A 1262 28.83 -39.33 55.53
H1' OMU A 1262 29.08 -42.43 56.89
H2' OMU A 1262 27.31 -43.04 54.78
HM21 OMU A 1262 28.80 -44.62 56.98
HM22 OMU A 1262 28.66 -46.04 55.93
HM23 OMU A 1262 27.33 -44.87 56.04
H3' OMU A 1262 28.28 -41.39 53.36
H4' OMU A 1262 31.06 -42.33 54.18
H5' OMU A 1262 31.46 -39.85 54.07
H5'' OMU A 1262 31.25 -40.62 52.49
N1 OMU A 1264 19.68 -44.73 54.29
C2 OMU A 1264 18.95 -43.62 54.71
N3 OMU A 1264 19.41 -42.42 54.24
C4 OMU A 1264 20.49 -42.21 53.40
C5 OMU A 1264 21.18 -43.40 53.01
C6 OMU A 1264 20.76 -44.60 53.45
O2 OMU A 1264 17.98 -43.71 55.45
O4 OMU A 1264 20.78 -41.06 53.07
C1' OMU A 1264 19.22 -46.06 54.75
C2' OMU A 1264 17.97 -46.53 54.00
O2' OMU A 1264 17.22 -47.37 54.86
CM2 OMU A 1264 16.29 -46.69 55.70
C3' OMU A 1264 18.60 -47.32 52.87
C4' OMU A 1264 19.76 -48.01 53.57
O3' OMU A 1264 17.71 -48.23 52.25
O4' OMU A 1264 20.24 -47.00 54.51
C5' OMU A 1264 20.90 -48.46 52.68
O5' OMU A 1264 21.30 -47.42 51.80
P OMU A 1264 22.70 -47.49 51.05
OP1 OMU A 1264 22.75 -48.74 50.28
OP2 OMU A 1264 22.92 -46.19 50.36
HN3 OMU A 1264 18.89 -41.60 54.53
H5 OMU A 1264 22.05 -43.28 52.35
H6 OMU A 1264 21.27 -45.51 53.17
H1' OMU A 1264 19.10 -46.04 55.84
H2' OMU A 1264 17.37 -45.69 53.66
HM21 OMU A 1264 16.91 -45.97 56.25
HM22 OMU A 1264 15.77 -47.34 56.41
HM23 OMU A 1264 15.56 -46.13 55.11
H3' OMU A 1264 18.99 -46.62 52.15
H4' OMU A 1264 19.44 -48.87 54.15
H5' OMU A 1264 21.77 -48.66 53.31
H5'' OMU A 1264 20.66 -49.35 52.11
N1 OMU A 1271 16.59 -29.81 24.70
C2 OMU A 1271 16.94 -29.29 23.47
N3 OMU A 1271 16.33 -28.12 23.12
C4 OMU A 1271 15.41 -27.42 23.87
C5 OMU A 1271 15.11 -28.00 25.15
C6 OMU A 1271 15.70 -29.15 25.51
O2 OMU A 1271 17.74 -29.85 22.72
O4 OMU A 1271 14.90 -26.39 23.42
C1' OMU A 1271 17.15 -31.11 25.09
C2' OMU A 1271 18.17 -31.07 26.22
O2' OMU A 1271 19.44 -30.67 25.77
CM2 OMU A 1271 20.45 -30.70 26.76
C3' OMU A 1271 18.09 -32.50 26.72
C4' OMU A 1271 16.60 -32.82 26.59
O3' OMU A 1271 18.83 -33.36 25.87
O4' OMU A 1271 16.11 -31.92 25.55
C5' OMU A 1271 15.78 -32.62 27.84
O5' OMU A 1271 15.88 -31.30 28.35
P OMU A 1271 15.83 -31.03 29.91
OP1 OMU A 1271 16.19 -29.62 30.13
OP2 OMU A 1271 14.55 -31.53 30.42
HN3 OMU A 1271 16.57 -27.74 22.22
H5 OMU A 1271 14.40 -27.48 25.80
H6 OMU A 1271 15.50 -29.63 26.47
H1' OMU A 1271 17.54 -31.62 24.20
H2' OMU A 1271 17.84 -30.37 26.99
HM21 OMU A 1271 20.89 -31.69 26.67
HM22 OMU A 1271 21.22 -29.94 26.63
HM23 OMU A 1271 20.04 -30.62 27.77
H3' OMU A 1271 18.41 -32.57 27.77
H4' OMU A 1271 16.44 -33.83 26.23
H5' OMU A 1271 16.18 -33.27 28.62
H5'' OMU A 1271 14.72 -32.88 27.69
P OMG A 1273 15.76 -38.77 24.03
OP1 OMG A 1273 16.28 -38.69 22.65
OP2 OMG A 1273 14.85 -37.72 24.51
O5' OMG A 1273 15.02 -40.17 24.19
C5' OMG A 1273 15.70 -41.39 23.91
C4' OMG A 1273 14.91 -42.57 24.40
O4' OMG A 1273 14.82 -42.53 25.85
C3' OMG A 1273 13.45 -42.61 23.95
O3' OMG A 1273 13.30 -43.12 22.63
C2' OMG A 1273 12.81 -43.47 25.02
O2' OMG A 1273 13.06 -44.86 24.79
CM2 OMG A 1273 12.41 -45.75 25.69
C1' OMG A 1273 13.57 -43.03 26.26
N9 OMG A 1273 12.86 -41.98 27.01
C8 OMG A 1273 13.17 -40.66 27.12
N7 OMG A 1273 12.35 -40.00 27.89
C5 OMG A 1273 11.44 -40.94 28.31
C6 OMG A 1273 10.31 -40.83 29.17
O6 OMG A 1273 9.91 -39.83 29.76
N1 OMG A 1273 9.65 -42.03 29.31
C2 OMG A 1273 10.03 -43.21 28.73
N2 OMG A 1273 9.26 -44.27 28.97
N3 OMG A 1273 11.08 -43.33 27.94
C4 OMG A 1273 11.74 -42.17 27.78
H5' OMG A 1273 15.93 -41.43 22.85
H5'' OMG A 1273 16.63 -41.32 24.47
H4' OMG A 1273 15.47 -43.45 24.13
H3' OMG A 1273 13.03 -41.62 24.01
H2' OMG A 1273 11.72 -43.40 25.08
HM21 OMG A 1273 11.37 -45.40 25.71
HM22 OMG A 1273 12.38 -46.79 25.38
HM23 OMG A 1273 12.80 -45.70 26.70
H1' OMG A 1273 13.79 -43.82 26.98
H8 OMG A 1273 14.03 -40.22 26.60
HN1 OMG A 1273 8.83 -42.00 29.90
HN21 OMG A 1273 8.43 -44.25 29.54
HN22 OMG A 1273 9.50 -45.17 28.56
P 4AC A 1282 -4.00 -24.07 17.00
OP1 4AC A 1282 -4.35 -22.71 16.57
OP2 4AC A 1282 -5.07 -25.04 17.26
O5' 4AC A 1282 -3.07 -24.69 15.87
C5' 4AC A 1282 -1.96 -23.98 15.35
C4' 4AC A 1282 -0.99 -24.89 14.68
O4' 4AC A 1282 -0.63 -25.97 15.57
C3' 4AC A 1282 -1.48 -25.60 13.43
O3' 4AC A 1282 -1.47 -24.78 12.28
C2' 4AC A 1282 -0.57 -26.82 13.35
O2' 4AC A 1282 0.69 -26.48 12.80
C1' 4AC A 1282 -0.39 -27.15 14.84
N1 4AC A 1282 -1.33 -28.21 15.26
C2 4AC A 1282 -1.06 -29.51 14.83
O2 4AC A 1282 -0.02 -29.73 14.22
N3 4AC A 1282 -1.96 -30.48 15.11
C4 4AC A 1282 -3.06 -30.19 15.78
N4 4AC A 1282 -3.89 -31.30 15.95
C5 4AC A 1282 -3.36 -28.90 16.24
C6 4AC A 1282 -2.47 -27.94 15.96
C7 4AC A 1282 -5.08 -31.38 16.61
O7 4AC A 1282 -5.66 -30.40 17.05
CM7 4AC A 1282 -5.64 -32.76 16.78
H5' 4AC A 1282 -1.52 -23.41 16.16
H5'' 4AC A 1282 -2.35 -23.26 14.63
H4' 4AC A 1282 -0.08 -24.33 14.50
H3' 4AC A 1282 -2.49 -25.95 13.62
H2' 4AC A 1282 -0.97 -27.65 12.78
HO2' 4AC A 1282 0.70 -25.49 12.83
H1' 4AC A 1282 0.63 -27.47 15.09
H4 4AC A 1282 -3.54 -32.15 15.52
H5 4AC A 1282 -4.26 -28.65 16.81
H6 4AC A 1282 -2.66 -26.92 16.31
HM71 4AC A 1282 -6.73 -32.76 16.64
HM72 4AC A 1282 -5.25 -33.49 16.06
HM73 4AC A 1282 -5.45 -33.16 17.78
N1 PSU A 1292 -28.04 -32.80 9.00
C2 PSU A 1292 -29.13 -32.00 9.12
N3 PSU A 1292 -29.46 -31.64 10.39
C4 PSU A 1292 -28.80 -32.01 11.54
C5 PSU A 1292 -27.64 -32.87 11.34
C6 PSU A 1292 -27.33 -33.23 10.07
O2 PSU A 1292 -29.77 -31.61 8.14
O4 PSU A 1292 -29.18 -31.62 12.63
C1' PSU A 1292 -26.86 -33.31 12.54
C2' PSU A 1292 -27.58 -34.32 13.43
O2' PSU A 1292 -27.25 -34.07 14.78
C3' PSU A 1292 -26.98 -35.63 12.94
C4' PSU A 1292 -25.54 -35.24 12.67
O3' PSU A 1292 -27.10 -36.70 13.87
O4' PSU A 1292 -25.65 -33.90 12.13
C5' PSU A 1292 -24.78 -36.13 11.73
O5' PSU A 1292 -25.33 -36.11 10.43
P PSU A 1292 -24.59 -36.81 9.21
OP1 PSU A 1292 -24.26 -38.19 9.63
OP2 PSU A 1292 -25.40 -36.59 8.00
HN1 PSU A 1292 -27.76 -33.10 8.08
HN3 PSU A 1292 -30.27 -31.05 10.49
H6 PSU A 1292 -26.49 -33.88 9.85
H1' PSU A 1292 -26.57 -32.41 13.08
H2' PSU A 1292 -28.67 -34.26 13.33
HO2' PSU A 1292 -27.81 -34.74 15.24
H3' PSU A 1292 -27.45 -35.91 12.01
H4' PSU A 1292 -24.96 -35.16 13.59
H5' PSU A 1292 -24.83 -37.16 12.09
H5'' PSU A 1292 -23.73 -35.86 11.65
N1 PSU A 1303 -32.69 -46.96 11.36
C2 PSU A 1303 -33.96 -46.73 10.93
N3 PSU A 1303 -34.17 -46.96 9.60
C4 PSU A 1303 -33.24 -47.40 8.68
C5 PSU A 1303 -31.91 -47.61 9.21
C6 PSU A 1303 -31.70 -47.39 10.53
O2 PSU A 1303 -34.85 -46.33 11.68
O4 PSU A 1303 -33.56 -47.58 7.51
C1' PSU A 1303 -30.84 -48.04 8.26
C2' PSU A 1303 -30.44 -46.97 7.24
O2' PSU A 1303 -30.08 -47.62 6.03
C3' PSU A 1303 -29.25 -46.34 7.92
C4' PSU A 1303 -28.56 -47.55 8.54
O3' PSU A 1303 -28.40 -45.62 7.04
O4' PSU A 1303 -29.67 -48.37 8.99
C5' PSU A 1303 -27.63 -47.27 9.70
O5' PSU A 1303 -28.30 -47.42 10.94
P PSU A 1303 -27.55 -47.97 12.22
OP1 PSU A 1303 -26.25 -47.30 12.34
OP2 PSU A 1303 -28.50 -47.92 13.35
HN1 PSU A 1303 -32.48 -46.81 12.34
HN3 PSU A 1303 -35.12 -46.80 9.26
H6 PSU A 1303 -30.73 -47.54 10.99
H1' PSU A 1303 -31.17 -48.97 7.79
H2' PSU A 1303 -31.27 -46.28 7.04
HO2' PSU A 1303 -30.94 -48.02 5.76
H3' PSU A 1303 -29.59 -45.69 8.72
H4' PSU A 1303 -28.00 -48.12 7.81
H5' PSU A 1303 -27.28 -46.24 9.63
H5'' PSU A 1303 -26.77 -47.92 9.69
N1 PSU A 1307 -32.24 -33.34 7.04
C2 PSU A 1307 -31.39 -34.18 7.72
N3 PSU A 1307 -30.45 -34.79 6.94
C4 PSU A 1307 -30.27 -34.65 5.58
C5 PSU A 1307 -31.21 -33.74 4.94
C6 PSU A 1307 -32.14 -33.14 5.70
O2 PSU A 1307 -31.45 -34.34 8.93
O4 PSU A 1307 -29.38 -35.27 5.00
C1' PSU A 1307 -31.06 -33.51 3.46
C2' PSU A 1307 -32.09 -34.23 2.60
O2' PSU A 1307 -31.73 -35.58 2.40
C3' PSU A 1307 -32.07 -33.38 1.34
C4' PSU A 1307 -31.83 -31.97 1.87
O3' PSU A 1307 -31.00 -33.76 0.48
O4' PSU A 1307 -31.25 -32.13 3.19
C5' PSU A 1307 -33.06 -31.09 1.98
O5' PSU A 1307 -34.14 -31.78 2.61
P PSU A 1307 -35.13 -31.00 3.59
OP1 PSU A 1307 -34.40 -30.71 4.83
OP2 PSU A 1307 -35.74 -29.91 2.83
HN1 PSU A 1307 -32.96 -32.87 7.56
HN3 PSU A 1307 -29.81 -35.42 7.42
H6 PSU A 1307 -32.87 -32.47 5.27
H1' PSU A 1307 -30.03 -33.73 3.19
H2' PSU A 1307 -33.06 -34.24 3.09
HO2' PSU A 1307 -30.80 -35.49 2.06
H3' PSU A 1307 -33.04 -33.43 0.82
H4' PSU A 1307 -31.11 -31.42 1.26
H5' PSU A 1307 -33.40 -30.82 0.98
H5'' PSU A 1307 -32.88 -30.18 2.54
N1 PSU A 1312 -29.53 -25.40 -10.34
C2 PSU A 1312 -29.26 -25.71 -9.04
N3 PSU A 1312 -29.42 -24.68 -8.15
C4 PSU A 1312 -29.81 -23.40 -8.45
C5 PSU A 1312 -30.07 -23.14 -9.85
C6 PSU A 1312 -29.93 -24.16 -10.72
O2 PSU A 1312 -28.90 -26.83 -8.69
O4 PSU A 1312 -29.92 -22.56 -7.54
C1' PSU A 1312 -30.48 -21.76 -10.26
C2' PSU A 1312 -29.29 -20.79 -10.41
O2' PSU A 1312 -29.73 -19.49 -10.08
C3' PSU A 1312 -29.00 -20.92 -11.90
C4' PSU A 1312 -30.40 -21.02 -12.49
O3' PSU A 1312 -28.24 -19.85 -12.42
O4' PSU A 1312 -31.13 -21.81 -11.51
C5' PSU A 1312 -30.49 -21.64 -13.85
O5' PSU A 1312 -29.85 -22.91 -13.89
P PSU A 1312 -30.03 -23.88 -15.14
OP1 PSU A 1312 -29.59 -23.15 -16.35
OP2 PSU A 1312 -29.43 -25.17 -14.79
HN1 PSU A 1312 -29.44 -26.13 -11.04
HN3 PSU A 1312 -29.23 -24.90 -7.18
H6 PSU A 1312 -30.11 -24.03 -11.79
H1' PSU A 1312 -31.22 -21.40 -9.56
H2' PSU A 1312 -28.46 -21.05 -9.76
HO2' PSU A 1312 -29.95 -19.59 -9.12
H3' PSU A 1312 -28.49 -21.87 -12.07
H4' PSU A 1312 -30.88 -20.04 -12.54
H5' PSU A 1312 -30.00 -21.00 -14.58
H5'' PSU A 1312 -31.53 -21.78 -14.18
P A2M A 1328 -32.43 -22.51 14.21
OP1 A2M A 1328 -32.21 -21.23 14.89
O5' A2M A 1328 -31.36 -23.56 14.68
C5' A2M A 1328 -31.22 -24.01 16.04
C4' A2M A 1328 -30.13 -25.04 16.12
O4' A2M A 1328 -30.48 -26.20 15.33
C3' A2M A 1328 -28.79 -24.61 15.54
O3' A2M A 1328 -28.09 -23.79 16.47
C2' A2M A 1328 -28.12 -25.96 15.27
O2' A2M A 1328 -27.58 -26.52 16.47
C1' A2M A 1328 -29.31 -26.81 14.82
CM' A2M A 1328 -26.28 -26.05 16.81
N9 A2M A 1328 -29.44 -26.90 13.37
C8 A2M A 1328 -30.36 -26.25 12.58
N7 A2M A 1328 -30.26 -26.54 11.31
C5 A2M A 1328 -29.21 -27.44 11.26
C6 A2M A 1328 -28.60 -28.13 10.18
N6 A2M A 1328 -29.01 -28.03 8.91
N1 A2M A 1328 -27.57 -28.95 10.47
C2 A2M A 1328 -27.17 -29.05 11.73
N3 A2M A 1328 -27.67 -28.46 12.82
C4 A2M A 1328 -28.68 -27.66 12.51
H5' A2M A 1328 -32.15 -24.40 16.43
H5'' A2M A 1328 -31.00 -23.10 16.59
H4' A2M A 1328 -30.01 -25.40 17.14
H3' A2M A 1328 -28.94 -24.10 14.59
H2' A2M A 1328 -27.34 -25.86 14.52
H1' A2M A 1328 -29.31 -27.83 15.20
HM'1 A2M A 1328 -25.93 -26.76 17.56
HM'2 A2M A 1328 -25.58 -26.06 15.97
HM'3 A2M A 1328 -26.27 -25.06 17.24
H8 A2M A 1328 -31.10 -25.56 12.97
OP2 A2M A 1328 -32.37 -22.36 12.74
H61 A2M A 1328 -28.55 -28.55 8.17
H62 A2M A 1328 -29.76 -27.40 8.66
H2 A2M A 1328 -26.33 -29.72 11.89
N1 OMU A 1382 -7.02 21.68 -0.25
C2 OMU A 1382 -5.74 22.08 -0.56
N3 OMU A 1382 -5.08 22.74 0.45
C4 OMU A 1382 -5.56 23.02 1.70
C5 OMU A 1382 -6.90 22.56 1.95
C6 OMU A 1382 -7.57 21.93 0.98
O2 OMU A 1382 -5.22 21.87 -1.65
O4 OMU A 1382 -4.85 23.62 2.52
C1' OMU A 1382 -7.77 20.94 -1.31
C2' OMU A 1382 -7.37 19.47 -1.36
O2' OMU A 1382 -7.47 19.02 -2.70
CM2 OMU A 1382 -6.34 19.33 -3.52
C3' OMU A 1382 -8.46 18.84 -0.50
C4' OMU A 1382 -9.68 19.66 -0.86
O3' OMU A 1382 -8.64 17.45 -0.73
O4' OMU A 1382 -9.15 21.00 -1.02
C5' OMU A 1382 -10.79 19.65 0.15
O5' OMU A 1382 -10.37 20.21 1.38
P OMU A 1382 -11.03 19.78 2.75
OP1 OMU A 1382 -12.36 20.39 2.85
OP2 OMU A 1382 -10.88 18.31 2.86
HN3 OMU A 1382 -4.13 23.04 0.23
H5 OMU A 1382 -7.34 22.76 2.92
H6 OMU A 1382 -8.59 21.57 1.12
H1' OMU A 1382 -7.66 21.45 -2.26
H2' OMU A 1382 -6.37 19.30 -0.98
HM21 OMU A 1382 -5.54 18.72 -3.07
HM22 OMU A 1382 -6.47 19.07 -4.56
HM23 OMU A 1382 -6.06 20.37 -3.43
H3' OMU A 1382 -8.21 19.01 0.54
H4' OMU A 1382 -10.09 19.35 -1.82
H5' OMU A 1382 -11.07 18.62 0.36
H5'' OMU A 1382 -11.68 20.18 -0.20
P OMG A 1432 0.01 -40.92 14.07
OP1 OMG A 1432 1.29 -41.64 13.98
OP2 OMG A 1432 -0.12 -39.80 15.02
O5' OMG A 1432 -0.42 -40.40 12.63
C5' OMG A 1432 0.30 -40.74 11.45
C4' OMG A 1432 0.84 -39.50 10.78
O4' OMG A 1432 -0.26 -38.62 10.43
C3' OMG A 1432 1.77 -38.63 11.63
O3' OMG A 1432 3.12 -39.05 11.54
C2' OMG A 1432 1.53 -37.23 11.10
O2' OMG A 1432 2.30 -36.98 9.93
CM2 OMG A 1432 2.38 -35.61 9.56
C1' OMG A 1432 0.06 -37.29 10.72
N9 OMG A 1432 -0.81 -36.83 11.81
C8 OMG A 1432 -1.73 -37.56 12.51
N7 OMG A 1432 -2.35 -36.88 13.44
C5 OMG A 1432 -1.80 -35.61 13.34
C6 OMG A 1432 -2.05 -34.43 14.09
O6 OMG A 1432 -2.85 -34.29 15.01
N1 OMG A 1432 -1.26 -33.38 13.67
C2 OMG A 1432 -0.35 -33.43 12.66
N2 OMG A 1432 0.30 -32.30 12.36
N3 OMG A 1432 -0.10 -34.53 11.96
C4 OMG A 1432 -0.85 -35.57 12.35
H5' OMG A 1432 -0.32 -41.34 10.80
H5'' OMG A 1432 1.15 -41.35 11.78
H4' OMG A 1432 1.31 -39.83 9.85
H3' OMG A 1432 1.43 -38.68 12.66
H2' OMG A 1432 1.82 -36.42 11.77
HM21 OMG A 1432 2.99 -35.16 10.35
HM22 OMG A 1432 2.89 -35.41 8.61
HM23 OMG A 1432 1.41 -35.13 9.54
H1' OMG A 1432 -0.20 -36.69 9.84
H8 OMG A 1432 -1.92 -38.62 12.29
HN1 OMG A 1432 -1.40 -32.52 14.19
HN21 OMG A 1432 0.16 -31.44 12.85
HN22 OMG A 1432 0.95 -32.30 11.59
N1 OMU A 1446 18.44 -42.21 35.93
C2 OMU A 1446 18.00 -40.95 36.28
N3 OMU A 1446 16.81 -40.91 36.96
C4 OMU A 1446 16.03 -41.99 37.31
C5 OMU A 1446 16.53 -43.26 36.91
C6 OMU A 1446 17.70 -43.33 36.24
O2 OMU A 1446 18.64 -39.93 36.03
O4 OMU A 1446 14.97 -41.81 37.94
C1' OMU A 1446 19.74 -42.32 35.23
C2' OMU A 1446 20.92 -42.22 36.19
O2' OMU A 1446 22.02 -41.64 35.51
CM2 OMU A 1446 22.06 -40.23 35.56
C3' OMU A 1446 21.18 -43.69 36.48
C4' OMU A 1446 20.91 -44.33 35.13
O3' OMU A 1446 22.48 -43.96 36.98
O4' OMU A 1446 19.81 -43.57 34.58
C5' OMU A 1446 20.57 -45.80 35.14
O5' OMU A 1446 19.49 -46.07 36.02
P OMU A 1446 18.64 -47.42 35.91
OP1 OMU A 1446 19.60 -48.54 36.01
OP2 OMU A 1446 17.54 -47.32 36.88
HN3 OMU A 1446 16.48 -40.00 37.22
H5 OMU A 1446 15.95 -44.16 37.14
H6 OMU A 1446 18.11 -44.28 35.92
H1' OMU A 1446 19.77 -41.58 34.43
H2' OMU A 1446 20.68 -41.67 37.09
HM21 OMU A 1446 21.22 -39.91 34.95
HM22 OMU A 1446 22.98 -39.79 35.16
HM23 OMU A 1446 21.90 -39.84 36.56
H3' OMU A 1446 20.43 -44.05 37.18
H4' OMU A 1446 21.76 -44.21 34.45
H5' OMU A 1446 20.21 -46.08 34.15
H5'' OMU A 1446 21.41 -46.44 35.39
N1 PSU A 1484 22.03 11.40 -11.75
C2 PSU A 1484 21.54 10.15 -11.47
N3 PSU A 1484 20.33 9.87 -12.05
C4 PSU A 1484 19.58 10.72 -12.84
C5 PSU A 1484 20.17 12.02 -13.08
C6 PSU A 1484 21.37 12.29 -12.53
O2 PSU A 1484 22.14 9.34 -10.78
O4 PSU A 1484 18.51 10.34 -13.30
C1' PSU A 1484 19.42 13.00 -13.92
C2' PSU A 1484 18.22 13.62 -13.22
O2' PSU A 1484 17.22 13.90 -14.20
C3' PSU A 1484 18.82 14.91 -12.68
C4' PSU A 1484 19.77 15.31 -13.79
O3' PSU A 1484 17.87 15.92 -12.39
O4' PSU A 1484 20.29 14.05 -14.30
C5' PSU A 1484 20.92 16.20 -13.39
O5' PSU A 1484 21.70 15.61 -12.35
P PSU A 1484 23.15 16.16 -12.01
OP1 PSU A 1484 23.02 17.58 -11.62
OP2 PSU A 1484 23.77 15.22 -11.06
HN1 PSU A 1484 22.93 11.65 -11.36
HN3 PSU A 1484 19.94 8.96 -11.86
H6 PSU A 1484 21.87 13.24 -12.67
H1' PSU A 1484 19.14 12.49 -14.85
H2' PSU A 1484 17.79 12.96 -12.47
HO2' PSU A 1484 16.48 14.22 -13.63
H3' PSU A 1484 19.40 14.67 -11.79
H4' PSU A 1484 19.26 15.80 -14.62
H5' PSU A 1484 21.58 16.36 -14.25
H5'' PSU A 1484 20.58 17.18 -13.04
N1 PSU A 1534 19.91 6.85 -19.55
C2 PSU A 1534 21.09 6.56 -18.94
N3 PSU A 1534 21.90 7.63 -18.71
C4 PSU A 1534 21.63 8.95 -19.03
C5 PSU A 1534 20.35 9.18 -19.66
C6 PSU A 1534 19.55 8.11 -19.90
O2 PSU A 1534 21.41 5.42 -18.62
O4 PSU A 1534 22.46 9.82 -18.79
C1' PSU A 1534 19.94 10.58 -19.98
C2' PSU A 1534 20.56 11.13 -21.27
O2' PSU A 1534 20.74 12.53 -21.13
C3' PSU A 1534 19.46 10.83 -22.27
C4' PSU A 1534 18.20 11.10 -21.47
O3' PSU A 1534 19.53 11.58 -23.46
O4' PSU A 1534 18.53 10.64 -20.13
C5' PSU A 1534 16.94 10.43 -21.95
O5' PSU A 1534 17.11 9.02 -22.07
P PSU A 1534 15.88 8.07 -22.43
OP1 PSU A 1534 15.19 8.63 -23.61
OP2 PSU A 1534 16.36 6.69 -22.46
HN1 PSU A 1534 19.27 6.08 -19.75
HN3 PSU A 1534 22.79 7.44 -18.28
H6 PSU A 1534 18.58 8.21 -20.38
H1' PSU A 1534 20.17 11.20 -19.12
H2' PSU A 1534 21.53 10.68 -21.49
HO2' PSU A 1534 21.18 12.74 -21.99
H3' PSU A 1534 19.49 9.76 -22.51
H4' PSU A 1534 17.99 12.17 -21.40
H5' PSU A 1534 16.68 10.81 -22.94
H5'' PSU A 1534 16.09 10.61 -21.28
N1 PSU A 1537 28.96 4.52 -25.50
C2 PSU A 1537 28.40 3.44 -24.89
N3 PSU A 1537 29.23 2.75 -24.06
C4 PSU A 1537 30.55 3.06 -23.78
C5 PSU A 1537 31.07 4.22 -24.46
C6 PSU A 1537 30.25 4.90 -25.29
O2 PSU A 1537 27.23 3.10 -25.06
O4 PSU A 1537 31.19 2.36 -23.00
C1' PSU A 1537 32.49 4.61 -24.22
C2' PSU A 1537 33.50 3.78 -25.02
O2' PSU A 1537 34.69 3.65 -24.26
C3' PSU A 1537 33.73 4.68 -26.23
C4' PSU A 1537 33.68 6.07 -25.61
O3' PSU A 1537 34.92 4.41 -26.92
O4' PSU A 1537 32.68 5.97 -24.57
C5' PSU A 1537 33.33 7.20 -26.54
O5' PSU A 1537 32.07 7.00 -27.16
P PSU A 1537 31.35 8.17 -27.98
OP1 PSU A 1537 32.36 8.73 -28.90
OP2 PSU A 1537 30.09 7.66 -28.53
HN1 PSU A 1537 28.38 5.08 -26.13
HN3 PSU A 1537 28.82 1.95 -23.60
H6 PSU A 1537 30.57 5.77 -25.84
H1' PSU A 1537 32.67 4.55 -23.15
H2' PSU A 1537 33.13 2.80 -25.25
HO2' PSU A 1537 34.36 3.10 -23.50
H3' PSU A 1537 32.87 4.57 -26.90
H4' PSU A 1537 34.63 6.33 -25.13
H5' PSU A 1537 34.07 7.25 -27.35
H5'' PSU A 1537 33.31 8.17 -26.05
N1 PSU A 1566 35.33 -11.30 7.74
C2 PSU A 1566 36.16 -10.27 8.09
N3 PSU A 1566 35.51 -9.11 8.41
C4 PSU A 1566 34.15 -8.89 8.40
C5 PSU A 1566 33.35 -10.03 8.01
C6 PSU A 1566 33.98 -11.18 7.70
O2 PSU A 1566 37.38 -10.36 8.10
O4 PSU A 1566 33.70 -7.79 8.69
C1' PSU A 1566 31.86 -9.86 7.90
C2' PSU A 1566 31.44 -9.08 6.66
O2' PSU A 1566 30.27 -8.35 6.95
C3' PSU A 1566 31.16 -10.21 5.67
C4' PSU A 1566 30.55 -11.29 6.56
O3' PSU A 1566 30.31 -9.84 4.60
O4' PSU A 1566 31.26 -11.13 7.83
C5' PSU A 1566 30.66 -12.70 6.07
O5' PSU A 1566 32.01 -13.11 5.91
P PSU A 1566 32.44 -14.63 6.10
OP1 PSU A 1566 31.67 -15.44 5.15
OP2 PSU A 1566 33.92 -14.68 6.09
HN1 PSU A 1566 35.76 -12.19 7.50
HN3 PSU A 1566 36.10 -8.33 8.69
H6 PSU A 1566 33.44 -12.08 7.43
H1' PSU A 1566 31.52 -9.40 8.82
H2' PSU A 1566 32.21 -8.38 6.32
HO2' PSU A 1566 29.78 -8.99 7.53
H3' PSU A 1566 32.10 -10.58 5.28
H4' PSU A 1566 29.50 -11.10 6.72
H5' PSU A 1566 30.20 -13.37 6.80
H5'' PSU A 1566 30.15 -12.86 5.12
P A2M A 1578 22.70 -21.84 -26.42
OP1 A2M A 1578 23.57 -23.03 -26.51
O5' A2M A 1578 21.43 -22.14 -25.54
C5' A2M A 1578 21.45 -22.83 -24.28
C4' A2M A 1578 20.24 -22.44 -23.47
O4' A2M A 1578 20.52 -21.25 -22.72
C3' A2M A 1578 18.97 -22.14 -24.27
O3' A2M A 1578 17.82 -22.58 -23.55
C2' A2M A 1578 18.99 -20.62 -24.38
O2' A2M A 1578 17.68 -20.07 -24.50
C1' A2M A 1578 19.58 -20.24 -23.02
CM' A2M A 1578 17.12 -20.20 -25.80
N9 A2M A 1578 20.27 -18.95 -23.04
C8 A2M A 1578 21.44 -18.66 -23.67
N7 A2M A 1578 21.82 -17.41 -23.53
C5 A2M A 1578 20.84 -16.84 -22.75
C6 A2M A 1578 20.64 -15.54 -22.25
N6 A2M A 1578 21.48 -14.53 -22.48
N1 A2M A 1578 19.54 -15.30 -21.50
C2 A2M A 1578 18.69 -16.32 -21.27
N3 A2M A 1578 18.76 -17.58 -21.70
C4 A2M A 1578 19.87 -17.78 -22.44
H5' A2M A 1578 22.37 -22.60 -23.73
H5'' A2M A 1578 21.48 -23.88 -24.55
H4' A2M A 1578 20.04 -23.21 -22.73
H3' A2M A 1578 19.03 -22.59 -25.26
H2' A2M A 1578 19.62 -20.31 -25.21
H1' A2M A 1578 18.87 -20.22 -22.20
HM'1 A2M A 1578 17.04 -21.27 -25.97
HM'2 A2M A 1578 17.75 -19.77 -26.57
HM'3 A2M A 1578 16.13 -19.75 -25.88
H8 A2M A 1578 22.01 -19.39 -24.24
OP2 A2M A 1578 22.22 -21.42 -27.75
H61 A2M A 1578 21.32 -13.60 -22.10
H62 A2M A 1578 22.32 -14.67 -23.04
H2 A2M A 1578 17.84 -16.05 -20.66
P 7MG A 1580 16.19 -28.77 -23.05
OP1 7MG A 1580 16.37 -28.25 -24.47
OP2 7MG A 1580 15.02 -28.28 -22.23
O5' 7MG A 1580 16.07 -30.35 -23.16
C5' 7MG A 1580 16.60 -31.06 -24.28
C4' 7MG A 1580 16.70 -32.53 -24.00
O4' 7MG A 1580 17.87 -32.78 -23.17
C3' 7MG A 1580 15.55 -33.15 -23.21
O3' 7MG A 1580 14.45 -33.49 -24.05
C2' 7MG A 1580 16.20 -34.34 -22.53
O2' 7MG A 1580 16.28 -35.44 -23.42
C1' 7MG A 1580 17.61 -33.82 -22.27
N9 7MG A 1580 17.78 -33.30 -20.89
C8 7MG A 1580 17.86 -31.87 -20.62
N7 7MG A 1580 18.06 -31.85 -19.18
C5 7MG A 1580 18.10 -33.17 -18.69
C6 7MG A 1580 18.27 -33.67 -17.39
O6 7MG A 1580 18.43 -33.08 -16.32
N1 7MG A 1580 18.25 -35.08 -17.39
C2 7MG A 1580 18.07 -35.85 -18.48
N2 7MG A 1580 18.07 -37.18 -18.31
N3 7MG A 1580 17.92 -35.35 -19.69
C4 7MG A 1580 17.93 -34.03 -19.74
CM7 7MG A 1580 18.19 -30.62 -18.44
H5' 7MG A 1580 17.49 -30.75 -24.52
H5'' 7MG A 1580 16.05 -30.93 -25.07
H4' 7MG A 1580 16.78 -33.01 -24.85
H3' 7MG A 1580 15.28 -32.51 -22.53
H2' 7MG A 1580 15.74 -34.58 -21.71
HO2' 7MG A 1580 15.61 -35.40 -23.93
H1' 7MG A 1580 18.23 -34.55 -22.37
H81 7MG A 1580 18.60 -31.46 -21.10
H82 7MG A 1580 17.04 -31.42 -20.88
HN1 7MG A 1580 18.34 -35.45 -16.62
HN21 7MG A 1580 18.17 -37.52 -17.49
HN22 7MG A 1580 17.96 -37.75 -18.99
HM71 7MG A 1580 17.66 -30.66 -17.63
HM72 7MG A 1580 19.12 -30.50 -18.18
HM73 7MG A 1580 17.92 -29.84 -18.95
N1 PSU A 1633 -24.75 -46.63 -7.54
C2 PSU A 1633 -23.41 -46.63 -7.34
N3 PSU A 1633 -22.68 -47.26 -8.31
C4 PSU A 1633 -23.19 -47.87 -9.44
C5 PSU A 1633 -24.62 -47.83 -9.58
C6 PSU A 1633 -25.33 -47.21 -8.61
O2 PSU A 1633 -22.87 -46.10 -6.37
O4 PSU A 1633 -22.42 -48.40 -10.25
C1' PSU A 1633 -25.25 -48.50 -10.76
C2' PSU A 1633 -25.28 -50.02 -10.66
O2' PSU A 1633 -25.14 -50.56 -11.96
C3' PSU A 1633 -26.68 -50.25 -10.11
C4' PSU A 1633 -27.50 -49.17 -10.81
O3' PSU A 1633 -27.18 -51.56 -10.35
O4' PSU A 1633 -26.58 -48.05 -10.90
C5' PSU A 1633 -28.77 -48.75 -10.12
O5' PSU A 1633 -28.51 -48.32 -8.80
P PSU A 1633 -29.62 -47.52 -7.97
OP1 PSU A 1633 -30.84 -48.34 -7.96
OP2 PSU A 1633 -29.02 -47.09 -6.71
HN1 PSU A 1633 -25.34 -46.18 -6.84
HN3 PSU A 1633 -21.67 -47.28 -8.19
H6 PSU A 1633 -26.42 -47.13 -8.66
H1' PSU A 1633 -24.73 -48.15 -11.66
H2' PSU A 1633 -24.49 -50.41 -10.05
HO2' PSU A 1633 -25.70 -49.95 -12.52
H3' PSU A 1633 -26.68 -50.04 -9.05
H4' PSU A 1633 -27.76 -49.46 -11.83
H5' PSU A 1633 -29.44 -49.60 -10.06
H5'' PSU A 1633 -29.28 -47.94 -10.64
N GLN B 7 12.24 6.61 31.26
CA GLN B 7 11.24 6.85 30.23
C GLN B 7 11.44 5.90 29.05
N MET B 8 10.36 5.22 28.67
CA MET B 8 10.38 4.30 27.54
C MET B 8 9.29 4.69 26.55
N SER B 9 9.48 4.30 25.29
CA SER B 9 8.58 4.73 24.25
C SER B 9 7.19 4.13 24.45
N LYS B 10 6.21 4.68 23.73
CA LYS B 10 4.84 4.21 23.85
C LYS B 10 4.72 2.74 23.44
N LYS B 11 5.40 2.34 22.37
CA LYS B 11 5.31 0.97 21.91
C LYS B 11 5.68 -0.01 23.02
N ARG B 12 6.81 0.23 23.69
CA ARG B 12 7.26 -0.70 24.71
C ARG B 12 6.40 -0.59 25.97
N LYS B 13 5.89 0.61 26.28
CA LYS B 13 5.09 0.76 27.49
C LYS B 13 3.79 -0.03 27.41
N PHE B 14 3.11 0.04 26.26
CA PHE B 14 1.89 -0.74 26.10
C PHE B 14 2.18 -2.24 26.11
N VAL B 15 3.27 -2.66 25.46
CA VAL B 15 3.66 -4.06 25.51
C VAL B 15 4.00 -4.47 26.94
N ALA B 16 4.70 -3.60 27.67
CA ALA B 16 5.03 -3.91 29.05
C ALA B 16 3.80 -4.00 29.93
N ASP B 17 2.78 -3.18 29.66
CA ASP B 17 1.52 -3.28 30.41
C ASP B 17 0.79 -4.57 30.08
N GLY B 18 0.82 -5.00 28.82
CA GLY B 18 0.23 -6.29 28.47
C GLY B 18 0.96 -7.47 29.08
N VAL B 19 2.29 -7.39 29.17
CA VAL B 19 3.06 -8.48 29.77
C VAL B 19 2.82 -8.53 31.27
N PHE B 20 2.60 -7.39 31.91
CA PHE B 20 2.29 -7.41 33.34
C PHE B 20 0.94 -8.05 33.61
N PHE B 21 -0.05 -7.75 32.76
CA PHE B 21 -1.37 -8.36 32.93
C PHE B 21 -1.31 -9.86 32.69
N ALA B 22 -0.56 -10.29 31.67
CA ALA B 22 -0.47 -11.72 31.38
C ALA B 22 0.24 -12.47 32.50
N GLU B 23 1.30 -11.88 33.06
CA GLU B 23 2.04 -12.55 34.12
C GLU B 23 1.27 -12.53 35.43
N LEU B 24 0.60 -11.43 35.75
CA LEU B 24 -0.20 -11.37 36.96
C LEU B 24 -1.31 -12.40 36.95
N ASN B 25 -1.97 -12.55 35.80
CA ASN B 25 -3.04 -13.54 35.68
C ASN B 25 -2.52 -14.95 35.89
N GLU B 26 -1.32 -15.25 35.38
CA GLU B 26 -0.75 -16.58 35.56
C GLU B 26 -0.40 -16.83 37.02
N VAL B 27 0.17 -15.84 37.69
CA VAL B 27 0.54 -16.01 39.10
C VAL B 27 -0.69 -16.27 39.94
N LEU B 28 -1.78 -15.52 39.70
CA LEU B 28 -3.01 -15.73 40.44
C LEU B 28 -3.71 -17.01 40.02
N THR B 29 -3.58 -17.40 38.75
CA THR B 29 -4.21 -18.63 38.29
C THR B 29 -3.69 -19.85 39.04
N ARG B 30 -2.44 -19.79 39.50
CA ARG B 30 -1.83 -20.90 40.23
C ARG B 30 -1.94 -20.73 41.74
N GLU B 31 -1.75 -19.52 42.24
CA GLU B 31 -1.89 -19.29 43.68
C GLU B 31 -3.33 -19.49 44.13
N LEU B 32 -4.30 -19.03 43.34
CA LEU B 32 -5.71 -19.13 43.68
C LEU B 32 -6.44 -20.17 42.84
N ALA B 33 -5.76 -21.27 42.53
CA ALA B 33 -6.37 -22.28 41.66
C ALA B 33 -7.62 -22.88 42.30
N GLU B 34 -7.54 -23.22 43.59
CA GLU B 34 -8.63 -23.87 44.29
C GLU B 34 -9.51 -22.87 45.06
N ASP B 35 -9.55 -21.61 44.63
CA ASP B 35 -10.42 -20.61 45.22
C ASP B 35 -11.40 -20.05 44.18
N GLY B 36 -11.54 -20.71 43.05
CA GLY B 36 -12.46 -20.25 42.03
C GLY B 36 -11.99 -19.06 41.23
N TYR B 37 -10.69 -18.81 41.18
CA TYR B 37 -10.16 -17.67 40.45
C TYR B 37 -10.69 -17.65 39.02
N SER B 38 -11.31 -16.53 38.64
CA SER B 38 -11.97 -16.41 37.35
C SER B 38 -11.41 -15.29 36.48
N GLY B 39 -10.51 -14.47 36.99
CA GLY B 39 -9.95 -13.40 36.20
C GLY B 39 -9.41 -12.29 37.10
N VAL B 40 -8.96 -11.23 36.45
CA VAL B 40 -8.41 -10.07 37.14
C VAL B 40 -8.55 -8.86 36.23
N GLU B 41 -8.70 -7.69 36.86
CA GLU B 41 -8.74 -6.42 36.15
C GLU B 41 -7.70 -5.49 36.77
N VAL B 42 -6.83 -4.95 35.94
CA VAL B 42 -5.76 -4.07 36.38
C VAL B 42 -6.19 -2.64 36.05
N ARG B 43 -6.50 -1.87 37.08
CA ARG B 43 -6.98 -0.49 36.92
C ARG B 43 -5.88 0.45 37.43
N VAL B 44 -4.96 0.80 36.54
CA VAL B 44 -3.88 1.71 36.92
C VAL B 44 -4.41 3.14 36.94
N THR B 45 -4.21 3.82 38.05
CA THR B 45 -4.66 5.19 38.23
C THR B 45 -3.54 6.01 38.85
N PRO B 46 -3.61 7.34 38.79
CA PRO B 46 -2.59 8.15 39.47
C PRO B 46 -2.53 7.80 40.95
N MET B 47 -1.31 7.64 41.46
CA MET B 47 -1.05 7.43 42.88
C MET B 47 -1.42 6.02 43.36
N ARG B 48 -2.06 5.22 42.51
CA ARG B 48 -2.52 3.91 42.93
C ARG B 48 -2.90 3.07 41.72
N THR B 49 -2.50 1.80 41.74
CA THR B 49 -2.95 0.81 40.78
C THR B 49 -3.81 -0.20 41.52
N GLU B 50 -5.03 -0.41 41.05
CA GLU B 50 -5.99 -1.28 41.70
C GLU B 50 -6.10 -2.58 40.92
N ILE B 51 -5.96 -3.71 41.62
CA ILE B 51 -6.06 -5.03 41.04
C ILE B 51 -7.29 -5.69 41.65
N ILE B 52 -8.27 -6.02 40.81
CA ILE B 52 -9.53 -6.60 41.27
C ILE B 52 -9.53 -8.07 40.90
N ILE B 53 -9.56 -8.93 41.92
CA ILE B 53 -9.50 -10.38 41.73
C ILE B 53 -10.92 -10.92 41.76
N ARG B 54 -11.33 -11.57 40.66
CA ARG B 54 -12.63 -12.21 40.59
C ARG B 54 -12.51 -13.68 40.95
N ALA B 55 -13.32 -14.13 41.89
CA ALA B 55 -13.29 -15.51 42.34
C ALA B 55 -14.69 -15.91 42.80
N THR B 56 -15.07 -17.14 42.49
CA THR B 56 -16.39 -17.62 42.92
C THR B 56 -16.47 -17.68 44.44
N ARG B 57 -15.42 -18.14 45.09
CA ARG B 57 -15.36 -18.26 46.55
C ARG B 57 -14.38 -17.21 47.07
N THR B 58 -14.89 -16.01 47.32
CA THR B 58 -14.04 -14.92 47.80
C THR B 58 -13.59 -15.09 49.24
N GLN B 59 -14.36 -15.82 50.05
CA GLN B 59 -13.98 -15.99 51.45
C GLN B 59 -12.66 -16.74 51.61
N ASN B 60 -12.24 -17.51 50.61
CA ASN B 60 -10.98 -18.21 50.65
C ASN B 60 -9.83 -17.41 50.04
N VAL B 61 -10.13 -16.39 49.25
CA VAL B 61 -9.09 -15.53 48.71
C VAL B 61 -8.68 -14.46 49.71
N LEU B 62 -9.62 -13.99 50.54
CA LEU B 62 -9.30 -12.99 51.55
C LEU B 62 -8.57 -13.60 52.73
N GLY B 63 -8.89 -14.84 53.08
CA GLY B 63 -8.29 -15.49 54.24
C GLY B 63 -8.94 -15.01 55.52
N ASP B 64 -8.36 -15.46 56.63
CA ASP B 64 -8.86 -15.06 57.94
C ASP B 64 -8.53 -13.60 58.20
N LYS B 65 -9.56 -12.78 58.35
CA LYS B 65 -9.39 -11.34 58.60
C LYS B 65 -8.49 -10.70 57.56
N GLY B 66 -8.66 -11.12 56.30
CA GLY B 66 -7.92 -10.51 55.22
C GLY B 66 -6.43 -10.81 55.23
N ARG B 67 -6.01 -11.89 55.87
CA ARG B 67 -4.59 -12.20 55.94
C ARG B 67 -4.02 -12.51 54.57
N ARG B 68 -4.73 -13.31 53.77
CA ARG B 68 -4.17 -13.77 52.51
C ARG B 68 -4.13 -12.65 51.47
N ILE B 69 -5.18 -11.82 51.42
CA ILE B 69 -5.19 -10.74 50.46
C ILE B 69 -4.06 -9.74 50.73
N ARG B 70 -3.60 -9.65 51.98
CA ARG B 70 -2.45 -8.79 52.28
C ARG B 70 -1.15 -9.44 51.85
N GLU B 71 -1.04 -10.77 51.96
CA GLU B 71 0.15 -11.45 51.46
C GLU B 71 0.27 -11.30 49.94
N LEU B 72 -0.84 -11.45 49.22
CA LEU B 72 -0.82 -11.29 47.77
C LEU B 72 -0.42 -9.87 47.39
N THR B 73 -0.95 -8.88 48.11
CA THR B 73 -0.59 -7.49 47.82
C THR B 73 0.90 -7.26 48.07
N SER B 74 1.44 -7.80 49.17
CA SER B 74 2.83 -7.57 49.50
C SER B 74 3.75 -8.20 48.48
N VAL B 75 3.50 -9.46 48.13
CA VAL B 75 4.39 -10.15 47.19
C VAL B 75 4.28 -9.55 45.80
N VAL B 76 3.08 -9.13 45.39
CA VAL B 76 2.93 -8.49 44.09
C VAL B 76 3.69 -7.17 44.05
N GLN B 77 3.62 -6.37 45.10
CA GLN B 77 4.30 -5.08 45.10
C GLN B 77 5.82 -5.26 45.00
N LYS B 78 6.38 -6.22 45.74
CA LYS B 78 7.81 -6.44 45.69
C LYS B 78 8.24 -7.03 44.35
N ARG B 79 7.52 -8.04 43.87
CA ARG B 79 7.90 -8.72 42.65
C ARG B 79 7.92 -7.76 41.46
N PHE B 80 6.90 -6.92 41.33
CA PHE B 80 6.74 -6.06 40.16
C PHE B 80 7.23 -4.64 40.41
N ASN B 81 8.12 -4.44 41.37
CA ASN B 81 8.81 -3.17 41.56
C ASN B 81 7.82 -2.02 41.73
N PHE B 82 6.81 -2.24 42.58
CA PHE B 82 5.86 -1.19 42.94
C PHE B 82 6.30 -0.49 44.21
N ASP B 83 6.05 0.81 44.27
CA ASP B 83 6.28 1.55 45.50
C ASP B 83 5.32 1.07 46.58
N GLU B 84 5.83 0.97 47.81
CA GLU B 84 5.03 0.43 48.89
C GLU B 84 3.79 1.30 49.12
N ASN B 85 2.67 0.63 49.40
CA ASN B 85 1.38 1.30 49.60
C ASN B 85 0.98 2.12 48.38
N THR B 86 1.25 1.56 47.19
CA THR B 86 0.84 2.18 45.93
C THR B 86 0.09 1.20 45.04
N VAL B 87 -0.27 0.03 45.57
CA VAL B 87 -1.01 -0.97 44.82
C VAL B 87 -1.93 -1.70 45.78
N GLU B 88 -3.16 -1.95 45.36
CA GLU B 88 -4.17 -2.59 46.19
C GLU B 88 -4.81 -3.76 45.46
N LEU B 89 -5.13 -4.81 46.21
CA LEU B 89 -5.84 -5.96 45.70
C LEU B 89 -7.22 -6.03 46.36
N TYR B 90 -8.24 -6.23 45.54
CA TYR B 90 -9.61 -6.33 46.03
C TYR B 90 -10.25 -7.59 45.47
N ALA B 91 -10.78 -8.43 46.35
CA ALA B 91 -11.51 -9.61 45.91
C ALA B 91 -12.93 -9.22 45.50
N GLU B 92 -13.50 -10.03 44.61
CA GLU B 92 -14.85 -9.78 44.12
C GLU B 92 -15.47 -11.11 43.72
N LYS B 93 -16.79 -11.15 43.75
CA LYS B 93 -17.53 -12.38 43.45
C LYS B 93 -18.10 -12.32 42.04
N VAL B 94 -18.13 -13.49 41.39
CA VAL B 94 -18.69 -13.60 40.05
C VAL B 94 -20.21 -13.60 40.18
N ASN B 95 -20.87 -12.66 39.51
CA ASN B 95 -22.31 -12.49 39.67
C ASN B 95 -23.07 -13.72 39.20
N ASN B 96 -22.71 -14.27 38.05
CA ASN B 96 -23.38 -15.44 37.48
C ASN B 96 -22.31 -16.49 37.21
N ARG B 97 -22.05 -17.33 38.22
CA ARG B 97 -20.99 -18.33 38.13
C ARG B 97 -21.19 -19.29 36.98
N GLY B 98 -22.43 -19.52 36.56
CA GLY B 98 -22.72 -20.47 35.51
C GLY B 98 -22.51 -19.99 34.11
N LEU B 99 -22.20 -18.71 33.91
CA LEU B 99 -21.90 -18.17 32.60
C LEU B 99 -20.42 -17.89 32.40
N CYS B 100 -19.57 -18.27 33.36
CA CYS B 100 -18.13 -18.06 33.25
C CYS B 100 -17.48 -19.40 32.93
N ALA B 101 -16.91 -19.50 31.74
CA ALA B 101 -16.28 -20.75 31.32
C ALA B 101 -15.06 -21.08 32.17
N ILE B 102 -14.29 -20.07 32.58
CA ILE B 102 -13.11 -20.32 33.39
C ILE B 102 -13.51 -20.91 34.74
N ALA B 103 -14.63 -20.46 35.30
CA ALA B 103 -15.08 -21.01 36.58
C ALA B 103 -15.63 -22.41 36.42
N GLN B 104 -16.32 -22.68 35.31
CA GLN B 104 -16.86 -24.02 35.09
C GLN B 104 -15.77 -25.01 34.73
N ALA B 105 -14.75 -24.57 34.00
CA ALA B 105 -13.63 -25.45 33.69
C ALA B 105 -12.88 -25.85 34.96
N GLU B 106 -12.69 -24.91 35.88
CA GLU B 106 -12.06 -25.24 37.16
C GLU B 106 -13.00 -26.03 38.04
N SER B 107 -14.31 -25.78 37.95
CA SER B 107 -15.28 -26.59 38.68
C SER B 107 -15.23 -28.03 38.22
N LEU B 108 -15.21 -28.24 36.90
CA LEU B 108 -15.11 -29.60 36.36
C LEU B 108 -13.78 -30.23 36.75
N ARG B 109 -12.73 -29.42 36.85
CA ARG B 109 -11.40 -29.95 37.15
C ARG B 109 -11.38 -30.65 38.51
N TYR B 110 -11.93 -30.01 39.53
CA TYR B 110 -11.85 -30.56 40.87
C TYR B 110 -12.80 -31.74 41.06
N LYS B 111 -13.91 -31.79 40.30
CA LYS B 111 -14.75 -32.97 40.34
C LYS B 111 -14.00 -34.19 39.81
N LEU B 112 -13.29 -34.02 38.69
CA LEU B 112 -12.53 -35.13 38.14
C LEU B 112 -11.41 -35.56 39.07
N LEU B 113 -10.72 -34.60 39.68
CA LEU B 113 -9.66 -34.93 40.62
C LEU B 113 -10.22 -35.70 41.81
N GLY B 114 -11.37 -35.27 42.32
CA GLY B 114 -11.95 -35.94 43.47
C GLY B 114 -12.25 -37.40 43.22
N GLY B 115 -12.70 -37.73 42.01
CA GLY B 115 -12.98 -39.11 41.65
C GLY B 115 -14.28 -39.29 40.90
N LEU B 116 -15.07 -38.23 40.80
CA LEU B 116 -16.35 -38.31 40.12
C LEU B 116 -16.17 -38.77 38.69
N ALA B 117 -17.08 -39.61 38.22
CA ALA B 117 -16.99 -40.15 36.87
C ALA B 117 -17.09 -39.03 35.84
N VAL B 118 -16.39 -39.22 34.72
CA VAL B 118 -16.31 -38.17 33.70
C VAL B 118 -17.70 -37.89 33.13
N ARG B 119 -18.45 -38.95 32.79
CA ARG B 119 -19.77 -38.76 32.22
C ARG B 119 -20.68 -37.98 33.15
N ARG B 120 -20.66 -38.34 34.44
CA ARG B 120 -21.53 -37.67 35.40
C ARG B 120 -21.07 -36.25 35.67
N ALA B 121 -19.76 -36.02 35.79
CA ALA B 121 -19.26 -34.68 36.07
C ALA B 121 -19.53 -33.74 34.92
N CYS B 122 -19.34 -34.20 33.68
CA CYS B 122 -19.52 -33.32 32.53
C CYS B 122 -20.98 -32.94 32.33
N TYR B 123 -21.91 -33.84 32.66
CA TYR B 123 -23.33 -33.50 32.56
C TYR B 123 -23.77 -32.58 33.69
N GLY B 124 -23.13 -32.66 34.85
CA GLY B 124 -23.43 -31.71 35.91
C GLY B 124 -23.09 -30.28 35.52
N VAL B 125 -21.94 -30.09 34.88
CA VAL B 125 -21.56 -28.77 34.39
C VAL B 125 -22.47 -28.37 33.23
N LEU B 126 -22.71 -29.28 32.30
CA LEU B 126 -23.55 -28.96 31.15
C LEU B 126 -24.96 -28.58 31.57
N ARG B 127 -25.52 -29.27 32.57
CA ARG B 127 -26.86 -28.96 33.03
C ARG B 127 -26.89 -27.66 33.82
N PHE B 128 -25.88 -27.41 34.64
CA PHE B 128 -25.82 -26.18 35.41
C PHE B 128 -25.71 -24.95 34.52
N ILE B 129 -24.92 -25.04 33.45
CA ILE B 129 -24.72 -23.88 32.59
C ILE B 129 -26.01 -23.51 31.87
N MET B 130 -26.77 -24.50 31.41
CA MET B 130 -28.02 -24.21 30.71
C MET B 130 -29.08 -23.69 31.67
N GLU B 131 -29.04 -24.12 32.94
CA GLU B 131 -29.94 -23.57 33.94
C GLU B 131 -29.62 -22.13 34.29
N SER B 132 -28.38 -21.71 34.10
CA SER B 132 -27.96 -20.35 34.45
C SER B 132 -28.33 -19.32 33.39
N GLY B 133 -28.89 -19.75 32.26
CA GLY B 133 -29.37 -18.83 31.26
C GLY B 133 -28.41 -18.67 30.10
N ALA B 134 -27.77 -19.76 29.69
CA ALA B 134 -26.87 -19.75 28.55
C ALA B 134 -27.60 -20.21 27.30
N LYS B 135 -27.21 -19.66 26.16
CA LYS B 135 -27.80 -20.07 24.90
C LYS B 135 -27.35 -21.47 24.51
N GLY B 136 -26.19 -21.90 24.98
CA GLY B 136 -25.71 -23.25 24.72
C GLY B 136 -24.41 -23.49 25.45
N CYS B 137 -23.95 -24.73 25.39
CA CYS B 137 -22.73 -25.11 26.07
C CYS B 137 -22.13 -26.32 25.36
N GLU B 138 -20.83 -26.54 25.60
CA GLU B 138 -20.14 -27.69 25.05
C GLU B 138 -18.96 -28.01 25.94
N VAL B 139 -18.90 -29.24 26.44
CA VAL B 139 -17.81 -29.72 27.28
C VAL B 139 -17.11 -30.84 26.55
N ILE B 140 -15.78 -30.74 26.44
CA ILE B 140 -14.96 -31.75 25.80
C ILE B 140 -13.91 -32.22 26.79
N VAL B 141 -13.80 -33.53 26.96
CA VAL B 141 -12.78 -34.14 27.79
C VAL B 141 -11.99 -35.12 26.93
N SER B 142 -10.67 -35.00 26.96
CA SER B 142 -9.80 -35.81 26.12
C SER B 142 -8.68 -36.38 26.97
N GLY B 143 -8.32 -37.63 26.72
CA GLY B 143 -7.20 -38.26 27.38
C GLY B 143 -7.50 -39.72 27.65
N LYS B 144 -6.71 -40.30 28.53
CA LYS B 144 -6.83 -41.71 28.90
C LYS B 144 -7.96 -41.85 29.92
N LEU B 145 -9.17 -42.04 29.40
CA LEU B 145 -10.35 -42.07 30.25
C LEU B 145 -10.40 -43.35 31.09
N ARG B 146 -10.49 -44.51 30.43
CA ARG B 146 -10.41 -45.78 31.13
C ARG B 146 -9.40 -46.71 30.46
N ALA B 147 -9.34 -46.67 29.13
CA ALA B 147 -8.42 -47.52 28.39
C ALA B 147 -7.06 -46.84 28.23
N GLN B 148 -6.08 -47.64 27.81
CA GLN B 148 -4.75 -47.10 27.56
C GLN B 148 -4.78 -46.09 26.42
N ARG B 149 -5.54 -46.38 25.37
CA ARG B 149 -5.63 -45.48 24.24
C ARG B 149 -6.55 -44.30 24.55
N ALA B 150 -6.18 -43.13 24.06
CA ALA B 150 -6.89 -41.90 24.35
C ALA B 150 -8.06 -41.70 23.39
N LYS B 151 -9.11 -41.06 23.89
CA LYS B 151 -10.26 -40.71 23.08
C LYS B 151 -10.90 -39.45 23.65
N SER B 152 -11.86 -38.91 22.90
CA SER B 152 -12.51 -37.66 23.26
C SER B 152 -14.00 -37.88 23.46
N MET B 153 -14.54 -37.27 24.52
CA MET B 153 -15.96 -37.26 24.80
C MET B 153 -16.47 -35.83 24.70
N LYS B 154 -17.52 -35.62 23.91
CA LYS B 154 -18.06 -34.29 23.65
C LYS B 154 -19.50 -34.24 24.15
N PHE B 155 -19.76 -33.30 25.06
CA PHE B 155 -21.10 -33.09 25.62
C PHE B 155 -21.57 -31.70 25.18
N LYS B 156 -22.57 -31.68 24.31
CA LYS B 156 -23.06 -30.45 23.70
C LYS B 156 -24.54 -30.28 23.99
N ASP B 157 -24.98 -29.03 24.15
CA ASP B 157 -26.39 -28.73 24.38
C ASP B 157 -26.68 -27.29 23.99
N GLY B 158 -27.73 -27.09 23.21
CA GLY B 158 -28.20 -25.76 22.86
C GLY B 158 -27.59 -25.17 21.61
N TYR B 159 -27.44 -23.85 21.58
CA TYR B 159 -26.90 -23.13 20.44
C TYR B 159 -25.39 -23.01 20.54
N MET B 160 -24.72 -22.95 19.40
CA MET B 160 -23.29 -22.73 19.37
C MET B 160 -22.89 -22.21 18.00
N ILE B 161 -21.84 -21.39 17.97
CA ILE B 161 -21.29 -20.88 16.73
C ILE B 161 -19.78 -21.08 16.78
N SER B 162 -19.16 -21.10 15.59
CA SER B 162 -17.74 -21.39 15.49
C SER B 162 -17.00 -20.34 14.68
N SER B 163 -17.63 -19.81 13.63
CA SER B 163 -16.95 -18.99 12.65
C SER B 163 -17.41 -17.53 12.72
N GLY B 164 -16.49 -16.63 12.41
CA GLY B 164 -16.81 -15.22 12.28
C GLY B 164 -16.45 -14.42 13.52
N GLN B 165 -16.64 -13.11 13.39
CA GLN B 165 -16.39 -12.15 14.45
C GLN B 165 -17.26 -12.42 15.68
N PRO B 166 -18.55 -12.75 15.52
CA PRO B 166 -19.41 -12.91 16.71
C PRO B 166 -18.89 -13.90 17.72
N VAL B 167 -18.03 -14.83 17.31
CA VAL B 167 -17.47 -15.80 18.23
C VAL B 167 -16.72 -15.09 19.35
N LYS B 168 -16.01 -14.03 19.03
CA LYS B 168 -15.24 -13.31 20.03
C LYS B 168 -16.14 -12.70 21.10
N GLU B 169 -17.34 -12.25 20.71
CA GLU B 169 -18.26 -11.62 21.66
C GLU B 169 -19.21 -12.59 22.31
N TYR B 170 -19.65 -13.64 21.62
CA TYR B 170 -20.71 -14.50 22.13
C TYR B 170 -20.21 -15.80 22.74
N ILE B 171 -18.99 -16.22 22.44
CA ILE B 171 -18.44 -17.46 22.97
C ILE B 171 -17.48 -17.14 24.10
N ASP B 172 -17.62 -17.88 25.20
CA ASP B 172 -16.72 -17.79 26.35
C ASP B 172 -16.11 -19.18 26.52
N SER B 173 -14.83 -19.31 26.21
CA SER B 173 -14.14 -20.60 26.19
C SER B 173 -12.99 -20.63 27.17
N ALA B 174 -12.69 -21.82 27.67
CA ALA B 174 -11.59 -22.03 28.58
C ALA B 174 -11.02 -23.43 28.37
N VAL B 175 -9.73 -23.58 28.64
CA VAL B 175 -9.02 -24.84 28.50
C VAL B 175 -8.22 -25.09 29.77
N ARG B 176 -8.37 -26.27 30.35
CA ARG B 176 -7.65 -26.60 31.56
C ARG B 176 -7.13 -28.04 31.47
N HIS B 177 -6.08 -28.31 32.25
CA HIS B 177 -5.43 -29.61 32.30
C HIS B 177 -5.71 -30.24 33.65
N VAL B 178 -6.06 -31.53 33.64
CA VAL B 178 -6.30 -32.29 34.87
C VAL B 178 -5.20 -33.33 34.98
N LEU B 179 -4.40 -33.24 36.04
CA LEU B 179 -3.24 -34.12 36.22
C LEU B 179 -3.68 -35.33 37.04
N LEU B 180 -4.20 -36.33 36.34
CA LEU B 180 -4.66 -37.55 36.98
C LEU B 180 -3.51 -38.56 37.10
N ARG B 181 -3.82 -39.70 37.69
CA ARG B 181 -2.79 -40.69 38.01
C ARG B 181 -2.25 -41.41 36.77
N GLN B 182 -3.02 -41.49 35.69
CA GLN B 182 -2.59 -42.18 34.47
C GLN B 182 -2.16 -41.21 33.38
N GLY B 183 -2.09 -39.92 33.67
CA GLY B 183 -1.75 -38.93 32.68
C GLY B 183 -2.57 -37.68 32.87
N VAL B 184 -2.74 -36.94 31.77
CA VAL B 184 -3.39 -35.63 31.79
C VAL B 184 -4.66 -35.69 30.97
N LEU B 185 -5.76 -35.25 31.55
CA LEU B 185 -7.00 -35.02 30.82
C LEU B 185 -7.09 -33.57 30.40
N GLY B 186 -7.69 -33.33 29.25
CA GLY B 186 -7.90 -31.99 28.76
C GLY B 186 -9.35 -31.55 28.83
N ILE B 187 -9.63 -30.50 29.58
CA ILE B 187 -10.98 -29.96 29.72
C ILE B 187 -11.12 -28.75 28.81
N LYS B 188 -12.20 -28.72 28.03
CA LYS B 188 -12.55 -27.56 27.23
C LYS B 188 -14.02 -27.24 27.48
N VAL B 189 -14.29 -26.08 28.06
CA VAL B 189 -15.64 -25.60 28.29
C VAL B 189 -15.88 -24.43 27.36
N LYS B 190 -16.98 -24.48 26.60
CA LYS B 190 -17.30 -23.47 25.59
C LYS B 190 -18.76 -23.08 25.79
N ILE B 191 -18.99 -21.86 26.25
CA ILE B 191 -20.32 -21.38 26.61
C ILE B 191 -20.71 -20.26 25.66
N MET B 192 -21.86 -20.41 24.99
CA MET B 192 -22.40 -19.36 24.15
C MET B 192 -23.33 -18.50 24.98
N LEU B 193 -23.08 -17.19 25.00
CA LEU B 193 -23.85 -16.27 25.82
C LEU B 193 -25.10 -15.82 25.07
N ASP B 194 -25.99 -15.16 25.81
CA ASP B 194 -27.24 -14.65 25.28
C ASP B 194 -27.16 -13.14 25.16
N TRP B 195 -27.83 -12.59 24.15
CA TRP B 195 -27.83 -11.15 23.94
C TRP B 195 -28.46 -10.44 25.13
N ASP B 196 -27.66 -9.62 25.81
CA ASP B 196 -28.11 -8.84 26.96
C ASP B 196 -27.99 -7.36 26.64
N PRO B 197 -29.08 -6.65 26.36
CA PRO B 197 -28.94 -5.22 26.00
C PRO B 197 -28.26 -4.41 27.09
N LYS B 198 -28.47 -4.76 28.36
CA LYS B 198 -27.79 -4.06 29.44
C LYS B 198 -26.29 -4.30 29.43
N GLY B 199 -25.82 -5.36 28.77
CA GLY B 199 -24.41 -5.63 28.64
C GLY B 199 -23.78 -6.37 29.81
N LYS B 200 -24.58 -6.90 30.73
CA LYS B 200 -24.04 -7.58 31.90
C LYS B 200 -23.94 -9.08 31.67
N GLN B 201 -25.06 -9.74 31.39
CA GLN B 201 -25.06 -11.19 31.21
C GLN B 201 -24.36 -11.60 29.92
N GLY B 202 -24.45 -10.78 28.87
CA GLY B 202 -23.86 -11.10 27.60
C GLY B 202 -23.56 -9.87 26.79
N PRO B 203 -23.09 -10.06 25.55
CA PRO B 203 -22.79 -8.90 24.70
C PRO B 203 -24.05 -8.09 24.41
N THR B 204 -23.86 -6.78 24.29
CA THR B 204 -24.98 -5.89 23.97
C THR B 204 -25.26 -5.83 22.47
N THR B 205 -24.24 -5.98 21.64
CA THR B 205 -24.44 -6.00 20.20
C THR B 205 -25.09 -7.31 19.78
N PRO B 206 -26.09 -7.29 18.90
CA PRO B 206 -26.77 -8.53 18.51
C PRO B 206 -25.96 -9.32 17.49
N LEU B 207 -26.49 -10.49 17.16
CA LEU B 207 -25.86 -11.31 16.13
C LEU B 207 -26.07 -10.68 14.75
N PRO B 208 -25.06 -10.73 13.87
CA PRO B 208 -25.19 -10.03 12.59
C PRO B 208 -26.40 -10.45 11.76
N ASP B 209 -26.75 -11.73 11.79
CA ASP B 209 -27.82 -12.25 10.94
C ASP B 209 -29.18 -12.21 11.62
N LEU B 210 -29.28 -11.67 12.83
CA LEU B 210 -30.55 -11.60 13.55
C LEU B 210 -31.23 -10.29 13.19
N VAL B 211 -32.38 -10.39 12.52
CA VAL B 211 -33.16 -9.23 12.11
C VAL B 211 -34.47 -9.23 12.88
N THR B 212 -34.81 -8.10 13.47
CA THR B 212 -36.00 -7.95 14.29
C THR B 212 -36.91 -6.90 13.65
N ILE B 213 -38.15 -7.29 13.38
CA ILE B 213 -39.14 -6.38 12.82
C ILE B 213 -40.02 -5.85 13.95
N HIS B 214 -40.09 -4.53 14.08
CA HIS B 214 -40.96 -3.94 15.09
C HIS B 214 -42.42 -4.20 14.74
N PRO B 215 -43.24 -4.58 15.71
CA PRO B 215 -44.66 -4.80 15.43
C PRO B 215 -45.37 -3.49 15.16
N PRO B 216 -46.20 -3.40 14.12
CA PRO B 216 -46.89 -2.15 13.83
C PRO B 216 -47.89 -1.80 14.90
N LYS B 217 -48.17 -0.50 15.02
CA LYS B 217 -49.12 0.02 15.98
C LYS B 217 -50.42 0.41 15.29
N GLU B 218 -51.53 0.26 16.01
CA GLU B 218 -52.86 0.63 15.53
C GLU B 218 -53.36 1.78 16.40
N GLU B 219 -53.17 3.00 15.92
CA GLU B 219 -53.61 4.18 16.64
C GLU B 219 -54.40 5.10 15.72
N PRO C 19 -12.47 10.33 -42.21
CA PRO C 19 -12.53 11.45 -41.27
C PRO C 19 -11.15 12.03 -40.96
N HIS C 20 -11.13 13.12 -40.22
CA HIS C 20 -9.89 13.82 -39.87
C HIS C 20 -9.80 13.98 -38.36
N THR C 21 -8.58 13.88 -37.84
CA THR C 21 -8.32 14.10 -36.42
C THR C 21 -7.05 14.92 -36.28
N ASP C 22 -6.97 15.67 -35.18
CA ASP C 22 -5.77 16.45 -34.87
C ASP C 22 -4.76 15.66 -34.05
N VAL C 23 -5.12 14.47 -33.56
CA VAL C 23 -4.19 13.66 -32.80
C VAL C 23 -3.17 13.03 -33.73
N LEU C 24 -1.90 13.21 -33.43
CA LEU C 24 -0.81 12.61 -34.19
C LEU C 24 0.01 11.73 -33.25
N LEU C 25 0.29 10.51 -33.69
CA LEU C 25 1.09 9.59 -32.88
C LEU C 25 2.50 10.13 -32.73
N PHE C 26 2.97 10.20 -31.48
CA PHE C 26 4.25 10.82 -31.15
C PHE C 26 4.32 12.27 -31.61
N ASN C 27 3.18 12.87 -31.93
CA ASN C 27 3.14 14.21 -32.55
C ASN C 27 3.94 14.23 -33.86
N ARG C 28 4.02 13.08 -34.51
CA ARG C 28 4.80 12.96 -35.73
C ARG C 28 4.02 12.32 -36.86
N TRP C 29 3.18 11.32 -36.54
CA TRP C 29 2.53 10.49 -37.56
C TRP C 29 1.03 10.74 -37.54
N SER C 30 0.47 10.93 -38.73
CA SER C 30 -0.94 11.25 -38.86
C SER C 30 -1.77 9.97 -39.01
N TYR C 31 -2.92 9.94 -38.33
CA TYR C 31 -3.86 8.84 -38.49
C TYR C 31 -4.73 8.98 -39.74
N ASP C 32 -4.77 10.16 -40.34
CA ASP C 32 -5.55 10.35 -41.56
C ASP C 32 -4.95 9.54 -42.70
N GLY C 33 -5.81 8.86 -43.44
CA GLY C 33 -5.39 8.04 -44.55
C GLY C 33 -5.04 6.61 -44.18
N VAL C 34 -5.00 6.28 -42.89
CA VAL C 34 -4.74 4.90 -42.47
C VAL C 34 -6.03 4.11 -42.62
N GLN C 35 -5.96 3.01 -43.36
CA GLN C 35 -7.12 2.17 -43.62
C GLN C 35 -6.76 0.72 -43.38
N ILE C 36 -7.74 -0.06 -42.92
CA ILE C 36 -7.57 -1.47 -42.66
C ILE C 36 -8.33 -2.23 -43.75
N ALA C 37 -7.61 -2.61 -44.80
CA ALA C 37 -8.22 -3.26 -45.95
C ALA C 37 -8.27 -4.79 -45.75
N ASP C 38 -9.07 -5.19 -44.77
CA ASP C 38 -9.33 -6.61 -44.53
C ASP C 38 -10.58 -6.72 -43.67
N MET C 39 -11.62 -7.34 -44.21
CA MET C 39 -12.91 -7.38 -43.53
C MET C 39 -12.83 -8.14 -42.21
N SER C 40 -12.07 -9.24 -42.19
CA SER C 40 -12.08 -10.12 -41.02
C SER C 40 -11.54 -9.41 -39.78
N VAL C 41 -10.42 -8.70 -39.91
CA VAL C 41 -9.72 -8.15 -38.76
C VAL C 41 -9.90 -6.64 -38.64
N GLU C 42 -10.80 -6.05 -39.42
CA GLU C 42 -10.98 -4.61 -39.38
C GLU C 42 -11.49 -4.15 -38.01
N ASP C 43 -12.37 -4.91 -37.39
CA ASP C 43 -12.97 -4.54 -36.12
C ASP C 43 -12.12 -4.94 -34.92
N TYR C 44 -10.93 -5.48 -35.15
CA TYR C 44 -10.05 -5.87 -34.07
C TYR C 44 -8.69 -5.19 -34.14
N ILE C 45 -8.50 -4.24 -35.06
CA ILE C 45 -7.30 -3.43 -35.14
C ILE C 45 -7.71 -1.99 -34.94
N THR C 46 -7.13 -1.34 -33.93
CA THR C 46 -7.46 0.04 -33.58
C THR C 46 -6.29 0.91 -34.04
N ALA C 47 -6.36 1.36 -35.31
CA ALA C 47 -5.29 2.19 -35.84
C ALA C 47 -5.80 3.32 -36.75
N THR C 48 -7.08 3.64 -36.70
CA THR C 48 -7.67 4.64 -37.60
C THR C 48 -8.03 5.90 -36.82
N ALA C 49 -8.35 6.94 -37.58
CA ALA C 49 -8.66 8.23 -36.98
C ALA C 49 -9.99 8.19 -36.21
N ASN C 50 -10.94 7.39 -36.67
CA ASN C 50 -12.25 7.37 -36.05
C ASN C 50 -12.25 6.57 -34.75
N LYS C 51 -11.36 5.59 -34.63
CA LYS C 51 -11.34 4.69 -33.46
C LYS C 51 -10.25 5.12 -32.49
N HIS C 52 -10.55 6.13 -31.68
CA HIS C 52 -9.73 6.52 -30.55
C HIS C 52 -8.24 6.62 -30.87
N PRO C 53 -7.85 7.56 -31.73
CA PRO C 53 -6.42 7.82 -31.93
C PRO C 53 -5.77 8.32 -30.65
N THR C 54 -4.50 7.97 -30.47
CA THR C 54 -3.77 8.29 -29.25
C THR C 54 -2.44 8.95 -29.58
N TYR C 55 -2.04 9.90 -28.73
CA TYR C 55 -0.77 10.59 -28.93
C TYR C 55 0.43 9.69 -28.67
N MET C 56 0.30 8.76 -27.74
CA MET C 56 1.40 7.91 -27.32
C MET C 56 0.90 6.48 -27.14
N PRO C 57 1.73 5.47 -27.41
CA PRO C 57 1.34 4.08 -27.13
C PRO C 57 1.62 3.67 -25.70
N HIS C 58 1.16 4.48 -24.75
CA HIS C 58 1.35 4.18 -23.33
C HIS C 58 0.11 4.69 -22.60
N THR C 59 -0.83 3.78 -22.37
CA THR C 59 -2.04 4.06 -21.60
C THR C 59 -2.13 3.03 -20.50
N ALA C 60 -2.31 3.49 -19.27
CA ALA C 60 -2.47 2.58 -18.13
C ALA C 60 -3.88 2.01 -18.17
N GLY C 61 -4.19 1.36 -19.29
CA GLY C 61 -5.53 0.88 -19.53
C GLY C 61 -5.83 -0.40 -18.77
N ARG C 62 -7.12 -0.66 -18.64
CA ARG C 62 -7.62 -1.87 -18.00
C ARG C 62 -8.36 -2.64 -19.09
N TYR C 63 -7.61 -3.41 -19.86
CA TYR C 63 -8.11 -4.09 -21.04
C TYR C 63 -8.41 -5.57 -20.81
N GLN C 64 -8.07 -6.10 -19.64
CA GLN C 64 -8.30 -7.50 -19.34
C GLN C 64 -9.52 -7.72 -18.46
N ALA C 65 -10.27 -6.66 -18.15
CA ALA C 65 -11.45 -6.82 -17.31
C ALA C 65 -12.52 -7.68 -17.97
N LYS C 66 -12.56 -7.71 -19.30
CA LYS C 66 -13.63 -8.40 -20.00
C LYS C 66 -13.13 -8.93 -21.33
N ARG C 67 -13.82 -9.95 -21.82
CA ARG C 67 -13.48 -10.59 -23.09
C ARG C 67 -13.67 -9.61 -24.25
N PHE C 68 -12.78 -9.72 -25.24
CA PHE C 68 -12.78 -8.89 -26.44
C PHE C 68 -12.50 -7.42 -26.15
N ARG C 69 -12.10 -7.09 -24.92
CA ARG C 69 -11.88 -5.71 -24.54
C ARG C 69 -10.54 -5.17 -25.04
N LYS C 70 -9.55 -6.04 -25.22
CA LYS C 70 -8.24 -5.62 -25.70
C LYS C 70 -8.23 -5.35 -27.19
N ALA C 71 -9.31 -5.68 -27.91
CA ALA C 71 -9.42 -5.27 -29.30
C ALA C 71 -9.54 -3.76 -29.44
N GLN C 72 -9.92 -3.06 -28.38
CA GLN C 72 -9.96 -1.61 -28.40
C GLN C 72 -8.61 -0.98 -28.10
N CYS C 73 -7.67 -1.74 -27.54
CA CYS C 73 -6.34 -1.22 -27.30
C CYS C 73 -5.69 -0.88 -28.64
N PRO C 74 -4.99 0.27 -28.75
CA PRO C 74 -4.37 0.62 -30.03
C PRO C 74 -3.36 -0.44 -30.46
N ILE C 75 -3.31 -0.69 -31.77
CA ILE C 75 -2.42 -1.73 -32.29
C ILE C 75 -0.96 -1.38 -32.02
N VAL C 76 -0.61 -0.09 -32.04
CA VAL C 76 0.76 0.28 -31.76
C VAL C 76 1.13 -0.02 -30.31
N GLU C 77 0.19 0.14 -29.38
CA GLU C 77 0.47 -0.20 -27.99
C GLU C 77 0.48 -1.71 -27.77
N ARG C 78 -0.32 -2.46 -28.54
CA ARG C 78 -0.25 -3.91 -28.44
C ARG C 78 1.11 -4.43 -28.90
N LEU C 79 1.68 -3.81 -29.94
CA LEU C 79 3.05 -4.13 -30.33
C LEU C 79 4.04 -3.76 -29.24
N THR C 80 3.83 -2.60 -28.58
CA THR C 80 4.76 -2.18 -27.53
C THR C 80 4.77 -3.16 -26.37
N ASN C 81 3.60 -3.67 -25.99
CA ASN C 81 3.53 -4.60 -24.87
C ASN C 81 4.29 -5.88 -25.16
N SER C 82 4.20 -6.38 -26.39
CA SER C 82 4.85 -7.65 -26.71
C SER C 82 6.37 -7.52 -26.77
N LEU C 83 6.91 -6.30 -26.71
CA LEU C 83 8.35 -6.13 -26.65
C LEU C 83 8.92 -6.29 -25.24
N MET C 84 8.08 -6.38 -24.21
CA MET C 84 8.56 -6.50 -22.84
C MET C 84 8.82 -7.96 -22.47
N MET C 85 9.60 -8.61 -23.32
CA MET C 85 10.04 -9.99 -23.12
C MET C 85 11.51 -10.07 -23.51
N HIS C 86 12.25 -11.01 -22.94
CA HIS C 86 11.80 -11.97 -21.92
C HIS C 86 11.99 -11.40 -20.52
N GLY C 87 11.98 -12.29 -19.52
CA GLY C 87 11.97 -11.85 -18.13
C GLY C 87 12.85 -10.65 -17.84
N ARG C 88 14.03 -10.57 -18.47
CA ARG C 88 14.93 -9.46 -18.20
C ARG C 88 14.31 -8.13 -18.58
N ASN C 89 13.35 -8.15 -19.52
CA ASN C 89 12.71 -6.93 -20.00
C ASN C 89 11.30 -6.72 -19.47
N ASN C 90 10.85 -7.53 -18.50
CA ASN C 90 9.47 -7.42 -18.03
C ASN C 90 9.25 -6.05 -17.38
N GLY C 91 8.19 -5.38 -17.80
CA GLY C 91 7.78 -4.12 -17.22
C GLY C 91 8.56 -2.91 -17.65
N LYS C 92 9.53 -3.06 -18.56
CA LYS C 92 10.33 -1.93 -19.03
C LYS C 92 9.67 -1.32 -20.26
N LYS C 93 8.50 -0.71 -20.00
CA LYS C 93 7.66 -0.19 -21.07
C LYS C 93 8.20 1.12 -21.64
N LEU C 94 8.94 1.91 -20.86
CA LEU C 94 9.53 3.12 -21.41
C LEU C 94 10.53 2.78 -22.51
N MET C 95 11.35 1.75 -22.29
CA MET C 95 12.26 1.29 -23.33
C MET C 95 11.49 0.78 -24.55
N ALA C 96 10.41 0.03 -24.30
CA ALA C 96 9.62 -0.52 -25.41
C ALA C 96 9.00 0.58 -26.25
N VAL C 97 8.47 1.62 -25.63
CA VAL C 97 7.90 2.74 -26.38
C VAL C 97 8.97 3.42 -27.22
N ARG C 98 10.18 3.56 -26.67
CA ARG C 98 11.28 4.14 -27.42
C ARG C 98 11.62 3.29 -28.64
N ILE C 99 11.66 1.97 -28.46
CA ILE C 99 12.02 1.08 -29.57
C ILE C 99 11.05 1.24 -30.72
N ILE C 100 9.74 1.25 -30.41
CA ILE C 100 8.76 1.43 -31.47
C ILE C 100 8.82 2.84 -32.04
N LYS C 101 9.11 3.83 -31.21
CA LYS C 101 9.27 5.18 -31.71
C LYS C 101 10.41 5.26 -32.71
N HIS C 102 11.54 4.62 -32.41
CA HIS C 102 12.67 4.61 -33.35
C HIS C 102 12.35 3.77 -34.58
N ALA C 103 11.66 2.65 -34.40
CA ALA C 103 11.37 1.77 -35.53
C ALA C 103 10.49 2.47 -36.56
N MET C 104 9.50 3.24 -36.10
CA MET C 104 8.63 3.95 -37.02
C MET C 104 9.39 5.03 -37.78
N GLU C 105 10.37 5.68 -37.12
CA GLU C 105 11.23 6.62 -37.83
C GLU C 105 12.02 5.92 -38.92
N ILE C 106 12.54 4.72 -38.63
CA ILE C 106 13.28 3.96 -39.62
C ILE C 106 12.35 3.51 -40.76
N ILE C 107 11.13 3.11 -40.43
CA ILE C 107 10.20 2.64 -41.45
C ILE C 107 9.89 3.77 -42.43
N HIS C 108 9.72 4.99 -41.93
CA HIS C 108 9.43 6.12 -42.81
C HIS C 108 10.57 6.36 -43.80
N LEU C 109 11.82 6.25 -43.32
CA LEU C 109 12.96 6.47 -44.21
C LEU C 109 13.01 5.44 -45.33
N LEU C 110 12.93 4.17 -44.97
CA LEU C 110 13.13 3.10 -45.95
C LEU C 110 11.98 3.00 -46.93
N THR C 111 10.74 3.14 -46.46
CA THR C 111 9.57 2.91 -47.29
C THR C 111 8.96 4.17 -47.87
N ASP C 112 9.23 5.34 -47.28
CA ASP C 112 8.60 6.58 -47.69
C ASP C 112 7.07 6.49 -47.55
N GLN C 113 6.62 5.77 -46.53
CA GLN C 113 5.20 5.55 -46.29
C GLN C 113 4.88 5.88 -44.83
N ASN C 114 3.59 6.02 -44.56
CA ASN C 114 3.14 6.27 -43.20
C ASN C 114 3.46 5.04 -42.35
N PRO C 115 4.27 5.16 -41.30
CA PRO C 115 4.62 3.96 -40.52
C PRO C 115 3.43 3.28 -39.89
N ILE C 116 2.37 4.03 -39.54
CA ILE C 116 1.18 3.40 -39.00
C ILE C 116 0.54 2.48 -40.04
N GLN C 117 0.49 2.93 -41.30
CA GLN C 117 -0.07 2.10 -42.36
C GLN C 117 0.75 0.84 -42.57
N VAL C 118 2.08 0.96 -42.49
CA VAL C 118 2.93 -0.22 -42.65
C VAL C 118 2.70 -1.21 -41.52
N ILE C 119 2.48 -0.72 -40.30
CA ILE C 119 2.30 -1.63 -39.17
C ILE C 119 1.00 -2.43 -39.33
N VAL C 120 -0.08 -1.77 -39.75
CA VAL C 120 -1.33 -2.51 -39.92
C VAL C 120 -1.22 -3.51 -41.07
N ASP C 121 -0.48 -3.16 -42.13
CA ASP C 121 -0.27 -4.11 -43.22
C ASP C 121 0.54 -5.31 -42.77
N ALA C 122 1.55 -5.11 -41.91
CA ALA C 122 2.31 -6.22 -41.39
C ALA C 122 1.45 -7.13 -40.53
N VAL C 123 0.58 -6.54 -39.70
CA VAL C 123 -0.31 -7.34 -38.86
C VAL C 123 -1.28 -8.14 -39.71
N ILE C 124 -1.86 -7.51 -40.74
CA ILE C 124 -2.82 -8.21 -41.59
C ILE C 124 -2.17 -9.37 -42.32
N ASN C 125 -0.94 -9.17 -42.82
CA ASN C 125 -0.31 -10.20 -43.62
C ASN C 125 0.25 -11.35 -42.79
N SER C 126 0.63 -11.09 -41.54
CA SER C 126 1.30 -12.10 -40.73
C SER C 126 0.35 -12.90 -39.85
N GLY C 127 -0.95 -12.68 -39.94
CA GLY C 127 -1.90 -13.41 -39.14
C GLY C 127 -2.34 -14.69 -39.83
N PRO C 128 -2.11 -15.85 -39.20
CA PRO C 128 -2.56 -17.10 -39.83
C PRO C 128 -4.07 -17.23 -39.80
N ARG C 129 -4.61 -17.78 -40.88
CA ARG C 129 -6.06 -17.87 -41.06
C ARG C 129 -6.60 -19.28 -40.89
N GLU C 130 -5.75 -20.27 -40.61
CA GLU C 130 -6.18 -21.62 -40.36
C GLU C 130 -5.15 -22.31 -39.48
N ASP C 131 -5.60 -23.32 -38.73
CA ASP C 131 -4.72 -23.99 -37.78
C ASP C 131 -5.23 -25.42 -37.58
N ALA C 132 -4.41 -26.21 -36.89
CA ALA C 132 -4.74 -27.59 -36.54
C ALA C 132 -4.91 -27.72 -35.03
N THR C 133 -5.84 -28.58 -34.63
CA THR C 133 -6.13 -28.76 -33.20
C THR C 133 -6.55 -30.20 -32.96
N ARG C 134 -6.41 -30.65 -31.71
CA ARG C 134 -6.73 -32.01 -31.28
C ARG C 134 -5.72 -33.01 -31.81
N ARG C 143 -5.36 -34.36 -34.90
CA ARG C 143 -5.24 -33.03 -35.50
C ARG C 143 -6.13 -32.89 -36.72
N GLN C 144 -6.94 -31.85 -36.73
CA GLN C 144 -7.74 -31.48 -37.89
C GLN C 144 -7.76 -29.97 -38.03
N ALA C 145 -8.08 -29.51 -39.24
CA ALA C 145 -8.01 -28.09 -39.55
C ALA C 145 -9.21 -27.35 -39.00
N VAL C 146 -8.95 -26.20 -38.38
CA VAL C 146 -10.01 -25.31 -37.87
C VAL C 146 -9.67 -23.89 -38.30
N ASP C 147 -10.72 -23.06 -38.35
CA ASP C 147 -10.54 -21.65 -38.64
C ASP C 147 -10.11 -20.90 -37.39
N ILE C 148 -9.46 -19.76 -37.59
CA ILE C 148 -8.97 -18.93 -36.51
C ILE C 148 -9.82 -17.67 -36.44
N SER C 149 -10.25 -17.32 -35.23
CA SER C 149 -11.06 -16.12 -35.06
C SER C 149 -10.23 -14.88 -35.39
N PRO C 150 -10.89 -13.81 -35.84
CA PRO C 150 -10.12 -12.59 -36.18
C PRO C 150 -9.32 -12.04 -35.02
N LEU C 151 -9.78 -12.19 -33.77
CA LEU C 151 -9.03 -11.66 -32.64
C LEU C 151 -7.75 -12.46 -32.41
N ARG C 152 -7.85 -13.79 -32.41
CA ARG C 152 -6.64 -14.60 -32.26
C ARG C 152 -5.70 -14.43 -33.44
N ARG C 153 -6.24 -14.15 -34.62
CA ARG C 153 -5.40 -13.88 -35.77
C ARG C 153 -4.55 -12.63 -35.55
N VAL C 154 -5.15 -11.58 -34.97
CA VAL C 154 -4.38 -10.39 -34.64
C VAL C 154 -3.38 -10.70 -33.52
N ASN C 155 -3.80 -11.47 -32.52
CA ASN C 155 -2.89 -11.84 -31.44
C ASN C 155 -1.67 -12.59 -31.97
N GLN C 156 -1.90 -13.55 -32.87
CA GLN C 156 -0.80 -14.31 -33.43
C GLN C 156 0.11 -13.43 -34.29
N ALA C 157 -0.45 -12.52 -35.07
CA ALA C 157 0.37 -11.64 -35.89
C ALA C 157 1.30 -10.80 -35.03
N ILE C 158 0.77 -10.21 -33.97
CA ILE C 158 1.60 -9.40 -33.08
C ILE C 158 2.69 -10.25 -32.45
N TYR C 159 2.34 -11.45 -31.99
CA TYR C 159 3.32 -12.31 -31.36
C TYR C 159 4.41 -12.74 -32.35
N LEU C 160 4.03 -13.06 -33.58
CA LEU C 160 5.02 -13.49 -34.56
C LEU C 160 5.96 -12.37 -34.97
N LEU C 161 5.44 -11.14 -35.10
CA LEU C 161 6.28 -10.03 -35.52
C LEU C 161 7.34 -9.70 -34.48
N THR C 162 6.95 -9.66 -33.20
CA THR C 162 7.90 -9.34 -32.14
C THR C 162 8.84 -10.49 -31.82
N THR C 163 8.42 -11.73 -32.05
CA THR C 163 9.31 -12.86 -31.84
C THR C 163 10.43 -12.88 -32.87
N GLY C 164 10.11 -12.55 -34.13
CA GLY C 164 11.14 -12.50 -35.15
C GLY C 164 12.14 -11.38 -34.92
N ALA C 165 11.65 -10.19 -34.55
CA ALA C 165 12.55 -9.08 -34.27
C ALA C 165 13.45 -9.40 -33.09
N ARG C 166 12.89 -9.99 -32.03
CA ARG C 166 13.69 -10.34 -30.86
C ARG C 166 14.77 -11.35 -31.21
N GLU C 167 14.44 -12.35 -32.03
CA GLU C 167 15.41 -13.39 -32.36
C GLU C 167 16.54 -12.86 -33.23
N SER C 168 16.23 -11.99 -34.20
CA SER C 168 17.28 -11.46 -35.06
C SER C 168 18.19 -10.48 -34.31
N ALA C 169 17.67 -9.80 -33.29
CA ALA C 169 18.50 -8.85 -32.54
C ALA C 169 19.44 -9.55 -31.57
N PHE C 170 19.05 -10.71 -31.06
CA PHE C 170 19.85 -11.38 -30.04
C PHE C 170 21.21 -11.78 -30.59
N ARG C 171 22.26 -11.46 -29.84
CA ARG C 171 23.65 -11.74 -30.22
C ARG C 171 23.94 -11.22 -31.62
N ASN C 172 23.62 -9.95 -31.85
CA ASN C 172 23.79 -9.33 -33.15
C ASN C 172 24.11 -7.85 -32.95
N ILE C 173 24.97 -7.31 -33.82
CA ILE C 173 25.28 -5.89 -33.78
C ILE C 173 24.02 -5.07 -34.04
N LYS C 174 23.17 -5.55 -34.94
CA LYS C 174 21.94 -4.85 -35.30
C LYS C 174 21.07 -4.60 -34.08
N THR C 175 20.54 -3.38 -33.98
CA THR C 175 19.74 -3.01 -32.83
C THR C 175 18.32 -3.56 -32.94
N ILE C 176 17.62 -3.58 -31.81
CA ILE C 176 16.26 -4.10 -31.79
C ILE C 176 15.33 -3.26 -32.63
N ALA C 177 15.52 -1.93 -32.62
CA ALA C 177 14.66 -1.07 -33.44
C ALA C 177 14.85 -1.34 -34.92
N GLU C 178 16.10 -1.52 -35.36
CA GLU C 178 16.36 -1.83 -36.77
C GLU C 178 15.80 -3.20 -37.14
N CYS C 179 15.93 -4.19 -36.25
CA CYS C 179 15.38 -5.50 -36.52
C CYS C 179 13.85 -5.45 -36.58
N LEU C 180 13.23 -4.70 -35.68
CA LEU C 180 11.78 -4.58 -35.71
C LEU C 180 11.31 -3.90 -36.98
N ALA C 181 12.01 -2.84 -37.41
CA ALA C 181 11.62 -2.14 -38.63
C ALA C 181 11.72 -3.05 -39.85
N ASP C 182 12.79 -3.84 -39.93
CA ASP C 182 12.94 -4.75 -41.08
C ASP C 182 11.90 -5.85 -41.04
N GLU C 183 11.58 -6.36 -39.85
CA GLU C 183 10.54 -7.37 -39.73
C GLU C 183 9.20 -6.84 -40.20
N LEU C 184 8.86 -5.60 -39.81
CA LEU C 184 7.59 -5.02 -40.19
C LEU C 184 7.56 -4.68 -41.67
N ILE C 185 8.66 -4.16 -42.22
CA ILE C 185 8.69 -3.80 -43.62
C ILE C 185 8.52 -5.02 -44.50
N ASN C 186 9.21 -6.11 -44.17
CA ASN C 186 9.07 -7.34 -44.94
C ASN C 186 7.68 -7.95 -44.76
N ALA C 187 7.18 -7.97 -43.53
CA ALA C 187 5.85 -8.54 -43.28
C ALA C 187 4.78 -7.73 -43.99
N ALA C 188 4.87 -6.40 -43.93
CA ALA C 188 3.89 -5.56 -44.62
C ALA C 188 3.93 -5.79 -46.12
N LYS C 189 5.10 -6.08 -46.66
CA LYS C 189 5.25 -6.34 -48.08
C LYS C 189 4.80 -7.74 -48.46
N GLY C 190 4.65 -8.64 -47.49
CA GLY C 190 4.31 -10.02 -47.77
C GLY C 190 5.49 -10.89 -48.14
N SER C 191 6.71 -10.36 -48.08
CA SER C 191 7.90 -11.10 -48.48
C SER C 191 8.19 -12.22 -47.49
N SER C 192 8.70 -13.34 -48.01
CA SER C 192 9.05 -14.47 -47.18
C SER C 192 10.26 -14.21 -46.31
N ASN C 193 11.03 -13.15 -46.59
CA ASN C 193 12.17 -12.80 -45.74
C ASN C 193 11.74 -12.56 -44.30
N SER C 194 10.48 -12.17 -44.10
CA SER C 194 9.99 -11.94 -42.75
C SER C 194 9.90 -13.25 -41.97
N TYR C 195 10.29 -13.20 -40.70
CA TYR C 195 10.10 -14.35 -39.83
C TYR C 195 8.63 -14.69 -39.64
N ALA C 196 7.78 -13.67 -39.50
CA ALA C 196 6.37 -13.91 -39.24
C ALA C 196 5.65 -14.46 -40.47
N ILE C 197 6.10 -14.11 -41.67
CA ILE C 197 5.47 -14.65 -42.88
C ILE C 197 5.79 -16.13 -43.03
N LYS C 198 7.03 -16.52 -42.75
CA LYS C 198 7.40 -17.92 -42.84
C LYS C 198 6.62 -18.76 -41.84
N LYS C 199 6.50 -18.29 -40.60
CA LYS C 199 5.75 -19.04 -39.59
C LYS C 199 4.28 -19.13 -39.94
N LYS C 200 3.71 -18.06 -40.50
CA LYS C 200 2.32 -18.13 -40.92
C LYS C 200 2.12 -19.17 -42.02
N ASP C 201 3.05 -19.23 -42.97
CA ASP C 201 2.97 -20.25 -44.01
C ASP C 201 3.09 -21.65 -43.43
N GLU C 202 4.00 -21.83 -42.47
CA GLU C 202 4.16 -23.13 -41.84
C GLU C 202 2.90 -23.53 -41.09
N ILE C 203 2.27 -22.58 -40.39
CA ILE C 203 1.04 -22.88 -39.66
C ILE C 203 -0.07 -23.27 -40.62
N GLU C 204 -0.21 -22.53 -41.72
CA GLU C 204 -1.25 -22.82 -42.69
C GLU C 204 -0.91 -23.99 -43.60
N ARG C 205 0.37 -24.37 -43.68
CA ARG C 205 0.74 -25.56 -44.44
C ARG C 205 0.39 -26.83 -43.67
N VAL C 206 0.64 -26.84 -42.36
CA VAL C 206 0.25 -27.98 -41.54
C VAL C 206 -1.25 -28.10 -41.44
N ALA C 207 -1.95 -26.96 -41.37
CA ALA C 207 -3.41 -27.00 -41.29
C ALA C 207 -4.00 -27.67 -42.52
N LYS C 208 -3.48 -27.34 -43.71
CA LYS C 208 -3.99 -27.96 -44.92
C LYS C 208 -3.70 -29.45 -44.98
N ALA C 209 -2.57 -29.87 -44.41
CA ALA C 209 -2.23 -31.29 -44.38
C ALA C 209 -3.17 -32.10 -43.51
N ASN C 210 -3.88 -31.45 -42.58
CA ASN C 210 -4.77 -32.13 -41.65
C ASN C 210 -6.24 -31.82 -41.93
N ARG C 211 -6.57 -31.45 -43.16
CA ARG C 211 -7.95 -31.18 -43.51
C ARG C 211 -8.76 -32.47 -43.50
N MET D 1 23.19 -27.82 51.77
CA MET D 1 23.42 -26.38 51.44
C MET D 1 23.97 -25.65 52.66
N ILE D 2 25.25 -25.30 52.60
CA ILE D 2 25.93 -24.69 53.76
C ILE D 2 25.78 -23.17 53.59
N ILE D 3 24.70 -22.65 54.13
CA ILE D 3 24.49 -21.20 54.15
C ILE D 3 25.21 -20.60 55.35
N PRO D 4 26.01 -19.55 55.19
CA PRO D 4 26.66 -18.94 56.36
C PRO D 4 25.63 -18.48 57.37
N GLU D 5 25.95 -18.65 58.65
CA GLU D 5 25.01 -18.28 59.70
C GLU D 5 24.63 -16.81 59.62
N LYS D 6 25.51 -15.95 59.10
CA LYS D 6 25.15 -14.55 58.92
C LYS D 6 24.11 -14.40 57.83
N ASN D 7 24.31 -15.06 56.69
CA ASN D 7 23.33 -14.99 55.60
C ASN D 7 22.02 -15.66 56.01
N ARG D 8 22.08 -16.76 56.75
CA ARG D 8 20.87 -17.44 57.16
C ARG D 8 19.96 -16.52 57.98
N ARG D 9 20.56 -15.73 58.86
CA ARG D 9 19.76 -14.81 59.68
C ARG D 9 19.06 -13.77 58.82
N GLU D 10 19.77 -13.24 57.81
CA GLU D 10 19.17 -12.21 56.96
C GLU D 10 17.92 -12.73 56.26
N ILE D 11 17.97 -13.96 55.75
CA ILE D 11 16.79 -14.52 55.10
C ILE D 11 15.66 -14.68 56.11
N SER D 12 15.96 -15.29 57.26
CA SER D 12 14.93 -15.47 58.28
C SER D 12 14.43 -14.13 58.80
N LYS D 13 15.35 -13.18 59.02
CA LYS D 13 14.94 -11.86 59.47
C LYS D 13 13.99 -11.21 58.47
N TYR D 14 14.36 -11.22 57.19
CA TYR D 14 13.50 -10.63 56.17
C TYR D 14 12.20 -11.40 56.04
N LEU D 15 12.27 -12.74 56.05
CA LEU D 15 11.07 -13.54 55.91
C LEU D 15 10.11 -13.33 57.08
N PHE D 16 10.65 -13.25 58.30
CA PHE D 16 9.79 -12.99 59.45
C PHE D 16 9.30 -11.55 59.47
N GLN D 17 10.17 -10.61 59.09
CA GLN D 17 9.78 -9.21 59.06
C GLN D 17 8.61 -8.98 58.11
N GLU D 18 8.69 -9.57 56.92
CA GLU D 18 7.61 -9.53 55.94
C GLU D 18 7.24 -10.96 55.58
N GLY D 19 5.96 -11.30 55.75
CA GLY D 19 5.53 -12.68 55.65
C GLY D 19 5.64 -13.32 54.28
N VAL D 20 6.20 -12.61 53.31
CA VAL D 20 6.33 -13.13 51.95
C VAL D 20 7.74 -12.85 51.44
N CYS D 21 8.14 -13.61 50.43
CA CYS D 21 9.40 -13.40 49.73
C CYS D 21 9.26 -13.95 48.32
N PHE D 22 10.15 -13.52 47.44
CA PHE D 22 10.15 -13.99 46.07
C PHE D 22 11.59 -14.08 45.58
N ALA D 23 11.78 -14.84 44.51
CA ALA D 23 13.08 -14.97 43.89
C ALA D 23 12.91 -15.36 42.44
N LYS D 24 13.81 -14.85 41.60
CA LYS D 24 13.92 -15.27 40.22
C LYS D 24 14.72 -16.57 40.17
N LYS D 25 14.26 -17.52 39.37
CA LYS D 25 14.98 -18.78 39.20
C LYS D 25 16.21 -18.48 38.34
N ASP D 26 17.24 -17.94 38.98
CA ASP D 26 18.50 -17.60 38.32
C ASP D 26 19.61 -17.81 39.36
N TYR D 27 20.22 -18.99 39.30
CA TYR D 27 21.23 -19.36 40.29
C TYR D 27 22.49 -18.51 40.16
N ASN D 28 22.72 -17.94 38.97
CA ASN D 28 23.95 -17.19 38.75
C ASN D 28 23.87 -15.79 39.35
N LEU D 29 22.66 -15.28 39.58
CA LEU D 29 22.49 -13.92 40.07
C LEU D 29 23.30 -13.72 41.35
N ALA D 30 24.03 -12.60 41.40
CA ALA D 30 25.00 -12.39 42.48
C ALA D 30 24.30 -12.06 43.79
N LYS D 31 23.32 -11.16 43.76
CA LYS D 31 22.65 -10.68 44.96
C LYS D 31 21.14 -10.73 44.77
N HIS D 32 20.44 -11.13 45.82
CA HIS D 32 18.99 -11.07 45.78
C HIS D 32 18.54 -9.60 45.75
N PRO D 33 17.53 -9.26 44.95
CA PRO D 33 17.16 -7.84 44.81
C PRO D 33 16.69 -7.20 46.11
N ASN D 34 16.31 -7.98 47.12
CA ASN D 34 15.88 -7.45 48.40
C ASN D 34 16.76 -7.84 49.56
N ILE D 35 17.76 -8.69 49.36
CA ILE D 35 18.65 -9.14 50.42
C ILE D 35 20.06 -9.24 49.86
N ASP D 36 21.06 -8.90 50.69
CA ASP D 36 22.45 -8.99 50.25
C ASP D 36 22.85 -10.44 49.97
N VAL D 37 22.15 -11.40 50.57
CA VAL D 37 22.45 -12.82 50.40
C VAL D 37 22.40 -13.17 48.92
N PRO D 38 23.26 -14.06 48.43
CA PRO D 38 23.18 -14.46 47.02
C PRO D 38 21.84 -15.10 46.68
N ASN D 39 21.42 -14.93 45.44
CA ASN D 39 20.10 -15.39 45.03
C ASN D 39 19.94 -16.89 45.25
N LEU D 40 20.99 -17.66 44.97
CA LEU D 40 20.89 -19.11 45.12
C LEU D 40 20.61 -19.49 46.57
N GLN D 41 21.29 -18.86 47.51
CA GLN D 41 21.10 -19.20 48.91
C GLN D 41 19.69 -18.88 49.38
N VAL D 42 19.05 -17.88 48.77
CA VAL D 42 17.65 -17.61 49.09
C VAL D 42 16.75 -18.73 48.59
N ILE D 43 17.01 -19.20 47.36
CA ILE D 43 16.16 -20.23 46.78
C ILE D 43 16.30 -21.53 47.55
N LYS D 44 17.53 -21.90 47.93
CA LYS D 44 17.75 -23.18 48.58
C LYS D 44 17.27 -23.15 50.02
N LEU D 45 17.46 -22.03 50.73
CA LEU D 45 17.02 -21.96 52.12
C LEU D 45 15.51 -22.07 52.22
N MET D 46 14.78 -21.40 51.34
CA MET D 46 13.32 -21.50 51.34
C MET D 46 12.83 -22.81 50.73
N GLN D 47 13.70 -23.58 50.08
CA GLN D 47 13.36 -24.96 49.77
C GLN D 47 13.34 -25.80 51.03
N SER D 48 14.26 -25.53 51.97
CA SER D 48 14.24 -26.22 53.26
C SER D 48 12.97 -25.91 54.04
N PHE D 49 12.53 -24.65 54.04
CA PHE D 49 11.29 -24.30 54.71
C PHE D 49 10.09 -24.95 54.04
N LYS D 50 10.11 -25.06 52.71
CA LYS D 50 8.99 -25.69 52.00
C LYS D 50 8.83 -27.15 52.41
N SER D 51 9.94 -27.86 52.63
CA SER D 51 9.87 -29.26 53.02
C SER D 51 9.41 -29.44 54.46
N LYS D 52 9.60 -28.43 55.31
CA LYS D 52 9.12 -28.45 56.68
C LYS D 52 7.80 -27.69 56.84
N GLU D 53 7.18 -27.31 55.74
CA GLU D 53 5.88 -26.62 55.74
C GLU D 53 5.93 -25.30 56.49
N TYR D 54 7.10 -24.70 56.64
CA TYR D 54 7.19 -23.37 57.22
C TYR D 54 6.73 -22.30 56.24
N VAL D 55 6.78 -22.59 54.93
CA VAL D 55 6.36 -21.65 53.90
C VAL D 55 5.49 -22.39 52.90
N ARG D 56 4.76 -21.61 52.11
CA ARG D 56 3.95 -22.12 51.01
C ARG D 56 4.49 -21.55 49.71
N GLU D 57 4.73 -22.41 48.74
CA GLU D 57 5.48 -22.05 47.54
C GLU D 57 4.56 -21.99 46.32
N THR D 58 4.79 -20.97 45.49
CA THR D 58 4.17 -20.85 44.18
C THR D 58 5.26 -20.50 43.18
N PHE D 59 5.13 -21.02 41.96
CA PHE D 59 6.09 -20.77 40.90
C PHE D 59 5.34 -20.40 39.62
N ALA D 60 5.76 -19.34 38.97
CA ALA D 60 5.15 -18.92 37.71
C ALA D 60 6.07 -17.92 37.02
N TRP D 61 6.20 -18.08 35.70
CA TRP D 61 6.99 -17.18 34.87
C TRP D 61 8.39 -16.99 35.43
N MET D 62 9.01 -18.11 35.83
CA MET D 62 10.41 -18.13 36.24
C MET D 62 10.65 -17.40 37.56
N HIS D 63 9.65 -17.37 38.44
CA HIS D 63 9.78 -16.71 39.74
C HIS D 63 9.17 -17.57 40.82
N TYR D 64 9.82 -17.62 41.97
CA TYR D 64 9.28 -18.25 43.16
C TYR D 64 8.51 -17.24 43.99
N TYR D 65 7.44 -17.68 44.62
CA TYR D 65 6.66 -16.87 45.55
C TYR D 65 6.44 -17.69 46.81
N TRP D 66 6.96 -17.21 47.94
CA TRP D 66 6.86 -17.91 49.21
C TRP D 66 6.04 -17.10 50.20
N TYR D 67 5.21 -17.80 50.96
CA TYR D 67 4.36 -17.19 51.97
C TYR D 67 4.56 -17.92 53.28
N LEU D 68 4.79 -17.16 54.35
CA LEU D 68 4.96 -17.76 55.66
C LEU D 68 3.65 -18.38 56.13
N THR D 69 3.76 -19.47 56.88
CA THR D 69 2.63 -20.16 57.47
C THR D 69 2.66 -19.98 58.98
N ASN D 70 1.59 -20.42 59.65
CA ASN D 70 1.51 -20.28 61.10
C ASN D 70 2.67 -20.99 61.77
N ASP D 71 2.99 -22.21 61.33
CA ASP D 71 4.11 -22.94 61.90
C ASP D 71 5.43 -22.22 61.62
N GLY D 72 5.57 -21.65 60.43
CA GLY D 72 6.78 -20.93 60.10
C GLY D 72 7.02 -19.75 61.03
N ILE D 73 5.95 -19.02 61.35
CA ILE D 73 6.09 -17.90 62.30
C ILE D 73 6.51 -18.42 63.66
N GLU D 74 5.93 -19.55 64.09
CA GLU D 74 6.30 -20.12 65.37
C GLU D 74 7.78 -20.49 65.41
N PHE D 75 8.28 -21.10 64.34
CA PHE D 75 9.67 -21.52 64.30
C PHE D 75 10.60 -20.31 64.27
N LEU D 76 10.32 -19.33 63.39
CA LEU D 76 11.24 -18.22 63.22
C LEU D 76 11.37 -17.39 64.50
N ARG D 77 10.30 -17.27 65.29
CA ARG D 77 10.39 -16.51 66.52
C ARG D 77 11.40 -17.12 67.48
N THR D 78 11.36 -18.44 67.64
CA THR D 78 12.34 -19.11 68.49
C THR D 78 13.75 -18.96 67.92
N TYR D 79 13.90 -19.14 66.61
CA TYR D 79 15.21 -19.03 65.99
C TYR D 79 15.76 -17.62 66.12
N LEU D 80 14.93 -16.61 65.86
CA LEU D 80 15.37 -15.22 65.98
C LEU D 80 15.32 -14.70 67.41
N ASN D 81 14.67 -15.43 68.33
CA ASN D 81 14.59 -15.03 69.73
C ASN D 81 14.04 -13.61 69.86
N LEU D 82 12.79 -13.46 69.46
CA LEU D 82 12.09 -12.18 69.52
C LEU D 82 10.85 -12.31 70.41
N PRO D 83 10.36 -11.20 70.94
CA PRO D 83 9.18 -11.26 71.81
C PRO D 83 7.98 -11.88 71.09
N SER D 84 7.17 -12.61 71.85
CA SER D 84 6.04 -13.31 71.28
C SER D 84 4.95 -12.38 70.75
N GLU D 85 5.01 -11.10 71.09
CA GLU D 85 4.00 -10.15 70.61
C GLU D 85 4.31 -9.60 69.23
N ILE D 86 5.50 -9.86 68.70
CA ILE D 86 5.86 -9.36 67.37
C ILE D 86 5.39 -10.37 66.33
N VAL D 87 4.83 -9.86 65.24
CA VAL D 87 4.27 -10.68 64.17
C VAL D 87 4.73 -10.15 62.82
N PRO D 88 4.63 -10.93 61.75
CA PRO D 88 5.02 -10.44 60.43
C PRO D 88 4.14 -9.28 59.99
N ALA D 89 4.66 -8.52 59.03
CA ALA D 89 3.97 -7.31 58.58
C ALA D 89 2.61 -7.63 57.96
N THR D 90 2.42 -8.87 57.50
CA THR D 90 1.16 -9.22 56.86
C THR D 90 0.03 -9.45 57.86
N LEU D 91 0.34 -9.65 59.14
CA LEU D 91 -0.67 -9.91 60.15
C LEU D 91 -1.09 -8.66 60.90
N LYS D 92 -0.96 -7.49 60.29
CA LYS D 92 -1.38 -6.24 60.92
C LYS D 92 -1.99 -5.29 59.90
N LYS E 19 71.13 -17.91 2.76
CA LYS E 19 69.71 -17.72 2.50
C LYS E 19 68.94 -17.73 3.82
N LYS E 20 69.30 -16.82 4.71
CA LYS E 20 68.72 -16.79 6.04
C LYS E 20 67.26 -16.34 5.99
N PHE E 21 66.54 -16.63 7.06
CA PHE E 21 65.15 -16.23 7.18
C PHE E 21 65.06 -14.73 7.46
N SER E 22 64.10 -14.08 6.81
CA SER E 22 63.81 -12.67 7.06
C SER E 22 62.30 -12.49 7.06
N TYR E 23 61.81 -11.67 7.99
CA TYR E 23 60.39 -11.35 8.09
C TYR E 23 60.22 -9.86 7.80
N ARG E 24 59.56 -9.54 6.69
CA ARG E 24 59.32 -8.15 6.29
C ARG E 24 60.63 -7.38 6.12
N GLY E 25 61.69 -8.08 5.72
CA GLY E 25 62.99 -7.48 5.52
C GLY E 25 63.89 -7.52 6.74
N VAL E 26 63.34 -7.84 7.90
CA VAL E 26 64.10 -7.88 9.14
C VAL E 26 64.61 -9.32 9.34
N ASP E 27 65.90 -9.44 9.60
CA ASP E 27 66.48 -10.77 9.79
C ASP E 27 66.06 -11.35 11.13
N LEU E 28 66.23 -12.67 11.26
CA LEU E 28 65.77 -13.36 12.46
C LEU E 28 66.51 -12.87 13.69
N ASP E 29 67.78 -12.50 13.55
CA ASP E 29 68.55 -12.02 14.70
C ASP E 29 67.94 -10.75 15.27
N SER E 30 67.51 -9.83 14.41
CA SER E 30 66.90 -8.59 14.87
C SER E 30 65.48 -8.79 15.39
N LEU E 31 64.76 -9.78 14.88
CA LEU E 31 63.39 -10.01 15.35
C LEU E 31 63.36 -10.34 16.83
N LEU E 32 64.34 -11.10 17.31
CA LEU E 32 64.37 -11.48 18.72
C LEU E 32 64.55 -10.26 19.62
N ASP E 33 65.41 -9.32 19.21
CA ASP E 33 65.74 -8.15 20.01
C ASP E 33 64.75 -7.01 19.82
N MET E 34 63.80 -7.14 18.90
CA MET E 34 62.85 -6.07 18.64
C MET E 34 61.80 -5.98 19.76
N SER E 35 61.33 -4.76 20.00
CA SER E 35 60.29 -4.53 20.99
C SER E 35 58.93 -4.99 20.47
N THR E 36 58.01 -5.20 21.40
CA THR E 36 56.66 -5.61 21.00
C THR E 36 55.99 -4.55 20.15
N ASP E 37 56.18 -3.28 20.49
CA ASP E 37 55.61 -2.20 19.68
C ASP E 37 56.18 -2.21 18.27
N GLU E 38 57.47 -2.50 18.14
CA GLU E 38 58.08 -2.58 16.80
C GLU E 38 57.60 -3.82 16.06
N LEU E 39 57.40 -4.92 16.78
CA LEU E 39 56.97 -6.15 16.12
C LEU E 39 55.58 -6.05 15.52
N VAL E 40 54.65 -5.39 16.23
CA VAL E 40 53.27 -5.37 15.77
C VAL E 40 53.15 -4.68 14.41
N LYS E 41 54.07 -3.76 14.10
CA LYS E 41 54.02 -3.13 12.79
C LYS E 41 54.39 -4.10 11.69
N LEU E 42 55.19 -5.12 12.02
CA LEU E 42 55.56 -6.12 11.02
C LEU E 42 54.44 -7.13 10.80
N TYR E 43 53.66 -7.42 11.84
CA TYR E 43 52.61 -8.42 11.73
C TYR E 43 51.49 -7.94 10.81
N PRO E 44 50.69 -8.85 10.29
CA PRO E 44 49.51 -8.45 9.53
C PRO E 44 48.42 -7.89 10.44
N ALA E 45 47.30 -7.52 9.82
CA ALA E 45 46.28 -6.76 10.52
C ALA E 45 45.68 -7.53 11.69
N ARG E 46 45.38 -8.82 11.49
CA ARG E 46 44.69 -9.57 12.55
C ARG E 46 45.54 -9.71 13.81
N PRO E 47 46.80 -10.17 13.74
CA PRO E 47 47.61 -10.20 14.96
C PRO E 47 47.81 -8.83 15.59
N ARG E 48 47.88 -7.77 14.78
CA ARG E 48 48.08 -6.44 15.34
C ARG E 48 46.88 -6.00 16.16
N ARG E 49 45.67 -6.26 15.66
CA ARG E 49 44.47 -5.94 16.44
C ARG E 49 44.43 -6.77 17.73
N ARG E 50 44.83 -8.04 17.65
CA ARG E 50 44.78 -8.91 18.81
C ARG E 50 45.66 -8.37 19.95
N PHE E 51 46.88 -7.97 19.63
CA PHE E 51 47.77 -7.43 20.65
C PHE E 51 47.33 -6.05 21.11
N GLN E 52 46.76 -5.24 20.21
CA GLN E 52 46.27 -3.93 20.60
C GLN E 52 45.12 -4.03 21.58
N ARG E 53 44.23 -5.01 21.39
CA ARG E 53 43.17 -5.26 22.35
C ARG E 53 43.69 -5.86 23.64
N GLY E 54 44.95 -6.27 23.69
CA GLY E 54 45.55 -6.82 24.88
C GLY E 54 45.50 -8.35 24.89
N LEU E 55 46.26 -8.93 25.81
CA LEU E 55 46.29 -10.36 26.00
C LEU E 55 45.76 -10.71 27.39
N LYS E 56 45.01 -11.80 27.47
CA LYS E 56 44.39 -12.21 28.73
C LYS E 56 45.41 -12.97 29.58
N ARG E 57 44.95 -13.45 30.74
CA ARG E 57 45.83 -14.14 31.67
C ARG E 57 46.40 -15.40 31.06
N LYS E 58 45.56 -16.20 30.41
CA LYS E 58 46.01 -17.50 29.90
C LYS E 58 47.11 -17.38 28.86
N PRO E 59 47.00 -16.52 27.84
CA PRO E 59 48.12 -16.38 26.89
C PRO E 59 49.43 -15.99 27.57
N MET E 60 49.38 -15.12 28.59
CA MET E 60 50.61 -14.71 29.27
C MET E 60 51.28 -15.91 29.93
N ALA E 61 50.50 -16.77 30.59
CA ALA E 61 51.07 -17.89 31.32
C ALA E 61 51.78 -18.85 30.38
N LEU E 62 51.23 -19.08 29.19
CA LEU E 62 51.87 -19.98 28.24
C LEU E 62 53.24 -19.45 27.82
N ILE E 63 53.34 -18.15 27.55
CA ILE E 63 54.63 -17.57 27.20
C ILE E 63 55.61 -17.70 28.34
N LYS E 64 55.13 -17.57 29.58
CA LYS E 64 56.01 -17.75 30.73
C LYS E 64 56.56 -19.16 30.81
N LYS E 65 55.72 -20.16 30.52
CA LYS E 65 56.17 -21.56 30.58
C LYS E 65 57.01 -21.94 29.37
N LEU E 66 56.70 -21.40 28.19
CA LEU E 66 57.44 -21.79 26.99
C LEU E 66 58.91 -21.41 27.12
N ARG E 67 59.20 -20.20 27.60
CA ARG E 67 60.58 -19.77 27.75
C ARG E 67 61.19 -20.25 29.06
N LYS E 68 60.38 -20.70 30.02
CA LYS E 68 60.92 -21.38 31.18
C LYS E 68 61.48 -22.75 30.79
N ALA E 69 60.82 -23.44 29.86
CA ALA E 69 61.31 -24.74 29.42
C ALA E 69 62.65 -24.61 28.70
N LYS E 70 62.86 -23.50 27.97
CA LYS E 70 64.14 -23.30 27.30
C LYS E 70 65.27 -23.17 28.31
N ARG E 71 65.04 -22.46 29.41
CA ARG E 71 66.08 -22.31 30.43
C ARG E 71 66.44 -23.63 31.07
N GLU E 72 65.49 -24.57 31.19
CA GLU E 72 65.76 -25.87 31.77
C GLU E 72 66.38 -26.84 30.78
N ALA E 73 66.38 -26.51 29.50
CA ALA E 73 66.90 -27.42 28.49
C ALA E 73 68.41 -27.50 28.59
N PRO E 74 69.01 -28.69 28.70
CA PRO E 74 70.46 -28.78 28.66
C PRO E 74 70.99 -28.25 27.33
N GLN E 75 72.18 -27.66 27.39
CA GLN E 75 72.73 -26.97 26.22
C GLN E 75 72.83 -27.91 25.04
N GLY E 76 72.24 -27.50 23.92
CA GLY E 76 72.24 -28.29 22.71
C GLY E 76 71.07 -29.23 22.54
N GLU E 77 70.19 -29.34 23.53
CA GLU E 77 69.01 -30.19 23.47
C GLU E 77 67.76 -29.34 23.29
N LYS E 78 66.78 -29.88 22.58
CA LYS E 78 65.51 -29.20 22.44
C LYS E 78 64.79 -29.15 23.78
N PRO E 79 63.97 -28.13 24.01
CA PRO E 79 63.24 -28.04 25.28
C PRO E 79 62.14 -29.09 25.36
N GLU E 80 61.70 -29.35 26.59
CA GLU E 80 60.66 -30.33 26.81
C GLU E 80 59.32 -29.82 26.30
N VAL E 81 58.39 -30.75 26.08
CA VAL E 81 57.10 -30.40 25.51
C VAL E 81 56.29 -29.58 26.50
N VAL E 82 55.55 -28.60 25.98
CA VAL E 82 54.59 -27.82 26.77
C VAL E 82 53.23 -28.01 26.11
N ARG E 83 52.31 -28.63 26.83
CA ARG E 83 50.97 -28.88 26.30
C ARG E 83 50.05 -27.72 26.66
N THR E 84 49.13 -27.41 25.75
CA THR E 84 48.23 -26.27 25.95
C THR E 84 46.95 -26.49 25.16
N HIS E 85 45.86 -25.91 25.68
CA HIS E 85 44.60 -25.82 24.94
C HIS E 85 44.48 -24.53 24.15
N LEU E 86 45.41 -23.60 24.31
CA LEU E 86 45.32 -22.27 23.68
C LEU E 86 45.73 -22.39 22.23
N ARG E 87 44.79 -22.72 21.37
CA ARG E 87 45.05 -22.79 19.95
C ARG E 87 44.66 -21.51 19.22
N ASN E 88 44.15 -20.50 19.93
CA ASN E 88 44.05 -19.16 19.40
C ASN E 88 45.28 -18.31 19.73
N MET E 89 46.29 -18.92 20.35
CA MET E 89 47.54 -18.23 20.63
C MET E 89 48.25 -17.89 19.32
N ILE E 90 48.83 -16.70 19.27
CA ILE E 90 49.59 -16.24 18.11
C ILE E 90 51.06 -16.55 18.33
N ILE E 91 51.72 -17.04 17.29
CA ILE E 91 53.13 -17.42 17.36
C ILE E 91 53.99 -16.17 17.18
N VAL E 92 54.86 -15.90 18.15
CA VAL E 92 55.72 -14.72 18.12
C VAL E 92 57.17 -15.18 18.04
N PRO E 93 58.11 -14.31 17.68
CA PRO E 93 59.51 -14.76 17.53
C PRO E 93 60.09 -15.37 18.78
N GLU E 94 59.63 -14.97 19.95
CA GLU E 94 60.13 -15.55 21.19
C GLU E 94 59.82 -17.04 21.27
N MET E 95 58.78 -17.49 20.59
CA MET E 95 58.36 -18.89 20.63
C MET E 95 59.11 -19.77 19.65
N ILE E 96 59.98 -19.20 18.81
CA ILE E 96 60.72 -20.02 17.85
C ILE E 96 61.64 -20.98 18.60
N GLY E 97 61.62 -22.24 18.18
CA GLY E 97 62.43 -23.26 18.79
C GLY E 97 61.76 -24.02 19.92
N SER E 98 60.57 -23.60 20.35
CA SER E 98 59.86 -24.29 21.40
C SER E 98 59.14 -25.52 20.86
N VAL E 99 58.95 -26.50 21.73
CA VAL E 99 58.17 -27.69 21.42
C VAL E 99 56.83 -27.55 22.14
N ILE E 100 55.74 -27.57 21.39
CA ILE E 100 54.41 -27.30 21.91
C ILE E 100 53.48 -28.42 21.48
N GLY E 101 52.74 -28.98 22.44
CA GLY E 101 51.69 -29.91 22.15
C GLY E 101 50.35 -29.21 22.09
N ILE E 102 49.75 -29.15 20.91
CA ILE E 102 48.55 -28.36 20.68
C ILE E 102 47.34 -29.29 20.69
N TYR E 103 46.43 -29.06 21.63
CA TYR E 103 45.21 -29.84 21.71
C TYR E 103 44.35 -29.61 20.48
N ASN E 104 43.84 -30.69 19.90
CA ASN E 104 42.92 -30.60 18.77
C ASN E 104 41.50 -30.98 19.16
N GLY E 105 41.23 -31.08 20.45
CA GLY E 105 39.97 -31.56 20.97
C GLY E 105 40.04 -32.99 21.47
N LYS E 106 41.00 -33.77 20.98
CA LYS E 106 41.15 -35.15 21.40
C LYS E 106 42.56 -35.43 21.91
N THR E 107 43.57 -34.91 21.21
CA THR E 107 44.96 -35.23 21.48
C THR E 107 45.82 -33.98 21.35
N PHE E 108 46.99 -34.02 21.99
CA PHE E 108 47.98 -32.94 21.90
C PHE E 108 48.94 -33.26 20.77
N ASN E 109 48.81 -32.54 19.66
CA ASN E 109 49.69 -32.71 18.52
C ASN E 109 50.94 -31.87 18.72
N GLN E 110 52.11 -32.51 18.72
CA GLN E 110 53.36 -31.83 19.03
C GLN E 110 53.97 -31.23 17.76
N ILE E 111 54.43 -29.99 17.87
CA ILE E 111 55.11 -29.31 16.77
C ILE E 111 56.36 -28.62 17.31
N GLU E 112 57.29 -28.34 16.40
CA GLU E 112 58.46 -27.52 16.66
C GLU E 112 58.27 -26.20 15.92
N VAL E 113 58.31 -25.09 16.66
CA VAL E 113 58.01 -23.80 16.06
C VAL E 113 59.19 -23.38 15.18
N LYS E 114 58.89 -23.02 13.93
CA LYS E 114 59.87 -22.61 12.96
C LYS E 114 59.67 -21.14 12.60
N PRO E 115 60.70 -20.48 12.08
CA PRO E 115 60.58 -19.03 11.80
C PRO E 115 59.46 -18.69 10.83
N GLU E 116 59.10 -19.59 9.92
CA GLU E 116 58.04 -19.30 8.97
C GLU E 116 56.65 -19.40 9.58
N MET E 117 56.54 -19.86 10.83
CA MET E 117 55.26 -19.94 11.52
C MET E 117 54.88 -18.63 12.20
N ILE E 118 55.71 -17.60 12.10
CA ILE E 118 55.45 -16.36 12.82
C ILE E 118 54.16 -15.72 12.31
N SER E 119 53.36 -15.22 13.25
CA SER E 119 52.10 -14.52 13.00
C SER E 119 50.97 -15.48 12.66
N HIS E 120 51.14 -16.78 12.86
CA HIS E 120 50.08 -17.76 12.64
C HIS E 120 49.52 -18.20 14.00
N TYR E 121 48.32 -18.78 13.94
CA TYR E 121 47.71 -19.35 15.13
C TYR E 121 48.21 -20.77 15.35
N LEU E 122 48.30 -21.17 16.61
CA LEU E 122 48.63 -22.56 16.93
C LEU E 122 47.59 -23.50 16.39
N ALA E 123 46.34 -23.04 16.23
CA ALA E 123 45.29 -23.88 15.68
C ALA E 123 45.61 -24.33 14.26
N GLU E 124 46.39 -23.54 13.52
CA GLU E 124 46.70 -23.85 12.13
C GLU E 124 47.65 -25.01 11.97
N PHE E 125 48.25 -25.51 13.06
CA PHE E 125 49.21 -26.60 12.99
C PHE E 125 48.78 -27.84 13.75
N SER E 126 47.53 -27.89 14.23
CA SER E 126 46.98 -29.06 14.92
C SER E 126 45.59 -29.31 14.34
N ILE E 127 45.52 -30.12 13.28
CA ILE E 127 44.26 -30.30 12.57
C ILE E 127 43.26 -31.01 13.47
N SER E 128 42.04 -30.48 13.50
CA SER E 128 41.00 -30.97 14.39
C SER E 128 40.13 -32.06 13.78
N TYR E 129 40.31 -32.35 12.49
CA TYR E 129 39.54 -33.38 11.81
C TYR E 129 40.48 -34.29 11.04
N LYS E 130 40.03 -35.51 10.81
CA LYS E 130 40.77 -36.45 9.99
C LYS E 130 40.43 -36.23 8.53
N PRO E 131 41.40 -36.08 7.64
CA PRO E 131 41.09 -35.92 6.22
C PRO E 131 40.29 -37.10 5.69
N VAL E 132 39.37 -36.81 4.77
CA VAL E 132 38.37 -37.77 4.32
C VAL E 132 38.97 -38.65 3.25
N LYS E 133 38.88 -39.96 3.45
CA LYS E 133 39.20 -40.98 2.44
C LYS E 133 37.92 -41.78 2.24
N HIS E 134 37.27 -41.58 1.10
CA HIS E 134 35.90 -42.05 0.93
C HIS E 134 35.81 -43.56 0.80
N GLY E 135 34.74 -44.12 1.39
CA GLY E 135 34.35 -45.49 1.15
C GLY E 135 33.19 -45.56 0.15
N ARG E 136 32.80 -46.77 -0.17
CA ARG E 136 31.80 -46.98 -1.20
C ARG E 136 30.44 -46.44 -0.73
N PRO E 137 29.66 -45.82 -1.62
CA PRO E 137 28.35 -45.31 -1.21
C PRO E 137 27.46 -46.41 -0.67
N GLY E 138 26.72 -46.08 0.39
CA GLY E 138 25.81 -47.03 0.99
C GLY E 138 24.42 -46.99 0.37
N ILE E 139 23.55 -47.85 0.88
CA ILE E 139 22.17 -47.86 0.42
C ILE E 139 21.49 -46.56 0.80
N GLY E 140 20.81 -45.96 -0.17
CA GLY E 140 20.19 -44.65 0.02
C GLY E 140 21.01 -43.50 -0.51
N ALA E 141 22.13 -43.77 -1.18
CA ALA E 141 22.96 -42.70 -1.71
C ALA E 141 22.49 -42.21 -3.08
N THR E 142 21.57 -42.93 -3.73
CA THR E 142 21.10 -42.57 -5.05
C THR E 142 19.58 -42.73 -5.08
N HIS E 143 19.00 -42.67 -6.28
CA HIS E 143 17.56 -42.68 -6.45
C HIS E 143 16.92 -41.58 -5.61
N SER E 144 17.59 -40.43 -5.59
CA SER E 144 17.25 -39.36 -4.67
C SER E 144 16.24 -38.39 -5.28
N VAL F 8 -9.66 36.62 -5.41
CA VAL F 8 -8.80 35.45 -5.48
C VAL F 8 -9.54 34.28 -6.12
N GLU F 9 -9.59 34.28 -7.46
CA GLU F 9 -10.27 33.24 -8.21
C GLU F 9 -9.30 32.08 -8.42
N SER F 10 -9.23 31.19 -7.44
CA SER F 10 -8.30 30.06 -7.50
C SER F 10 -9.00 28.78 -7.09
N VAL F 11 -8.56 27.66 -7.65
CA VAL F 11 -9.00 26.34 -7.26
C VAL F 11 -7.76 25.48 -6.99
N GLN F 12 -7.96 24.41 -6.24
CA GLN F 12 -6.91 23.43 -5.97
C GLN F 12 -7.49 22.04 -6.13
N CYS F 13 -7.15 21.38 -7.23
CA CYS F 13 -7.64 20.04 -7.53
C CYS F 13 -6.49 19.06 -7.53
N PHE F 14 -6.76 17.83 -7.10
CA PHE F 14 -5.74 16.80 -7.02
C PHE F 14 -5.95 15.73 -8.10
N GLY F 15 -4.90 14.97 -8.33
CA GLY F 15 -4.99 13.76 -9.14
C GLY F 15 -4.23 12.65 -8.46
N ARG F 16 -4.66 11.42 -8.72
CA ARG F 16 -4.10 10.26 -8.04
C ARG F 16 -3.80 9.16 -9.05
N LYS F 17 -2.69 8.45 -8.80
CA LYS F 17 -2.35 7.24 -9.52
C LYS F 17 -1.48 6.41 -8.58
N LYS F 18 -1.99 5.25 -8.16
CA LYS F 18 -1.36 4.47 -7.10
C LYS F 18 -1.13 5.36 -5.88
N THR F 19 0.13 5.55 -5.46
CA THR F 19 0.44 6.38 -4.31
C THR F 19 0.89 7.80 -4.69
N ALA F 20 0.81 8.16 -5.95
CA ALA F 20 1.17 9.51 -6.39
C ALA F 20 -0.01 10.46 -6.23
N VAL F 21 0.25 11.62 -5.65
CA VAL F 21 -0.76 12.67 -5.51
C VAL F 21 -0.18 13.97 -6.05
N ALA F 22 -0.84 14.53 -7.06
CA ALA F 22 -0.50 15.84 -7.60
C ALA F 22 -1.65 16.79 -7.36
N VAL F 23 -1.34 17.98 -6.83
CA VAL F 23 -2.33 19.03 -6.61
C VAL F 23 -1.97 20.21 -7.49
N THR F 24 -2.90 20.64 -8.33
CA THR F 24 -2.71 21.78 -9.20
C THR F 24 -3.43 22.98 -8.59
N HIS F 25 -2.69 24.07 -8.37
CA HIS F 25 -3.24 25.33 -7.90
C HIS F 25 -3.46 26.21 -9.13
N CYS F 26 -4.70 26.30 -9.58
CA CYS F 26 -5.06 27.04 -10.78
C CYS F 26 -5.70 28.36 -10.38
N LYS F 27 -5.10 29.47 -10.80
CA LYS F 27 -5.57 30.80 -10.49
C LYS F 27 -5.67 31.62 -11.77
N ARG F 28 -6.28 32.79 -11.67
CA ARG F 28 -6.36 33.70 -12.80
C ARG F 28 -4.95 34.21 -13.12
N GLY F 29 -4.56 34.11 -14.38
CA GLY F 29 -3.20 34.41 -14.73
C GLY F 29 -3.03 34.65 -16.22
N ARG F 30 -1.86 34.28 -16.71
CA ARG F 30 -1.47 34.58 -18.09
C ARG F 30 -1.03 33.35 -18.87
N GLY F 31 -1.09 32.15 -18.29
CA GLY F 31 -0.76 30.93 -18.98
C GLY F 31 0.45 30.18 -18.45
N LEU F 32 0.96 30.53 -17.27
CA LEU F 32 2.06 29.78 -16.69
C LEU F 32 1.62 28.38 -16.29
N ILE F 33 2.49 27.40 -16.55
CA ILE F 33 2.27 26.02 -16.13
C ILE F 33 3.62 25.48 -15.65
N LYS F 34 3.74 25.20 -14.36
CA LYS F 34 4.99 24.75 -13.78
C LYS F 34 4.73 23.64 -12.76
N ILE F 35 5.65 22.69 -12.70
CA ILE F 35 5.59 21.56 -11.76
C ILE F 35 6.75 21.74 -10.79
N ASN F 36 6.44 22.00 -9.52
CA ASN F 36 7.45 22.20 -8.51
C ASN F 36 8.47 23.25 -8.94
N GLY F 37 7.97 24.32 -9.57
CA GLY F 37 8.80 25.42 -10.00
C GLY F 37 9.44 25.28 -11.35
N VAL F 38 9.25 24.16 -12.03
CA VAL F 38 9.91 23.87 -13.32
C VAL F 38 8.85 23.95 -14.40
N PRO F 39 9.12 24.61 -15.54
CA PRO F 39 8.14 24.63 -16.63
C PRO F 39 7.80 23.23 -17.10
N ILE F 40 6.53 23.04 -17.46
CA ILE F 40 6.05 21.71 -17.82
C ILE F 40 6.69 21.21 -19.11
N GLU F 41 7.27 22.11 -19.92
CA GLU F 41 7.97 21.68 -21.12
C GLU F 41 9.22 20.87 -20.81
N LEU F 42 9.67 20.86 -19.55
CA LEU F 42 10.84 20.11 -19.13
C LEU F 42 10.48 18.90 -18.28
N VAL F 43 9.27 18.37 -18.45
CA VAL F 43 8.84 17.20 -17.69
C VAL F 43 9.72 16.02 -18.02
N GLN F 44 10.11 15.26 -17.00
CA GLN F 44 10.94 14.07 -17.14
C GLN F 44 10.17 12.84 -16.64
N PRO F 45 10.34 11.68 -17.28
CA PRO F 45 11.14 11.39 -18.50
C PRO F 45 10.55 12.02 -19.76
N GLU F 46 11.38 12.20 -20.78
CA GLU F 46 10.96 12.96 -21.95
C GLU F 46 9.94 12.21 -22.80
N ILE F 47 9.95 10.88 -22.76
CA ILE F 47 9.00 10.12 -23.57
C ILE F 47 7.61 10.12 -22.95
N LEU F 48 7.50 10.27 -21.64
CA LEU F 48 6.20 10.44 -20.99
C LEU F 48 5.71 11.87 -21.07
N ARG F 49 6.49 12.78 -21.64
CA ARG F 49 6.09 14.18 -21.71
C ARG F 49 4.80 14.34 -22.51
N TYR F 50 4.55 13.45 -23.46
CA TYR F 50 3.30 13.51 -24.22
C TYR F 50 2.09 13.28 -23.33
N LYS F 51 2.18 12.37 -22.38
CA LYS F 51 1.05 12.08 -21.52
C LYS F 51 0.67 13.28 -20.66
N ALA F 52 1.67 13.96 -20.10
CA ALA F 52 1.39 15.14 -19.27
C ALA F 52 0.82 16.29 -20.09
N PHE F 53 1.11 16.36 -21.39
CA PHE F 53 0.66 17.43 -22.24
C PHE F 53 -0.67 17.15 -22.91
N GLU F 54 -1.25 15.97 -22.71
CA GLU F 54 -2.50 15.64 -23.39
C GLU F 54 -3.61 16.63 -23.08
N PRO F 55 -3.85 17.03 -21.83
CA PRO F 55 -4.90 18.04 -21.58
C PRO F 55 -4.67 19.32 -22.36
N ILE F 56 -3.43 19.78 -22.46
CA ILE F 56 -3.13 20.99 -23.21
C ILE F 56 -3.28 20.75 -24.71
N LEU F 57 -2.81 19.61 -25.20
CA LEU F 57 -2.93 19.31 -26.62
C LEU F 57 -4.39 19.13 -27.03
N LEU F 58 -5.18 18.46 -26.18
CA LEU F 58 -6.58 18.21 -26.52
C LEU F 58 -7.39 19.50 -26.53
N LEU F 59 -7.23 20.33 -25.50
CA LEU F 59 -8.03 21.54 -25.39
C LEU F 59 -7.42 22.69 -26.16
N GLY F 60 -6.11 22.79 -26.17
CA GLY F 60 -5.42 23.88 -26.83
C GLY F 60 -4.93 24.91 -25.82
N ARG F 61 -3.81 25.54 -26.15
CA ARG F 61 -3.22 26.53 -25.25
C ARG F 61 -4.14 27.73 -25.02
N HIS F 62 -4.99 28.07 -25.98
CA HIS F 62 -5.87 29.22 -25.81
C HIS F 62 -6.83 29.05 -24.66
N ARG F 63 -7.12 27.82 -24.24
CA ARG F 63 -7.94 27.59 -23.07
C ARG F 63 -7.20 27.87 -21.78
N PHE F 64 -5.88 27.76 -21.78
CA PHE F 64 -5.06 27.99 -20.60
C PHE F 64 -4.49 29.40 -20.57
N ALA F 65 -4.80 30.24 -21.55
CA ALA F 65 -4.19 31.56 -21.64
C ALA F 65 -4.57 32.46 -20.47
N GLY F 66 -5.68 32.18 -19.79
CA GLY F 66 -6.16 33.04 -18.73
C GLY F 66 -5.99 32.46 -17.34
N VAL F 67 -5.11 31.48 -17.18
CA VAL F 67 -4.87 30.85 -15.89
C VAL F 67 -3.38 30.63 -15.69
N ASP F 68 -2.99 30.49 -14.42
CA ASP F 68 -1.64 30.14 -14.02
C ASP F 68 -1.73 28.88 -13.18
N MET F 69 -1.10 27.79 -13.64
CA MET F 69 -1.14 26.51 -12.95
C MET F 69 0.21 26.22 -12.33
N ARG F 70 0.22 26.03 -11.01
CA ARG F 70 1.41 25.61 -10.28
C ARG F 70 1.10 24.27 -9.61
N ILE F 71 1.89 23.25 -9.94
CA ILE F 71 1.59 21.88 -9.59
C ILE F 71 2.64 21.38 -8.60
N ARG F 72 2.16 20.75 -7.53
CA ARG F 72 3.01 20.04 -6.58
C ARG F 72 2.62 18.57 -6.59
N VAL F 73 3.62 17.69 -6.64
CA VAL F 73 3.40 16.26 -6.77
C VAL F 73 4.29 15.53 -5.77
N LYS F 74 3.75 14.48 -5.16
CA LYS F 74 4.46 13.74 -4.12
C LYS F 74 4.07 12.26 -4.19
N GLY F 75 5.00 11.42 -3.74
CA GLY F 75 4.76 9.99 -3.69
C GLY F 75 4.81 9.31 -5.05
N GLY F 76 4.47 8.02 -5.03
CA GLY F 76 4.43 7.25 -6.26
C GLY F 76 5.79 7.09 -6.90
N GLY F 77 5.81 7.07 -8.22
CA GLY F 77 7.03 6.92 -8.99
C GLY F 77 7.03 7.75 -10.25
N HIS F 78 8.01 7.52 -11.13
CA HIS F 78 8.17 8.37 -12.30
C HIS F 78 6.94 8.31 -13.21
N THR F 79 6.42 7.11 -13.47
CA THR F 79 5.28 6.99 -14.36
C THR F 79 4.00 7.46 -13.69
N SER F 80 3.78 7.06 -12.43
CA SER F 80 2.51 7.38 -11.78
C SER F 80 2.39 8.86 -11.45
N GLN F 81 3.52 9.55 -11.23
CA GLN F 81 3.45 10.99 -10.98
C GLN F 81 2.99 11.73 -12.23
N ILE F 82 3.38 11.27 -13.41
CA ILE F 82 2.91 11.91 -14.64
C ILE F 82 1.41 11.76 -14.78
N TYR F 83 0.88 10.56 -14.48
CA TYR F 83 -0.56 10.35 -14.57
C TYR F 83 -1.32 11.15 -13.53
N ALA F 84 -0.78 11.27 -12.32
CA ALA F 84 -1.41 12.12 -11.31
C ALA F 84 -1.38 13.58 -11.73
N ILE F 85 -0.25 14.05 -12.27
CA ILE F 85 -0.17 15.42 -12.76
C ILE F 85 -1.13 15.62 -13.92
N ARG F 86 -1.13 14.68 -14.86
CA ARG F 86 -2.02 14.73 -16.00
C ARG F 86 -3.48 14.85 -15.56
N GLN F 87 -3.84 14.14 -14.49
CA GLN F 87 -5.23 14.16 -14.01
C GLN F 87 -5.54 15.45 -13.26
N SER F 88 -4.58 15.95 -12.46
CA SER F 88 -4.83 17.15 -11.67
C SER F 88 -5.00 18.37 -12.56
N ILE F 89 -4.26 18.45 -13.67
CA ILE F 89 -4.40 19.58 -14.58
C ILE F 89 -5.80 19.60 -15.19
N ALA F 90 -6.26 18.45 -15.66
CA ALA F 90 -7.58 18.39 -16.28
C ALA F 90 -8.68 18.75 -15.28
N LYS F 91 -8.59 18.20 -14.07
CA LYS F 91 -9.60 18.50 -13.06
C LYS F 91 -9.56 19.98 -12.66
N ALA F 92 -8.36 20.54 -12.51
CA ALA F 92 -8.24 21.93 -12.10
C ALA F 92 -8.85 22.87 -13.13
N LEU F 93 -8.65 22.60 -14.41
CA LEU F 93 -9.24 23.46 -15.44
C LEU F 93 -10.75 23.33 -15.44
N VAL F 94 -11.28 22.11 -15.29
CA VAL F 94 -12.72 21.92 -15.25
C VAL F 94 -13.32 22.60 -14.02
N ALA F 95 -12.67 22.46 -12.86
CA ALA F 95 -13.15 23.12 -11.67
C ALA F 95 -13.08 24.63 -11.78
N PHE F 96 -12.12 25.14 -12.56
CA PHE F 96 -12.00 26.58 -12.73
C PHE F 96 -13.08 27.14 -13.63
N TYR F 97 -13.37 26.46 -14.74
CA TYR F 97 -14.40 26.93 -15.67
C TYR F 97 -15.78 26.88 -15.02
N GLN F 98 -16.05 25.83 -14.24
CA GLN F 98 -17.34 25.73 -13.58
C GLN F 98 -17.53 26.88 -12.58
N LYS F 99 -16.48 27.22 -11.85
CA LYS F 99 -16.64 28.14 -10.72
C LYS F 99 -16.49 29.59 -11.16
N TYR F 100 -15.67 29.86 -12.18
CA TYR F 100 -15.31 31.24 -12.51
C TYR F 100 -15.47 31.62 -13.97
N VAL F 101 -15.95 30.72 -14.84
CA VAL F 101 -16.12 31.09 -16.24
C VAL F 101 -17.57 30.90 -16.68
N ASP F 102 -18.02 29.64 -16.72
CA ASP F 102 -19.38 29.35 -17.17
C ASP F 102 -19.63 27.85 -17.06
N GLU F 103 -20.91 27.50 -17.02
CA GLU F 103 -21.29 26.08 -16.99
C GLU F 103 -21.22 25.45 -18.37
N GLN F 104 -21.55 26.20 -19.42
CA GLN F 104 -21.55 25.63 -20.76
C GLN F 104 -20.14 25.42 -21.28
N GLN F 105 -19.22 26.32 -20.96
CA GLN F 105 -17.82 26.11 -21.33
C GLN F 105 -17.23 24.93 -20.56
N LYS F 106 -17.62 24.77 -19.30
CA LYS F 106 -17.21 23.58 -18.56
C LYS F 106 -17.76 22.33 -19.21
N LYS F 107 -19.01 22.38 -19.69
CA LYS F 107 -19.60 21.24 -20.38
C LYS F 107 -18.79 20.86 -21.61
N GLU F 108 -18.35 21.86 -22.37
CA GLU F 108 -17.66 21.58 -23.63
C GLU F 108 -16.32 20.91 -23.39
N ILE F 109 -15.48 21.48 -22.52
CA ILE F 109 -14.15 20.94 -22.33
C ILE F 109 -14.21 19.57 -21.67
N LYS F 110 -15.15 19.37 -20.74
CA LYS F 110 -15.25 18.08 -20.07
C LYS F 110 -15.63 16.98 -21.05
N ASP F 111 -16.48 17.28 -22.04
CA ASP F 111 -16.80 16.29 -23.07
C ASP F 111 -15.55 15.91 -23.86
N ILE F 112 -14.71 16.89 -24.19
CA ILE F 112 -13.50 16.60 -24.95
C ILE F 112 -12.56 15.71 -24.15
N LEU F 113 -12.35 16.04 -22.87
CA LEU F 113 -11.46 15.24 -22.04
C LEU F 113 -11.99 13.82 -21.88
N ILE F 114 -13.30 13.68 -21.68
CA ILE F 114 -13.88 12.36 -21.46
C ILE F 114 -13.81 11.52 -22.73
N ARG F 115 -14.14 12.11 -23.87
CA ARG F 115 -14.12 11.36 -25.13
C ARG F 115 -12.73 10.81 -25.43
N TYR F 116 -11.67 11.50 -25.01
CA TYR F 116 -10.33 11.03 -25.27
C TYR F 116 -9.91 9.95 -24.27
N ASP F 117 -10.07 10.22 -22.98
CA ASP F 117 -9.63 9.30 -21.94
C ASP F 117 -10.37 9.61 -20.66
N ARG F 118 -11.02 8.61 -20.08
CA ARG F 118 -11.77 8.82 -18.86
C ARG F 118 -10.87 8.95 -17.64
N THR F 119 -9.63 8.46 -17.70
CA THR F 119 -8.71 8.61 -16.58
C THR F 119 -8.18 10.03 -16.44
N LEU F 120 -8.45 10.91 -17.40
CA LEU F 120 -8.10 12.31 -17.25
C LEU F 120 -8.86 12.96 -16.11
N LEU F 121 -10.06 12.46 -15.80
CA LEU F 121 -10.90 13.03 -14.76
C LEU F 121 -11.28 12.05 -13.66
N VAL F 122 -11.20 10.74 -13.90
CA VAL F 122 -11.59 9.72 -12.93
C VAL F 122 -10.36 8.91 -12.56
N ALA F 123 -10.08 8.83 -11.26
CA ALA F 123 -8.87 8.18 -10.80
C ALA F 123 -8.95 6.67 -11.01
N ASP F 124 -7.79 6.05 -11.15
CA ASP F 124 -7.69 4.60 -11.26
C ASP F 124 -7.67 3.99 -9.86
N PRO F 125 -8.62 3.11 -9.53
CA PRO F 125 -8.66 2.57 -8.15
C PRO F 125 -7.65 1.48 -7.87
N ARG F 126 -6.92 0.99 -8.87
CA ARG F 126 -6.02 -0.14 -8.67
C ARG F 126 -4.92 0.20 -7.67
N ARG F 127 -4.64 -0.75 -6.78
CA ARG F 127 -3.55 -0.63 -5.81
C ARG F 127 -2.82 -1.96 -5.74
N CYS F 128 -1.69 -1.97 -5.05
CA CYS F 128 -0.92 -3.19 -4.88
C CYS F 128 -1.66 -4.18 -3.99
N GLU F 129 -1.77 -5.42 -4.44
CA GLU F 129 -2.33 -6.46 -3.59
C GLU F 129 -1.31 -6.89 -2.55
N PRO F 130 -1.73 -7.12 -1.30
CA PRO F 130 -0.77 -7.54 -0.27
C PRO F 130 -0.20 -8.93 -0.53
N LYS F 131 1.03 -9.13 -0.07
CA LYS F 131 1.66 -10.43 -0.15
C LYS F 131 1.08 -11.39 0.89
N LYS F 132 0.92 -12.65 0.50
CA LYS F 132 0.47 -13.70 1.39
C LYS F 132 1.59 -14.71 1.59
N PHE F 133 1.69 -15.26 2.80
CA PHE F 133 2.74 -16.22 3.08
C PHE F 133 2.56 -17.46 2.23
N GLY F 134 3.64 -18.21 2.06
CA GLY F 134 3.65 -19.34 1.15
C GLY F 134 4.05 -19.00 -0.26
N GLY F 135 4.49 -17.77 -0.51
CA GLY F 135 4.94 -17.36 -1.82
C GLY F 135 5.59 -16.00 -1.71
N ARG F 136 6.17 -15.55 -2.81
CA ARG F 136 6.84 -14.27 -2.85
C ARG F 136 6.00 -13.15 -3.42
N GLY F 137 4.91 -13.47 -4.12
CA GLY F 137 4.02 -12.46 -4.63
C GLY F 137 2.67 -12.48 -3.93
N ALA F 138 1.71 -11.77 -4.49
CA ALA F 138 0.33 -11.88 -4.01
C ALA F 138 -0.26 -13.23 -4.39
N ARG F 139 -0.07 -13.63 -5.65
CA ARG F 139 -0.56 -14.90 -6.18
C ARG F 139 0.52 -15.97 -6.22
N SER F 140 1.71 -15.61 -6.70
CA SER F 140 2.79 -16.57 -6.92
C SER F 140 3.09 -17.37 -5.66
N ARG F 141 3.23 -18.68 -5.83
CA ARG F 141 3.51 -19.61 -4.74
C ARG F 141 4.92 -20.17 -4.87
N PHE F 142 5.47 -20.61 -3.74
CA PHE F 142 6.78 -21.25 -3.75
C PHE F 142 6.73 -22.52 -4.59
N GLN F 143 7.84 -22.81 -5.28
CA GLN F 143 7.89 -23.98 -6.14
C GLN F 143 7.68 -25.24 -5.32
N LYS F 144 6.85 -26.13 -5.84
CA LYS F 144 6.45 -27.35 -5.15
C LYS F 144 7.23 -28.53 -5.72
N SER F 145 7.85 -29.31 -4.84
CA SER F 145 8.55 -30.53 -5.21
C SER F 145 7.93 -31.70 -4.47
N TYR F 146 7.96 -32.86 -5.11
CA TYR F 146 7.37 -34.08 -4.55
C TYR F 146 8.41 -35.10 -4.12
N ARG F 147 9.42 -35.33 -4.94
CA ARG F 147 10.47 -36.30 -4.62
C ARG F 147 11.81 -35.59 -4.42
N GLY G 2 -22.12 -15.00 -8.03
CA GLY G 2 -23.61 -14.90 -8.14
C GLY G 2 -24.19 -13.93 -7.13
N ARG G 3 -25.48 -13.63 -7.29
CA ARG G 3 -26.17 -12.66 -6.42
C ARG G 3 -27.51 -13.23 -5.98
N VAL G 4 -27.48 -14.46 -5.47
CA VAL G 4 -28.65 -15.09 -4.89
C VAL G 4 -28.78 -14.63 -3.45
N ARG G 5 -29.96 -14.16 -3.07
CA ARG G 5 -30.20 -13.73 -1.70
C ARG G 5 -30.48 -14.94 -0.81
N THR G 6 -29.92 -14.91 0.39
CA THR G 6 -30.04 -16.02 1.31
C THR G 6 -31.36 -15.93 2.08
N LYS G 7 -31.62 -16.93 2.92
CA LYS G 7 -32.86 -16.96 3.70
C LYS G 7 -32.97 -15.74 4.59
N THR G 8 -31.85 -15.25 5.11
CA THR G 8 -31.88 -14.07 5.97
C THR G 8 -32.46 -12.87 5.24
N VAL G 9 -32.04 -12.66 4.00
CA VAL G 9 -32.53 -11.51 3.24
C VAL G 9 -33.96 -11.74 2.78
N LYS G 10 -34.24 -12.92 2.21
CA LYS G 10 -35.57 -13.18 1.69
C LYS G 10 -36.61 -13.26 2.80
N LYS G 11 -36.28 -13.92 3.91
CA LYS G 11 -37.24 -14.06 5.00
C LYS G 11 -37.58 -12.70 5.61
N SER G 12 -36.56 -11.86 5.83
CA SER G 12 -36.81 -10.55 6.42
C SER G 12 -37.62 -9.67 5.49
N SER G 13 -37.33 -9.73 4.18
CA SER G 13 -38.03 -8.87 3.24
C SER G 13 -39.52 -9.18 3.21
N ARG G 14 -39.87 -10.47 3.22
CA ARG G 14 -41.29 -10.84 3.20
C ARG G 14 -42.00 -10.38 4.47
N GLN G 15 -41.35 -10.53 5.62
CA GLN G 15 -41.97 -10.08 6.87
C GLN G 15 -42.22 -8.57 6.85
N VAL G 16 -41.27 -7.80 6.32
CA VAL G 16 -41.45 -6.35 6.26
C VAL G 16 -42.64 -6.01 5.38
N ILE G 17 -42.75 -6.64 4.22
CA ILE G 17 -43.85 -6.35 3.31
C ILE G 17 -45.18 -6.86 3.83
N GLU G 18 -45.17 -7.84 4.73
CA GLU G 18 -46.42 -8.38 5.25
C GLU G 18 -47.13 -7.36 6.12
N ARG G 19 -46.40 -6.63 6.96
CA ARG G 19 -47.00 -5.78 7.97
C ARG G 19 -46.72 -4.29 7.77
N TYR G 20 -46.01 -3.91 6.72
CA TYR G 20 -45.77 -2.51 6.40
C TYR G 20 -46.01 -2.23 4.93
N TYR G 21 -46.86 -3.03 4.28
CA TYR G 21 -47.09 -2.86 2.85
C TYR G 21 -47.56 -1.44 2.52
N SER G 22 -48.34 -0.83 3.42
CA SER G 22 -48.81 0.53 3.18
C SER G 22 -47.66 1.51 3.13
N LYS G 23 -46.67 1.35 4.02
CA LYS G 23 -45.54 2.27 4.07
C LYS G 23 -44.61 2.10 2.87
N MET G 24 -44.38 0.87 2.45
CA MET G 24 -43.34 0.60 1.46
C MET G 24 -43.67 1.28 0.13
N THR G 25 -42.62 1.58 -0.63
CA THR G 25 -42.73 2.21 -1.93
C THR G 25 -41.89 1.43 -2.93
N LEU G 26 -41.92 1.88 -4.18
CA LEU G 26 -41.17 1.27 -5.26
C LEU G 26 -39.77 1.84 -5.43
N ASP G 27 -39.33 2.69 -4.51
CA ASP G 27 -38.02 3.34 -4.58
C ASP G 27 -37.08 2.72 -3.56
N PHE G 28 -35.91 2.29 -4.02
CA PHE G 28 -34.94 1.68 -3.13
C PHE G 28 -34.50 2.65 -2.05
N HIS G 29 -34.24 3.91 -2.41
CA HIS G 29 -33.68 4.85 -1.46
C HIS G 29 -34.67 5.22 -0.37
N THR G 30 -35.96 5.29 -0.69
CA THR G 30 -36.96 5.52 0.33
C THR G 30 -37.18 4.27 1.18
N ASN G 31 -37.15 3.10 0.54
CA ASN G 31 -37.40 1.86 1.27
C ASN G 31 -36.33 1.58 2.32
N LYS G 32 -35.08 1.92 2.03
CA LYS G 32 -34.01 1.65 3.00
C LYS G 32 -34.05 2.62 4.18
N LYS G 33 -34.65 3.80 4.01
CA LYS G 33 -34.90 4.66 5.16
C LYS G 33 -36.08 4.18 5.97
N ILE G 34 -37.02 3.46 5.34
CA ILE G 34 -38.12 2.87 6.08
C ILE G 34 -37.64 1.71 6.94
N LEU G 35 -36.72 0.89 6.42
CA LEU G 35 -36.23 -0.25 7.20
C LEU G 35 -35.53 0.19 8.47
N GLU G 36 -34.85 1.34 8.44
CA GLU G 36 -34.25 1.87 9.66
C GLU G 36 -35.32 2.18 10.69
N GLU G 37 -36.48 2.66 10.25
CA GLU G 37 -37.54 3.04 11.18
C GLU G 37 -38.24 1.83 11.76
N VAL G 38 -38.51 0.81 10.93
CA VAL G 38 -39.42 -0.27 11.29
C VAL G 38 -38.71 -1.56 11.61
N ALA G 39 -37.37 -1.56 11.66
CA ALA G 39 -36.65 -2.80 11.90
C ALA G 39 -35.28 -2.48 12.49
N ILE G 40 -34.68 -3.49 13.11
CA ILE G 40 -33.32 -3.40 13.65
C ILE G 40 -32.46 -4.33 12.82
N ILE G 41 -31.77 -3.78 11.84
CA ILE G 41 -30.88 -4.54 10.96
C ILE G 41 -29.45 -4.24 11.38
N PRO G 42 -28.69 -5.22 11.87
CA PRO G 42 -27.38 -4.90 12.47
C PRO G 42 -26.41 -4.19 11.56
N SER G 43 -26.33 -4.55 10.28
CA SER G 43 -25.31 -4.02 9.40
C SER G 43 -25.93 -3.28 8.22
N LYS G 44 -25.19 -2.28 7.73
CA LYS G 44 -25.65 -1.49 6.58
C LYS G 44 -25.76 -2.34 5.32
N ARG G 45 -24.79 -3.23 5.09
CA ARG G 45 -24.84 -4.05 3.88
C ARG G 45 -26.06 -4.95 3.89
N LEU G 46 -26.38 -5.54 5.04
CA LEU G 46 -27.59 -6.36 5.14
C LEU G 46 -28.84 -5.52 4.94
N ARG G 47 -28.84 -4.29 5.44
CA ARG G 47 -29.99 -3.42 5.26
C ARG G 47 -30.21 -3.08 3.79
N ASN G 48 -29.13 -2.84 3.04
CA ASN G 48 -29.25 -2.54 1.62
C ASN G 48 -29.82 -3.71 0.83
N LYS G 49 -29.39 -4.93 1.15
CA LYS G 49 -29.89 -6.10 0.43
C LYS G 49 -31.36 -6.36 0.73
N ILE G 50 -31.78 -6.17 1.98
CA ILE G 50 -33.18 -6.33 2.32
C ILE G 50 -34.03 -5.27 1.62
N ALA G 51 -33.55 -4.02 1.62
CA ALA G 51 -34.30 -2.95 0.96
C ALA G 51 -34.39 -3.18 -0.53
N GLY G 52 -33.33 -3.68 -1.15
CA GLY G 52 -33.34 -3.94 -2.57
C GLY G 52 -34.23 -5.10 -2.96
N PHE G 53 -34.25 -6.15 -2.14
CA PHE G 53 -35.10 -7.30 -2.44
C PHE G 53 -36.56 -6.99 -2.15
N SER G 54 -36.84 -6.24 -1.08
CA SER G 54 -38.22 -5.83 -0.81
C SER G 54 -38.73 -4.92 -1.92
N THR G 55 -37.89 -4.00 -2.40
CA THR G 55 -38.28 -3.18 -3.55
C THR G 55 -38.55 -4.06 -4.76
N HIS G 56 -37.79 -5.13 -4.92
CA HIS G 56 -38.08 -6.10 -5.98
C HIS G 56 -39.42 -6.79 -5.74
N LEU G 57 -39.75 -7.09 -4.49
CA LEU G 57 -41.01 -7.75 -4.18
C LEU G 57 -42.20 -6.81 -4.32
N MET G 58 -42.01 -5.52 -4.03
CA MET G 58 -43.10 -4.56 -4.24
C MET G 58 -43.47 -4.49 -5.72
N LYS G 59 -42.47 -4.52 -6.60
CA LYS G 59 -42.76 -4.55 -8.04
C LYS G 59 -43.49 -5.83 -8.42
N ARG G 60 -43.13 -6.96 -7.79
CA ARG G 60 -43.83 -8.21 -8.04
C ARG G 60 -45.30 -8.10 -7.64
N ILE G 61 -45.58 -7.52 -6.48
CA ILE G 61 -46.95 -7.45 -6.00
C ILE G 61 -47.80 -6.55 -6.90
N GLN G 62 -47.19 -5.50 -7.46
CA GLN G 62 -47.93 -4.61 -8.35
C GLN G 62 -48.55 -5.38 -9.51
N LYS G 63 -47.80 -6.29 -10.12
CA LYS G 63 -48.29 -7.00 -11.28
C LYS G 63 -49.30 -8.08 -10.90
N GLY G 64 -49.12 -8.72 -9.75
CA GLY G 64 -50.02 -9.75 -9.31
C GLY G 64 -49.74 -10.21 -7.89
N PRO G 65 -50.22 -11.41 -7.55
CA PRO G 65 -49.96 -11.96 -6.21
C PRO G 65 -48.67 -12.76 -6.16
N VAL G 66 -48.03 -12.80 -4.99
CA VAL G 66 -46.82 -13.57 -4.80
C VAL G 66 -47.09 -14.69 -3.80
N ARG G 67 -46.13 -15.61 -3.70
CA ARG G 67 -46.36 -16.86 -2.99
C ARG G 67 -46.32 -16.67 -1.47
N GLY G 68 -45.17 -16.24 -0.95
CA GLY G 68 -44.94 -16.26 0.48
C GLY G 68 -45.41 -15.04 1.23
N ILE G 69 -46.05 -14.07 0.59
CA ILE G 69 -46.46 -12.82 1.22
C ILE G 69 -47.97 -12.85 1.39
N SER G 70 -48.43 -12.61 2.61
CA SER G 70 -49.86 -12.60 2.94
C SER G 70 -50.28 -11.18 3.24
N LEU G 71 -50.97 -10.55 2.28
CA LEU G 71 -51.47 -9.19 2.43
C LEU G 71 -52.97 -9.27 2.69
N LYS G 72 -53.38 -9.00 3.93
CA LYS G 72 -54.76 -9.24 4.32
C LYS G 72 -55.73 -8.39 3.50
N LEU G 73 -55.43 -7.09 3.35
CA LEU G 73 -56.33 -6.23 2.58
C LEU G 73 -56.42 -6.69 1.13
N GLN G 74 -55.29 -7.11 0.55
CA GLN G 74 -55.33 -7.70 -0.78
C GLN G 74 -56.16 -8.97 -0.80
N GLU G 75 -56.02 -9.80 0.24
CA GLU G 75 -56.81 -11.02 0.32
C GLU G 75 -58.30 -10.72 0.38
N GLU G 76 -58.67 -9.70 1.17
CA GLU G 76 -60.08 -9.33 1.28
C GLU G 76 -60.65 -8.90 -0.07
N GLU G 77 -59.84 -8.17 -0.86
CA GLU G 77 -60.28 -7.78 -2.19
C GLU G 77 -60.57 -9.00 -3.06
N ARG G 78 -59.71 -10.01 -3.00
CA ARG G 78 -59.93 -11.22 -3.79
C ARG G 78 -61.21 -11.94 -3.35
N GLU G 79 -61.44 -12.01 -2.04
CA GLU G 79 -62.62 -12.71 -1.54
C GLU G 79 -63.90 -12.03 -2.02
N ARG G 80 -63.94 -10.70 -2.00
CA ARG G 80 -65.10 -9.99 -2.52
C ARG G 80 -65.30 -10.27 -4.01
N ARG G 81 -64.21 -10.31 -4.77
CA ARG G 81 -64.33 -10.56 -6.21
C ARG G 81 -64.99 -11.90 -6.48
N MET G 82 -64.50 -12.98 -5.85
CA MET G 82 -65.07 -14.29 -6.09
C MET G 82 -66.51 -14.37 -5.61
N ASP G 83 -66.80 -13.81 -4.44
CA ASP G 83 -68.15 -13.84 -3.88
C ASP G 83 -69.02 -12.77 -4.53
N SER H 2 36.54 7.24 -39.65
CA SER H 2 37.31 8.37 -39.14
C SER H 2 38.68 8.41 -39.79
N LEU H 3 39.70 7.96 -39.05
CA LEU H 3 41.07 8.00 -39.53
C LEU H 3 41.44 6.69 -40.20
N VAL H 4 42.38 6.78 -41.13
CA VAL H 4 42.91 5.64 -41.86
C VAL H 4 44.13 5.12 -41.11
N ALA H 5 44.29 3.80 -41.11
CA ALA H 5 45.45 3.19 -40.47
C ALA H 5 46.67 3.33 -41.36
N ASN H 6 47.79 3.72 -40.75
CA ASN H 6 49.05 3.84 -41.47
C ASN H 6 49.78 2.49 -41.44
N GLU H 7 50.91 2.42 -42.16
CA GLU H 7 51.64 1.16 -42.25
C GLU H 7 52.28 0.77 -40.93
N GLU H 8 52.42 1.71 -39.99
CA GLU H 8 53.01 1.40 -38.70
C GLU H 8 52.06 0.63 -37.80
N PHE H 9 50.78 0.58 -38.13
CA PHE H 9 49.81 -0.13 -37.29
C PHE H 9 50.19 -1.59 -37.16
N GLN H 10 50.20 -2.09 -35.92
CA GLN H 10 50.59 -3.46 -35.62
C GLN H 10 49.40 -4.21 -35.04
N HIS H 11 49.21 -5.45 -35.50
CA HIS H 11 48.10 -6.26 -35.04
C HIS H 11 48.46 -7.12 -33.83
N ILE H 12 49.75 -7.37 -33.59
CA ILE H 12 50.20 -8.16 -32.46
C ILE H 12 51.40 -7.46 -31.84
N LEU H 13 51.37 -7.29 -30.52
CA LEU H 13 52.48 -6.75 -29.76
C LEU H 13 52.98 -7.80 -28.79
N ARG H 14 54.22 -7.63 -28.33
CA ARG H 14 54.83 -8.52 -27.35
C ARG H 14 55.31 -7.69 -26.17
N VAL H 15 54.66 -7.87 -25.02
CA VAL H 15 55.02 -7.19 -23.79
C VAL H 15 55.18 -8.23 -22.70
N GLN H 16 56.35 -8.24 -22.05
CA GLN H 16 56.64 -9.14 -20.93
C GLN H 16 56.23 -10.57 -21.26
N ASN H 17 56.65 -11.03 -22.43
CA ASN H 17 56.42 -12.41 -22.85
C ASN H 17 54.93 -12.73 -22.93
N THR H 18 54.13 -11.75 -23.35
CA THR H 18 52.71 -11.95 -23.56
C THR H 18 52.31 -11.33 -24.89
N ASN H 19 51.31 -11.91 -25.54
CA ASN H 19 50.79 -11.41 -26.80
C ASN H 19 49.69 -10.40 -26.50
N VAL H 20 49.93 -9.15 -26.89
CA VAL H 20 48.98 -8.07 -26.69
C VAL H 20 48.32 -7.76 -28.02
N ASP H 21 46.99 -7.81 -28.05
CA ASP H 21 46.25 -7.57 -29.27
C ASP H 21 46.31 -6.10 -29.65
N GLY H 22 46.65 -5.83 -30.90
CA GLY H 22 46.78 -4.46 -31.37
C GLY H 22 45.49 -3.77 -31.74
N LYS H 23 44.41 -4.52 -31.88
CA LYS H 23 43.11 -3.95 -32.20
C LYS H 23 42.32 -3.54 -30.98
N GLN H 24 42.85 -3.77 -29.78
CA GLN H 24 42.17 -3.40 -28.56
C GLN H 24 42.58 -2.00 -28.12
N LYS H 25 41.66 -1.30 -27.46
CA LYS H 25 42.00 -0.04 -26.83
C LYS H 25 43.14 -0.27 -25.84
N ILE H 26 44.09 0.67 -25.80
CA ILE H 26 45.33 0.42 -25.10
C ILE H 26 45.08 0.05 -23.63
N MET H 27 44.07 0.66 -23.01
CA MET H 27 43.78 0.34 -21.62
C MET H 27 43.43 -1.12 -21.44
N PHE H 28 42.63 -1.67 -22.34
CA PHE H 28 42.21 -3.07 -22.25
C PHE H 28 43.14 -4.02 -22.96
N ALA H 29 44.09 -3.51 -23.76
CA ALA H 29 45.11 -4.37 -24.33
C ALA H 29 46.14 -4.77 -23.28
N LEU H 30 46.40 -3.91 -22.30
CA LEU H 30 47.38 -4.21 -21.26
C LEU H 30 46.89 -5.22 -20.24
N THR H 31 45.57 -5.44 -20.16
CA THR H 31 45.04 -6.35 -19.16
C THR H 31 45.37 -7.81 -19.48
N SER H 32 45.78 -8.12 -20.71
CA SER H 32 46.21 -9.47 -21.03
C SER H 32 47.47 -9.87 -20.25
N ILE H 33 48.24 -8.89 -19.80
CA ILE H 33 49.39 -9.18 -18.94
C ILE H 33 48.89 -9.58 -17.56
N LYS H 34 49.41 -10.69 -17.05
CA LYS H 34 49.05 -11.11 -15.69
C LYS H 34 49.58 -10.10 -14.69
N GLY H 35 48.76 -9.78 -13.69
CA GLY H 35 49.09 -8.80 -12.69
C GLY H 35 48.64 -7.39 -13.01
N ILE H 36 48.13 -7.16 -14.22
CA ILE H 36 47.63 -5.85 -14.64
C ILE H 36 46.15 -6.01 -14.92
N GLY H 37 45.31 -5.41 -14.08
CA GLY H 37 43.88 -5.38 -14.31
C GLY H 37 43.45 -4.04 -14.89
N ARG H 38 42.13 -3.90 -15.05
CA ARG H 38 41.59 -2.68 -15.63
C ARG H 38 41.89 -1.46 -14.77
N ARG H 39 41.87 -1.61 -13.45
CA ARG H 39 42.16 -0.48 -12.58
C ARG H 39 43.63 -0.06 -12.69
N PHE H 40 44.54 -1.03 -12.69
CA PHE H 40 45.96 -0.68 -12.80
C PHE H 40 46.35 -0.30 -14.21
N ALA H 41 45.73 -0.89 -15.23
CA ALA H 41 46.01 -0.48 -16.59
C ALA H 41 45.60 0.97 -16.83
N ASN H 42 44.47 1.38 -16.25
CA ASN H 42 43.99 2.74 -16.44
C ASN H 42 44.93 3.74 -15.77
N ILE H 43 45.39 3.45 -14.56
CA ILE H 43 46.28 4.37 -13.86
C ILE H 43 47.64 4.42 -14.55
N ALA H 44 48.09 3.29 -15.11
CA ALA H 44 49.38 3.28 -15.79
C ALA H 44 49.37 4.18 -17.02
N CYS H 45 48.28 4.15 -17.79
CA CYS H 45 48.18 5.01 -18.97
C CYS H 45 48.13 6.48 -18.59
N LYS H 46 47.50 6.82 -17.47
CA LYS H 46 47.44 8.21 -17.03
C LYS H 46 48.80 8.72 -16.56
N LYS H 47 49.59 7.87 -15.89
CA LYS H 47 50.91 8.28 -15.45
C LYS H 47 51.92 8.28 -16.58
N ALA H 48 51.65 7.59 -17.69
CA ALA H 48 52.50 7.59 -18.86
C ALA H 48 52.07 8.62 -19.90
N ASP H 49 51.04 9.41 -19.60
CA ASP H 49 50.57 10.45 -20.50
C ASP H 49 50.21 9.87 -21.87
N ILE H 50 49.59 8.69 -21.86
CA ILE H 50 49.20 8.01 -23.09
C ILE H 50 47.72 8.24 -23.33
N ASP H 51 47.38 8.64 -24.54
CA ASP H 51 45.99 8.80 -24.92
C ASP H 51 45.30 7.44 -24.90
N MET H 52 44.31 7.28 -24.01
CA MET H 52 43.60 6.03 -23.90
C MET H 52 42.53 5.86 -24.96
N ASN H 53 42.34 6.86 -25.82
CA ASN H 53 41.36 6.79 -26.88
C ASN H 53 41.87 6.08 -28.13
N LYS H 54 43.13 5.66 -28.14
CA LYS H 54 43.72 5.01 -29.31
C LYS H 54 43.97 3.53 -29.05
N ARG H 55 44.11 2.79 -30.15
CA ARG H 55 44.32 1.36 -30.09
C ARG H 55 45.78 1.04 -29.77
N ALA H 56 45.99 -0.14 -29.19
CA ALA H 56 47.33 -0.53 -28.79
C ALA H 56 48.27 -0.63 -29.98
N GLY H 57 47.76 -1.00 -31.14
CA GLY H 57 48.58 -1.07 -32.34
C GLY H 57 49.06 0.27 -32.86
N GLU H 58 48.38 1.36 -32.48
CA GLU H 58 48.79 2.69 -32.90
C GLU H 58 49.94 3.25 -32.08
N LEU H 59 50.20 2.70 -30.91
CA LEU H 59 51.29 3.21 -30.08
C LEU H 59 52.63 2.90 -30.70
N THR H 60 53.56 3.84 -30.57
CA THR H 60 54.93 3.62 -31.00
C THR H 60 55.66 2.74 -30.00
N ALA H 61 56.81 2.22 -30.42
CA ALA H 61 57.60 1.38 -29.53
C ALA H 61 58.01 2.12 -28.27
N ALA H 62 58.35 3.40 -28.39
CA ALA H 62 58.75 4.18 -27.22
C ALA H 62 57.59 4.34 -26.24
N GLU H 63 56.39 4.65 -26.74
CA GLU H 63 55.25 4.81 -25.86
C GLU H 63 54.93 3.51 -25.12
N LEU H 64 54.98 2.38 -25.83
CA LEU H 64 54.69 1.11 -25.19
C LEU H 64 55.66 0.80 -24.08
N ASP H 65 56.91 1.26 -24.20
CA ASP H 65 57.90 1.01 -23.16
C ASP H 65 57.65 1.87 -21.92
N SER H 66 57.23 3.11 -22.12
CA SER H 66 56.96 3.99 -20.98
C SER H 66 55.86 3.42 -20.09
N LEU H 67 54.94 2.65 -20.66
CA LEU H 67 53.91 2.01 -19.85
C LEU H 67 54.53 1.00 -18.88
N MET H 68 55.51 0.22 -19.35
CA MET H 68 56.11 -0.79 -18.50
C MET H 68 57.08 -0.20 -17.49
N VAL H 69 57.57 1.02 -17.72
CA VAL H 69 58.34 1.70 -16.69
C VAL H 69 57.44 2.11 -15.53
N VAL H 70 56.22 2.54 -15.83
CA VAL H 70 55.26 2.85 -14.77
C VAL H 70 54.95 1.60 -13.95
N VAL H 71 54.72 0.48 -14.61
CA VAL H 71 54.35 -0.74 -13.91
C VAL H 71 55.50 -1.22 -13.03
N ALA H 72 56.73 -1.03 -13.47
CA ALA H 72 57.89 -1.53 -12.74
C ALA H 72 58.30 -0.63 -11.58
N ASN H 73 57.91 0.65 -11.59
CA ASN H 73 58.28 1.59 -10.53
C ASN H 73 57.06 2.42 -10.13
N PRO H 74 56.03 1.78 -9.59
CA PRO H 74 54.81 2.53 -9.25
C PRO H 74 55.05 3.66 -8.25
N ARG H 75 55.90 3.45 -7.26
CA ARG H 75 56.10 4.48 -6.24
C ARG H 75 56.78 5.72 -6.82
N GLN H 76 57.61 5.54 -7.85
CA GLN H 76 58.26 6.69 -8.48
C GLN H 76 57.23 7.59 -9.16
N PHE H 77 56.16 7.02 -9.69
CA PHE H 77 55.09 7.79 -10.32
C PHE H 77 53.99 8.17 -9.34
N LYS H 78 54.19 7.91 -8.05
CA LYS H 78 53.27 8.30 -6.98
C LYS H 78 52.00 7.47 -6.95
N ILE H 79 52.03 6.26 -7.49
CA ILE H 79 50.94 5.32 -7.33
C ILE H 79 50.98 4.84 -5.88
N PRO H 80 49.89 4.97 -5.12
CA PRO H 80 49.96 4.67 -3.69
C PRO H 80 50.15 3.18 -3.42
N ASP H 81 50.55 2.90 -2.17
CA ASP H 81 50.85 1.52 -1.79
C ASP H 81 49.59 0.65 -1.81
N TRP H 82 48.45 1.20 -1.40
CA TRP H 82 47.24 0.40 -1.33
C TRP H 82 46.74 -0.05 -2.69
N PHE H 83 47.32 0.45 -3.77
CA PHE H 83 46.89 0.15 -5.12
C PHE H 83 47.65 -1.02 -5.74
N LEU H 84 48.55 -1.66 -5.00
CA LEU H 84 49.47 -2.66 -5.55
C LEU H 84 49.05 -4.06 -5.13
N ASN H 85 49.37 -5.03 -5.99
CA ASN H 85 48.97 -6.42 -5.76
C ASN H 85 49.98 -7.18 -4.92
N ARG H 86 51.10 -6.57 -4.53
CA ARG H 86 52.05 -7.18 -3.60
C ARG H 86 52.41 -6.11 -2.58
N GLN H 87 51.64 -6.05 -1.51
CA GLN H 87 51.83 -5.05 -0.47
C GLN H 87 52.53 -5.69 0.73
N LYS H 88 53.64 -5.09 1.16
CA LYS H 88 54.35 -5.52 2.36
C LYS H 88 54.75 -6.99 2.24
N ASP H 89 55.64 -7.24 1.28
CA ASP H 89 56.04 -8.59 0.95
C ASP H 89 56.53 -9.34 2.18
N TYR H 90 56.31 -10.66 2.19
CA TYR H 90 56.65 -11.46 3.35
C TYR H 90 58.15 -11.44 3.63
N LYS H 91 58.97 -11.52 2.59
CA LYS H 91 60.42 -11.62 2.76
C LYS H 91 61.06 -10.23 2.86
N ASP H 92 60.81 -9.36 1.89
CA ASP H 92 61.48 -8.08 1.82
C ASP H 92 60.73 -6.97 2.55
N GLY H 93 59.41 -7.08 2.69
CA GLY H 93 58.60 -6.02 3.23
C GLY H 93 58.30 -4.90 2.27
N LYS H 94 58.65 -5.05 1.00
CA LYS H 94 58.50 -3.99 0.01
C LYS H 94 57.12 -4.05 -0.65
N PHE H 95 56.74 -2.94 -1.26
CA PHE H 95 55.50 -2.82 -2.00
C PHE H 95 55.83 -2.76 -3.49
N SER H 96 55.12 -3.54 -4.29
CA SER H 96 55.42 -3.62 -5.71
C SER H 96 54.22 -4.20 -6.45
N GLN H 97 54.26 -4.04 -7.77
CA GLN H 97 53.31 -4.69 -8.67
C GLN H 97 54.06 -5.79 -9.42
N VAL H 98 53.66 -7.04 -9.19
CA VAL H 98 54.32 -8.20 -9.79
C VAL H 98 53.44 -8.69 -10.93
N THR H 99 54.06 -8.98 -12.06
CA THR H 99 53.34 -9.32 -13.28
C THR H 99 54.01 -10.51 -13.97
N SER H 100 53.22 -11.18 -14.80
CA SER H 100 53.70 -12.26 -15.69
C SER H 100 54.33 -13.34 -14.82
N ASN H 101 55.55 -13.81 -15.13
CA ASN H 101 56.12 -14.94 -14.42
C ASN H 101 56.44 -14.61 -12.97
N ALA H 102 56.84 -13.36 -12.70
CA ALA H 102 57.12 -12.98 -11.32
C ALA H 102 55.89 -13.17 -10.44
N LEU H 103 54.70 -12.89 -10.99
CA LEU H 103 53.47 -13.15 -10.26
C LEU H 103 53.26 -14.65 -10.04
N ASP H 104 53.55 -15.45 -11.07
CA ASP H 104 53.42 -16.90 -10.93
C ASP H 104 54.42 -17.46 -9.92
N MET H 105 55.64 -16.93 -9.89
CA MET H 105 56.60 -17.36 -8.89
C MET H 105 56.16 -16.97 -7.49
N LYS H 106 55.57 -15.78 -7.34
CA LYS H 106 55.11 -15.34 -6.03
C LYS H 106 54.02 -16.28 -5.49
N LEU H 107 53.08 -16.67 -6.34
CA LEU H 107 52.03 -17.59 -5.90
C LEU H 107 52.61 -18.94 -5.52
N ARG H 108 53.61 -19.41 -6.28
CA ARG H 108 54.25 -20.68 -5.96
C ARG H 108 54.96 -20.61 -4.61
N ASP H 109 55.61 -19.49 -4.31
CA ASP H 109 56.31 -19.38 -3.03
C ASP H 109 55.34 -19.28 -1.86
N ASP H 110 54.18 -18.67 -2.06
CA ASP H 110 53.19 -18.59 -0.98
C ASP H 110 52.74 -19.97 -0.56
N LEU H 111 52.41 -20.83 -1.53
CA LEU H 111 51.88 -22.14 -1.20
C LEU H 111 52.97 -23.07 -0.67
N GLU H 112 54.18 -22.97 -1.23
CA GLU H 112 55.27 -23.80 -0.73
C GLU H 112 55.61 -23.46 0.70
N ARG H 113 55.57 -22.17 1.06
CA ARG H 113 55.84 -21.79 2.44
C ARG H 113 54.83 -22.40 3.39
N LEU H 114 53.54 -22.32 3.05
CA LEU H 114 52.51 -22.87 3.91
C LEU H 114 52.60 -24.38 4.00
N LYS H 115 52.86 -25.04 2.87
CA LYS H 115 52.97 -26.49 2.87
C LYS H 115 54.19 -26.94 3.65
N LYS H 116 55.29 -26.19 3.56
CA LYS H 116 56.52 -26.58 4.23
C LYS H 116 56.35 -26.62 5.75
N ILE H 117 55.67 -25.63 6.32
CA ILE H 117 55.40 -25.63 7.75
C ILE H 117 54.19 -26.47 8.12
N ARG H 118 53.59 -27.17 7.16
CA ARG H 118 52.40 -27.98 7.39
C ARG H 118 51.27 -27.13 7.96
N ASN H 119 51.10 -25.93 7.41
CA ASN H 119 49.99 -25.07 7.75
C ASN H 119 48.69 -25.68 7.23
N HIS H 120 47.60 -25.47 7.97
CA HIS H 120 46.33 -26.04 7.58
C HIS H 120 45.92 -25.59 6.18
N ARG H 121 46.04 -24.29 5.91
CA ARG H 121 45.72 -23.79 4.57
C ARG H 121 46.62 -24.41 3.52
N GLY H 122 47.91 -24.55 3.84
CA GLY H 122 48.82 -25.19 2.90
C GLY H 122 48.45 -26.62 2.61
N LEU H 123 48.02 -27.36 3.64
CA LEU H 123 47.64 -28.75 3.44
C LEU H 123 46.41 -28.87 2.55
N ARG H 124 45.43 -27.99 2.71
CA ARG H 124 44.24 -28.05 1.88
C ARG H 124 44.56 -27.66 0.43
N HIS H 125 45.52 -26.76 0.24
CA HIS H 125 46.02 -26.52 -1.12
C HIS H 125 46.63 -27.79 -1.69
N TYR H 126 47.40 -28.51 -0.89
CA TYR H 126 48.05 -29.72 -1.35
C TYR H 126 47.04 -30.82 -1.67
N TRP H 127 45.98 -30.94 -0.86
CA TRP H 127 44.95 -31.93 -1.09
C TRP H 127 43.96 -31.53 -2.18
N GLY H 128 44.06 -30.32 -2.70
CA GLY H 128 43.13 -29.88 -3.73
C GLY H 128 41.77 -29.48 -3.23
N LEU H 129 41.64 -29.17 -1.94
CA LEU H 129 40.38 -28.79 -1.33
C LEU H 129 40.26 -27.27 -1.24
N ARG H 130 39.05 -26.81 -0.93
CA ARG H 130 38.81 -25.39 -0.74
C ARG H 130 39.46 -24.92 0.55
N VAL H 131 39.96 -23.69 0.54
CA VAL H 131 40.76 -23.16 1.65
C VAL H 131 40.10 -21.98 2.35
N ARG H 132 38.99 -21.46 1.83
CA ARG H 132 38.39 -20.24 2.36
C ARG H 132 37.10 -20.52 3.13
N GLY H 133 37.01 -21.68 3.78
CA GLY H 133 35.91 -21.96 4.68
C GLY H 133 34.61 -22.35 4.01
N GLN H 134 34.62 -22.64 2.72
CA GLN H 134 33.40 -23.00 2.02
C GLN H 134 32.96 -24.41 2.41
N HIS H 135 31.64 -24.61 2.48
CA HIS H 135 31.10 -25.96 2.56
C HIS H 135 31.48 -26.73 1.30
N THR H 136 31.84 -28.00 1.47
CA THR H 136 32.26 -28.84 0.37
C THR H 136 31.35 -30.02 0.12
N LYS H 137 30.27 -30.15 0.89
CA LYS H 137 29.41 -31.33 0.77
C LYS H 137 28.75 -31.39 -0.61
N THR H 138 28.31 -30.25 -1.14
CA THR H 138 27.44 -30.23 -2.30
C THR H 138 28.00 -29.52 -3.52
N THR H 139 28.93 -28.59 -3.37
CA THR H 139 29.44 -27.81 -4.48
C THR H 139 30.88 -28.21 -4.80
N GLY H 140 31.38 -27.72 -5.93
CA GLY H 140 32.73 -28.01 -6.34
C GLY H 140 32.97 -29.44 -6.75
N ARG H 141 31.93 -30.14 -7.22
CA ARG H 141 32.05 -31.54 -7.61
C ARG H 141 32.48 -31.58 -9.07
N ARG H 142 33.77 -31.79 -9.30
CA ARG H 142 34.33 -31.83 -10.64
C ARG H 142 35.32 -32.98 -10.78
N GLY H 143 35.12 -34.04 -9.98
CA GLY H 143 36.00 -35.19 -10.00
C GLY H 143 35.25 -36.49 -9.74
N PRO I 3 11.53 35.96 -21.92
CA PRO I 3 11.64 35.45 -20.55
C PRO I 3 13.06 35.60 -19.98
N ALA I 4 13.21 35.30 -18.69
CA ALA I 4 14.50 35.40 -18.00
C ALA I 4 14.73 34.08 -17.28
N ARG I 5 15.62 33.26 -17.82
CA ARG I 5 15.78 31.90 -17.34
C ARG I 5 16.69 31.83 -16.12
N SER I 6 16.31 31.00 -15.17
CA SER I 6 17.10 30.66 -13.99
C SER I 6 17.40 29.17 -14.03
N VAL I 7 17.98 28.65 -12.95
CA VAL I 7 18.37 27.25 -12.92
C VAL I 7 17.19 26.35 -13.23
N LYS I 8 16.05 26.59 -12.57
CA LYS I 8 14.89 25.73 -12.77
C LYS I 8 14.32 25.80 -14.17
N ASP I 9 14.62 26.85 -14.93
CA ASP I 9 14.06 27.03 -16.26
C ASP I 9 14.85 26.35 -17.36
N VAL I 10 16.01 25.77 -17.04
CA VAL I 10 16.87 25.14 -18.03
C VAL I 10 17.02 23.66 -17.70
N SER I 11 17.35 22.88 -18.72
CA SER I 11 17.53 21.45 -18.54
C SER I 11 18.69 21.19 -17.58
N PRO I 12 18.53 20.31 -16.60
CA PRO I 12 19.66 20.02 -15.69
C PRO I 12 20.89 19.48 -16.40
N HIS I 13 20.71 18.69 -17.46
CA HIS I 13 21.87 18.16 -18.18
C HIS I 13 22.66 19.28 -18.83
N ASP I 14 21.96 20.20 -19.51
CA ASP I 14 22.64 21.31 -20.17
C ASP I 14 23.31 22.21 -19.14
N PHE I 15 22.66 22.47 -18.02
CA PHE I 15 23.21 23.40 -17.04
C PHE I 15 24.51 22.87 -16.44
N VAL I 16 24.54 21.59 -16.07
CA VAL I 16 25.73 21.04 -15.42
C VAL I 16 26.92 21.10 -16.35
N LYS I 17 26.71 20.83 -17.64
CA LYS I 17 27.79 20.95 -18.61
C LYS I 17 28.29 22.39 -18.68
N ALA I 18 27.37 23.36 -18.72
CA ALA I 18 27.78 24.75 -18.85
C ALA I 18 28.46 25.26 -17.59
N TYR I 19 27.93 24.91 -16.42
CA TYR I 19 28.51 25.38 -15.18
C TYR I 19 29.81 24.68 -14.85
N ALA I 20 29.97 23.43 -15.27
CA ALA I 20 31.24 22.75 -15.08
C ALA I 20 32.34 23.40 -15.91
N ALA I 21 32.04 23.76 -17.16
CA ALA I 21 33.00 24.49 -17.98
C ALA I 21 33.28 25.87 -17.41
N HIS I 22 32.35 26.43 -16.64
CA HIS I 22 32.54 27.71 -15.98
C HIS I 22 33.47 27.61 -14.78
N LEU I 23 33.33 26.55 -13.98
CA LEU I 23 34.20 26.37 -12.82
C LEU I 23 35.64 26.08 -13.24
N LYS I 24 35.81 25.21 -14.24
CA LYS I 24 37.15 24.93 -14.73
C LYS I 24 37.79 26.18 -15.32
N ARG I 25 37.01 26.96 -16.05
CA ARG I 25 37.50 28.17 -16.70
C ARG I 25 37.93 29.23 -15.71
N SER I 26 37.35 29.24 -14.50
CA SER I 26 37.72 30.26 -13.51
C SER I 26 39.08 29.98 -12.90
N GLY I 27 39.47 28.71 -12.76
CA GLY I 27 40.74 28.38 -12.17
C GLY I 27 40.81 28.54 -10.67
N LYS I 28 39.66 28.56 -9.99
CA LYS I 28 39.63 28.74 -8.55
C LYS I 28 39.57 27.42 -7.79
N LEU I 29 39.00 26.37 -8.38
CA LEU I 29 39.02 25.06 -7.74
C LEU I 29 40.42 24.47 -7.79
N GLU I 30 40.89 23.96 -6.65
CA GLU I 30 42.19 23.31 -6.55
C GLU I 30 41.96 21.80 -6.43
N LEU I 31 42.17 21.09 -7.54
CA LEU I 31 41.93 19.66 -7.54
C LEU I 31 42.93 18.95 -6.64
N PRO I 32 42.50 17.91 -5.90
CA PRO I 32 43.42 17.19 -5.03
C PRO I 32 44.37 16.32 -5.82
N GLU I 33 45.33 15.74 -5.10
CA GLU I 33 46.35 14.91 -5.74
C GLU I 33 45.74 13.63 -6.31
N TRP I 34 44.70 13.11 -5.68
CA TRP I 34 44.18 11.78 -6.01
C TRP I 34 43.02 11.81 -7.00
N THR I 35 42.85 12.90 -7.74
CA THR I 35 41.73 13.00 -8.68
C THR I 35 41.79 11.89 -9.72
N ASP I 36 42.98 11.61 -10.27
CA ASP I 36 43.11 10.65 -11.35
C ASP I 36 43.14 9.20 -10.88
N ILE I 37 43.20 8.95 -9.58
CA ILE I 37 43.45 7.60 -9.07
C ILE I 37 42.17 6.97 -8.56
N VAL I 38 41.32 7.77 -7.91
CA VAL I 38 40.24 7.23 -7.09
C VAL I 38 39.02 6.89 -7.94
N LYS I 39 38.13 6.08 -7.36
CA LYS I 39 36.77 5.92 -7.84
C LYS I 39 35.85 6.79 -6.98
N THR I 40 34.61 6.92 -7.41
CA THR I 40 33.63 7.71 -6.67
C THR I 40 32.80 6.88 -5.71
N GLY I 41 33.36 5.82 -5.16
CA GLY I 41 32.69 4.96 -4.21
C GLY I 41 33.07 3.50 -4.43
N LYS I 42 32.92 2.71 -3.37
CA LYS I 42 33.25 1.29 -3.47
C LYS I 42 32.26 0.54 -4.34
N LEU I 43 31.10 1.15 -4.63
CA LEU I 43 30.12 0.51 -5.50
C LEU I 43 30.59 0.50 -6.95
N LYS I 44 31.57 1.33 -7.30
CA LYS I 44 32.04 1.42 -8.67
C LYS I 44 33.07 0.35 -8.96
N GLU I 45 33.16 -0.03 -10.24
CA GLU I 45 34.24 -0.91 -10.69
C GLU I 45 35.46 -0.13 -11.14
N LEU I 46 35.26 0.96 -11.88
CA LEU I 46 36.34 1.71 -12.49
C LEU I 46 36.26 3.17 -12.09
N ALA I 47 37.35 3.88 -12.33
CA ALA I 47 37.37 5.33 -12.15
C ALA I 47 36.54 6.01 -13.23
N PRO I 48 36.13 7.26 -13.00
CA PRO I 48 35.30 7.95 -13.99
C PRO I 48 36.02 8.09 -15.33
N TYR I 49 35.23 8.00 -16.40
CA TYR I 49 35.79 8.10 -17.75
C TYR I 49 36.14 9.53 -18.11
N ASP I 50 35.38 10.50 -17.63
CA ASP I 50 35.57 11.88 -18.05
C ASP I 50 36.80 12.47 -17.36
N PRO I 51 37.74 13.06 -18.10
CA PRO I 51 38.88 13.70 -17.44
C PRO I 51 38.47 14.82 -16.49
N ASP I 52 37.40 15.56 -16.80
CA ASP I 52 36.94 16.66 -15.98
C ASP I 52 35.81 16.26 -15.04
N TRP I 53 35.83 15.01 -14.57
CA TRP I 53 34.74 14.53 -13.72
C TRP I 53 34.64 15.34 -12.44
N TYR I 54 35.75 15.86 -11.94
CA TYR I 54 35.73 16.62 -10.70
C TYR I 54 34.92 17.90 -10.85
N TYR I 55 35.13 18.62 -11.96
CA TYR I 55 34.36 19.84 -12.19
C TYR I 55 32.89 19.52 -12.43
N ILE I 56 32.61 18.43 -13.13
CA ILE I 56 31.22 18.02 -13.36
C ILE I 56 30.54 17.70 -12.04
N ARG I 57 31.22 16.98 -11.16
CA ARG I 57 30.64 16.66 -9.86
C ARG I 57 30.44 17.92 -9.03
N ALA I 58 31.41 18.84 -9.06
CA ALA I 58 31.27 20.08 -8.30
C ALA I 58 30.11 20.92 -8.82
N ALA I 59 29.94 20.97 -10.14
CA ALA I 59 28.81 21.69 -10.70
C ALA I 59 27.49 21.05 -10.31
N SER I 60 27.43 19.71 -10.29
CA SER I 60 26.22 19.02 -9.88
C SER I 60 25.90 19.29 -8.41
N MET I 61 26.92 19.26 -7.55
CA MET I 61 26.68 19.49 -6.14
C MET I 61 26.26 20.93 -5.86
N ALA I 62 26.78 21.89 -6.62
CA ALA I 62 26.35 23.28 -6.46
C ALA I 62 24.89 23.44 -6.85
N ARG I 63 24.45 22.78 -7.93
CA ARG I 63 23.06 22.90 -8.35
C ARG I 63 22.11 22.31 -7.31
N LYS I 64 22.53 21.26 -6.61
CA LYS I 64 21.67 20.65 -5.60
C LYS I 64 21.60 21.49 -4.33
N ILE I 65 22.71 22.12 -3.93
CA ILE I 65 22.67 23.03 -2.80
C ILE I 65 21.83 24.25 -3.13
N TYR I 66 21.87 24.70 -4.38
CA TYR I 66 21.02 25.79 -4.82
C TYR I 66 19.54 25.44 -4.66
N LEU I 67 19.17 24.21 -5.04
CA LEU I 67 17.77 23.79 -4.98
C LEU I 67 17.32 23.46 -3.56
N ARG I 68 18.22 23.01 -2.69
CA ARG I 68 17.84 22.62 -1.34
C ARG I 68 19.01 22.85 -0.40
N GLY I 69 18.79 23.59 0.67
CA GLY I 69 19.81 23.83 1.66
C GLY I 69 19.78 22.79 2.77
N GLY I 70 20.91 22.69 3.47
CA GLY I 70 21.03 21.80 4.60
C GLY I 70 21.63 20.45 4.31
N ILE I 71 22.03 20.18 3.07
CA ILE I 71 22.61 18.89 2.73
C ILE I 71 24.05 18.83 3.22
N GLY I 72 24.40 17.77 3.94
CA GLY I 72 25.75 17.54 4.40
C GLY I 72 26.49 16.54 3.53
N VAL I 73 27.67 16.15 4.01
CA VAL I 73 28.48 15.19 3.29
C VAL I 73 27.77 13.84 3.23
N GLY I 74 27.20 13.41 4.35
CA GLY I 74 26.45 12.16 4.37
C GLY I 74 25.29 12.16 3.40
N GLY I 75 24.60 13.29 3.27
CA GLY I 75 23.53 13.40 2.30
C GLY I 75 24.01 13.27 0.87
N PHE I 76 25.19 13.79 0.57
CA PHE I 76 25.74 13.69 -0.77
C PHE I 76 26.27 12.28 -1.06
N ARG I 77 26.75 11.58 -0.05
CA ARG I 77 27.15 10.19 -0.25
C ARG I 77 25.97 9.35 -0.70
N ARG I 78 24.78 9.60 -0.12
CA ARG I 78 23.57 8.91 -0.57
C ARG I 78 23.16 9.36 -1.97
N ILE I 79 23.26 10.66 -2.26
CA ILE I 79 22.76 11.18 -3.53
C ILE I 79 23.52 10.58 -4.70
N TYR I 80 24.82 10.39 -4.56
CA TYR I 80 25.64 9.82 -5.63
C TYR I 80 25.94 8.35 -5.41
N GLY I 81 25.32 7.72 -4.41
CA GLY I 81 25.40 6.29 -4.25
C GLY I 81 24.55 5.58 -5.28
N GLY I 82 24.38 4.28 -5.07
CA GLY I 82 23.61 3.49 -6.01
C GLY I 82 23.69 2.02 -5.65
N ASN I 83 23.45 1.18 -6.66
CA ASN I 83 23.47 -0.26 -6.48
C ASN I 83 24.90 -0.77 -6.53
N GLN I 84 25.28 -1.57 -5.52
CA GLN I 84 26.53 -2.29 -5.55
C GLN I 84 26.25 -3.75 -5.92
N ARG I 85 27.04 -4.28 -6.85
CA ARG I 85 26.95 -5.68 -7.22
C ARG I 85 27.89 -6.50 -6.34
N ASN I 86 27.41 -7.66 -5.88
CA ASN I 86 28.13 -8.49 -4.93
C ASN I 86 28.39 -9.88 -5.48
N GLY I 87 28.81 -9.95 -6.74
CA GLY I 87 29.11 -11.24 -7.35
C GLY I 87 27.88 -12.10 -7.54
N SER I 88 27.82 -13.22 -6.85
CA SER I 88 26.69 -14.14 -6.92
C SER I 88 25.59 -13.82 -5.93
N ARG I 89 25.71 -12.71 -5.21
CA ARG I 89 24.72 -12.29 -4.24
C ARG I 89 23.92 -11.11 -4.78
N PRO I 90 22.74 -10.86 -4.21
CA PRO I 90 21.89 -9.77 -4.73
C PRO I 90 22.53 -8.40 -4.53
N ARG I 91 22.08 -7.45 -5.35
CA ARG I 91 22.53 -6.07 -5.26
C ARG I 91 21.86 -5.36 -4.09
N HIS I 92 22.58 -4.40 -3.51
CA HIS I 92 22.06 -3.58 -2.42
C HIS I 92 22.61 -2.17 -2.55
N PHE I 93 21.92 -1.23 -1.93
CA PHE I 93 22.33 0.17 -2.00
C PHE I 93 23.64 0.40 -1.28
N CYS I 94 24.49 1.24 -1.88
CA CYS I 94 25.79 1.56 -1.32
C CYS I 94 26.01 3.07 -1.40
N LYS I 95 26.71 3.61 -0.41
CA LYS I 95 27.06 5.02 -0.41
C LYS I 95 28.29 5.29 -1.27
N SER I 96 28.41 6.54 -1.72
CA SER I 96 29.55 6.96 -2.52
C SER I 96 30.62 7.55 -1.61
N SER I 97 31.67 8.09 -2.22
CA SER I 97 32.84 8.53 -1.47
C SER I 97 32.56 9.80 -0.68
N GLY I 98 32.99 9.82 0.58
CA GLY I 98 32.88 11.02 1.38
C GLY I 98 33.99 12.02 1.18
N SER I 99 35.20 11.54 0.86
CA SER I 99 36.31 12.46 0.60
C SER I 99 36.07 13.30 -0.64
N VAL I 100 35.49 12.71 -1.68
CA VAL I 100 35.18 13.49 -2.87
C VAL I 100 34.14 14.56 -2.57
N ALA I 101 33.08 14.18 -1.84
CA ALA I 101 32.04 15.14 -1.49
C ALA I 101 32.58 16.23 -0.58
N ARG I 102 33.34 15.85 0.45
CA ARG I 102 33.82 16.83 1.42
C ARG I 102 34.80 17.80 0.77
N HIS I 103 35.70 17.30 -0.06
CA HIS I 103 36.69 18.16 -0.71
C HIS I 103 36.01 19.17 -1.62
N ILE I 104 35.01 18.73 -2.39
CA ILE I 104 34.31 19.63 -3.30
C ILE I 104 33.56 20.70 -2.53
N LEU I 105 32.91 20.32 -1.42
CA LEU I 105 32.19 21.31 -0.62
C LEU I 105 33.13 22.35 -0.03
N GLN I 106 34.31 21.92 0.43
CA GLN I 106 35.27 22.85 0.99
C GLN I 106 35.86 23.78 -0.07
N GLN I 107 35.84 23.38 -1.34
CA GLN I 107 36.33 24.26 -2.39
C GLN I 107 35.26 25.27 -2.79
N LEU I 108 34.03 24.83 -2.99
CA LEU I 108 32.95 25.74 -3.32
C LEU I 108 32.74 26.77 -2.21
N GLN I 109 33.09 26.43 -0.98
CA GLN I 109 32.94 27.37 0.13
C GLN I 109 34.02 28.44 0.12
N THR I 110 35.24 28.10 -0.28
CA THR I 110 36.28 29.13 -0.44
C THR I 110 35.97 30.02 -1.64
N MET I 111 35.33 29.47 -2.67
CA MET I 111 34.84 30.30 -3.77
C MET I 111 33.65 31.17 -3.37
N ASN I 112 33.12 30.96 -2.16
CA ASN I 112 31.97 31.72 -1.67
C ASN I 112 30.70 31.43 -2.47
N ILE I 113 30.56 30.20 -2.96
CA ILE I 113 29.32 29.78 -3.59
C ILE I 113 28.36 29.20 -2.55
N ILE I 114 28.88 28.61 -1.48
CA ILE I 114 28.08 28.04 -0.42
C ILE I 114 28.68 28.42 0.92
N ASP I 115 27.89 28.28 1.97
CA ASP I 115 28.36 28.53 3.32
C ASP I 115 27.68 27.55 4.27
N PHE I 116 28.03 27.64 5.54
CA PHE I 116 27.46 26.76 6.56
C PHE I 116 26.05 27.20 6.89
N ASP I 117 25.10 26.28 6.74
CA ASP I 117 23.75 26.53 7.21
C ASP I 117 23.72 26.47 8.73
N PRO I 118 23.04 27.40 9.41
CA PRO I 118 23.01 27.35 10.87
C PRO I 118 22.42 26.05 11.42
N LYS I 119 21.47 25.44 10.72
CA LYS I 119 20.85 24.20 11.16
C LYS I 119 21.67 22.97 10.79
N GLY I 120 22.79 23.14 10.09
CA GLY I 120 23.61 22.03 9.66
C GLY I 120 23.67 21.91 8.16
N GLY I 121 24.76 21.35 7.64
CA GLY I 121 24.91 21.22 6.22
C GLY I 121 25.44 22.49 5.56
N ARG I 122 25.20 22.58 4.25
CA ARG I 122 25.69 23.69 3.45
C ARG I 122 24.51 24.44 2.85
N ARG I 123 24.68 25.74 2.65
CA ARG I 123 23.64 26.60 2.11
C ARG I 123 24.22 27.48 1.01
N ILE I 124 23.42 27.72 -0.02
CA ILE I 124 23.84 28.59 -1.11
C ILE I 124 23.89 30.03 -0.62
N THR I 125 24.91 30.77 -1.05
CA THR I 125 25.05 32.17 -0.69
C THR I 125 24.40 33.05 -1.76
N SER I 126 24.36 34.35 -1.48
CA SER I 126 23.84 35.30 -2.45
C SER I 126 24.72 35.33 -3.70
N ASN I 127 26.04 35.30 -3.51
CA ASN I 127 26.95 35.24 -4.66
C ASN I 127 26.77 33.94 -5.41
N GLY I 128 26.59 32.83 -4.70
CA GLY I 128 26.34 31.56 -5.36
C GLY I 128 25.09 31.59 -6.21
N GLN I 129 24.01 32.18 -5.69
CA GLN I 129 22.77 32.28 -6.45
C GLN I 129 22.97 33.07 -7.73
N ARG I 130 23.70 34.19 -7.64
CA ARG I 130 23.96 35.00 -8.83
C ARG I 130 24.79 34.22 -9.84
N ASP I 131 25.84 33.54 -9.37
CA ASP I 131 26.72 32.83 -10.29
C ASP I 131 25.98 31.75 -11.05
N LEU I 132 25.21 30.92 -10.34
CA LEU I 132 24.46 29.86 -11.02
C LEU I 132 23.39 30.45 -11.94
N ASP I 133 22.66 31.46 -11.48
CA ASP I 133 21.61 32.04 -12.31
C ASP I 133 22.16 32.70 -13.57
N GLN I 134 23.31 33.37 -13.47
CA GLN I 134 23.88 34.02 -14.64
C GLN I 134 24.29 33.00 -15.69
N VAL I 135 24.88 31.87 -15.26
CA VAL I 135 25.27 30.83 -16.21
C VAL I 135 24.05 30.25 -16.90
N ALA I 136 22.98 30.00 -16.15
CA ALA I 136 21.78 29.44 -16.75
C ALA I 136 21.17 30.39 -17.78
N GLY I 137 21.29 31.70 -17.55
CA GLY I 137 20.75 32.65 -18.51
C GLY I 137 21.49 32.68 -19.82
N ARG I 138 22.77 32.33 -19.81
CA ARG I 138 23.58 32.34 -21.02
C ARG I 138 23.45 31.08 -21.86
N ILE I 139 22.85 30.02 -21.31
CA ILE I 139 22.63 28.82 -22.10
C ILE I 139 21.68 29.12 -23.25
N SER I 140 22.03 28.64 -24.44
CA SER I 140 21.16 28.84 -25.59
C SER I 140 19.88 28.02 -25.44
N ALA I 141 18.79 28.58 -25.94
CA ALA I 141 17.49 27.91 -25.86
C ALA I 141 17.52 26.64 -26.71
N ALA I 142 17.31 25.50 -26.07
CA ALA I 142 17.36 24.21 -26.77
C ALA I 142 16.46 23.19 -26.08
N MET J 20 -0.16 34.70 32.43
CA MET J 20 -1.31 34.20 33.18
C MET J 20 -1.90 32.97 32.49
N ILE J 21 -2.10 33.08 31.18
CA ILE J 21 -2.68 32.00 30.39
C ILE J 21 -1.55 31.29 29.65
N HIS J 22 -1.50 29.95 29.78
CA HIS J 22 -0.45 29.15 29.19
C HIS J 22 -1.06 28.03 28.36
N LYS J 23 -0.31 27.60 27.35
CA LYS J 23 -0.74 26.50 26.48
C LYS J 23 -0.34 25.19 27.12
N ILE J 24 -1.31 24.48 27.68
CA ILE J 24 -1.09 23.20 28.34
C ILE J 24 -1.43 22.10 27.36
N ARG J 25 -0.55 21.10 27.26
CA ARG J 25 -0.71 19.99 26.33
C ARG J 25 -1.14 18.75 27.11
N ILE J 26 -2.20 18.11 26.66
CA ILE J 26 -2.67 16.85 27.23
C ILE J 26 -2.57 15.78 26.15
N THR J 27 -1.93 14.67 26.49
CA THR J 27 -1.73 13.56 25.56
C THR J 27 -2.47 12.35 26.09
N LEU J 28 -3.28 11.73 25.23
CA LEU J 28 -4.03 10.54 25.56
C LEU J 28 -3.62 9.39 24.64
N SER J 29 -3.41 8.22 25.24
CA SER J 29 -3.04 7.02 24.50
C SER J 29 -3.90 5.86 24.96
N SER J 30 -4.26 4.98 24.03
CA SER J 30 -5.11 3.85 24.36
C SER J 30 -5.12 2.86 23.21
N LYS J 31 -5.45 1.61 23.54
CA LYS J 31 -5.72 0.59 22.52
C LYS J 31 -7.17 0.59 22.08
N ASN J 32 -8.07 1.13 22.91
CA ASN J 32 -9.50 1.12 22.65
C ASN J 32 -9.88 2.49 22.09
N VAL J 33 -10.38 2.51 20.85
CA VAL J 33 -10.72 3.78 20.20
C VAL J 33 -11.91 4.42 20.89
N LYS J 34 -12.96 3.64 21.16
CA LYS J 34 -14.18 4.21 21.72
C LYS J 34 -13.91 4.84 23.08
N ASN J 35 -13.15 4.16 23.93
CA ASN J 35 -12.79 4.75 25.23
C ASN J 35 -11.94 5.99 25.05
N LEU J 36 -11.01 5.97 24.10
CA LEU J 36 -10.16 7.13 23.88
C LEU J 36 -10.98 8.31 23.38
N GLU J 37 -11.86 8.08 22.39
CA GLU J 37 -12.71 9.14 21.88
C GLU J 37 -13.69 9.64 22.94
N LYS J 38 -14.12 8.77 23.85
CA LYS J 38 -15.03 9.20 24.91
C LYS J 38 -14.34 10.14 25.87
N VAL J 39 -13.10 9.83 26.26
CA VAL J 39 -12.39 10.70 27.18
C VAL J 39 -12.02 12.02 26.52
N CYS J 40 -11.67 11.99 25.23
CA CYS J 40 -11.34 13.23 24.53
C CYS J 40 -12.54 14.17 24.49
N ALA J 41 -13.72 13.63 24.21
CA ALA J 41 -14.92 14.46 24.20
C ALA J 41 -15.23 15.02 25.59
N ASP J 42 -15.02 14.21 26.63
CA ASP J 42 -15.28 14.68 27.99
C ASP J 42 -14.35 15.82 28.38
N LEU J 43 -13.13 15.85 27.83
CA LEU J 43 -12.20 16.92 28.16
C LEU J 43 -12.48 18.17 27.36
N VAL J 44 -12.71 18.04 26.06
CA VAL J 44 -13.04 19.21 25.25
C VAL J 44 -14.35 19.84 25.71
N ARG J 45 -15.37 19.01 25.92
CA ARG J 45 -16.64 19.52 26.41
C ARG J 45 -16.51 20.05 27.83
N GLY J 46 -15.64 19.44 28.65
CA GLY J 46 -15.41 19.94 30.00
C GLY J 46 -14.65 21.25 30.03
N ALA J 47 -13.91 21.56 28.97
CA ALA J 47 -13.20 22.83 28.88
C ALA J 47 -14.03 23.91 28.19
N LYS J 48 -14.89 23.52 27.24
CA LYS J 48 -15.80 24.49 26.64
C LYS J 48 -16.78 25.06 27.66
N ASP J 49 -17.05 24.34 28.74
CA ASP J 49 -17.90 24.88 29.79
C ASP J 49 -17.23 26.04 30.51
N LYS J 50 -15.92 25.99 30.68
CA LYS J 50 -15.16 27.06 31.28
C LYS J 50 -14.73 28.11 30.26
N ARG J 51 -15.18 27.99 29.01
CA ARG J 51 -14.90 28.98 27.97
C ARG J 51 -13.40 29.10 27.69
N LEU J 52 -12.65 28.05 27.98
CA LEU J 52 -11.23 28.03 27.65
C LEU J 52 -11.02 27.78 26.16
N ARG J 53 -9.96 28.35 25.62
CA ARG J 53 -9.58 28.07 24.24
C ARG J 53 -9.00 26.67 24.15
N VAL J 54 -9.47 25.89 23.19
CA VAL J 54 -9.10 24.49 23.07
C VAL J 54 -8.59 24.24 21.65
N LYS J 55 -7.44 23.61 21.53
CA LYS J 55 -6.89 23.17 20.27
C LYS J 55 -6.84 21.65 20.26
N GLY J 56 -7.66 21.03 19.43
CA GLY J 56 -7.69 19.59 19.34
C GLY J 56 -9.09 19.03 19.38
N PRO J 57 -9.20 17.70 19.53
CA PRO J 57 -8.08 16.77 19.66
C PRO J 57 -7.37 16.51 18.34
N VAL J 58 -6.05 16.41 18.38
CA VAL J 58 -5.25 16.08 17.21
C VAL J 58 -4.92 14.60 17.29
N ARG J 59 -5.25 13.87 16.23
CA ARG J 59 -5.08 12.42 16.20
C ARG J 59 -3.79 12.09 15.48
N MET J 60 -2.83 11.57 16.22
CA MET J 60 -1.59 11.12 15.61
C MET J 60 -1.83 9.85 14.79
N PRO J 61 -0.97 9.58 13.81
CA PRO J 61 -1.12 8.32 13.06
C PRO J 61 -1.07 7.12 13.98
N THR J 62 -1.91 6.12 13.69
CA THR J 62 -2.01 4.95 14.54
C THR J 62 -0.74 4.12 14.45
N LYS J 63 -0.20 3.73 15.60
CA LYS J 63 0.96 2.85 15.66
C LYS J 63 0.46 1.41 15.68
N VAL J 64 0.89 0.62 14.69
CA VAL J 64 0.48 -0.76 14.56
C VAL J 64 1.69 -1.62 14.89
N LEU J 65 1.80 -2.03 16.15
CA LEU J 65 2.77 -3.06 16.51
C LEU J 65 2.36 -4.38 15.85
N ASN J 66 3.35 -5.08 15.30
CA ASN J 66 3.06 -6.28 14.52
C ASN J 66 4.06 -7.37 14.87
N ILE J 67 3.54 -8.52 15.30
CA ILE J 67 4.33 -9.72 15.52
C ILE J 67 3.77 -10.81 14.62
N THR J 68 4.60 -11.32 13.73
CA THR J 68 4.23 -12.43 12.86
C THR J 68 5.03 -13.66 13.27
N THR J 69 4.34 -14.76 13.53
CA THR J 69 4.97 -15.91 14.15
C THR J 69 4.40 -17.18 13.53
N ARG J 70 5.20 -18.25 13.57
CA ARG J 70 4.76 -19.55 13.08
C ARG J 70 3.68 -20.11 13.99
N LYS J 71 2.58 -20.58 13.39
CA LYS J 71 1.50 -21.17 14.18
C LYS J 71 1.94 -22.47 14.85
N SER J 72 2.65 -23.32 14.12
CA SER J 72 3.02 -24.62 14.64
C SER J 72 4.01 -24.47 15.79
N PRO J 73 3.84 -25.22 16.88
CA PRO J 73 4.88 -25.23 17.93
C PRO J 73 6.10 -26.05 17.54
N CYS J 74 6.00 -26.85 16.49
CA CYS J 74 7.09 -27.60 15.90
C CYS J 74 7.26 -27.11 14.46
N GLY J 75 8.06 -27.81 13.68
CA GLY J 75 8.31 -27.40 12.31
C GLY J 75 7.64 -28.24 11.25
N GLU J 76 6.66 -29.05 11.62
CA GLU J 76 6.02 -29.97 10.69
C GLU J 76 4.76 -29.36 10.10
N GLY J 77 4.48 -29.72 8.86
CA GLY J 77 3.26 -29.30 8.18
C GLY J 77 3.49 -28.10 7.29
N THR J 78 2.40 -27.66 6.68
CA THR J 78 2.43 -26.42 5.92
C THR J 78 2.80 -25.26 6.83
N ASN J 79 3.68 -24.39 6.34
CA ASN J 79 4.19 -23.28 7.14
C ASN J 79 3.16 -22.17 7.14
N THR J 80 2.30 -22.16 8.16
CA THR J 80 1.28 -21.13 8.32
C THR J 80 1.73 -20.13 9.37
N TRP J 81 1.28 -18.88 9.20
CA TRP J 81 1.72 -17.78 10.03
C TRP J 81 0.53 -17.04 10.60
N ASP J 82 0.68 -16.59 11.84
CA ASP J 82 -0.29 -15.72 12.48
C ASP J 82 0.26 -14.30 12.49
N ARG J 83 -0.51 -13.35 11.97
CA ARG J 83 -0.15 -11.94 12.02
C ARG J 83 -0.88 -11.30 13.19
N PHE J 84 -0.14 -10.93 14.22
CA PHE J 84 -0.69 -10.33 15.43
C PHE J 84 -0.44 -8.82 15.41
N GLU J 85 -1.48 -8.05 15.69
CA GLU J 85 -1.40 -6.60 15.67
C GLU J 85 -1.91 -6.02 16.97
N LEU J 86 -1.19 -5.03 17.49
CA LEU J 86 -1.59 -4.29 18.69
C LEU J 86 -1.55 -2.79 18.33
N ARG J 87 -2.72 -2.21 18.12
CA ARG J 87 -2.82 -0.83 17.65
C ARG J 87 -2.83 0.15 18.82
N VAL J 88 -2.03 1.20 18.70
CA VAL J 88 -1.96 2.26 19.70
C VAL J 88 -2.47 3.54 19.05
N HIS J 89 -3.50 4.13 19.65
CA HIS J 89 -4.08 5.39 19.18
C HIS J 89 -3.67 6.49 20.14
N LYS J 90 -3.31 7.65 19.58
CA LYS J 90 -2.76 8.75 20.37
C LYS J 90 -3.50 10.03 20.02
N ARG J 91 -3.90 10.77 21.04
CA ARG J 91 -4.57 12.05 20.89
C ARG J 91 -3.80 13.12 21.65
N VAL J 92 -3.82 14.34 21.12
CA VAL J 92 -3.15 15.48 21.73
C VAL J 92 -4.14 16.63 21.79
N ILE J 93 -4.36 17.17 22.99
CA ILE J 93 -5.26 18.29 23.20
C ILE J 93 -4.48 19.41 23.88
N ASP J 94 -4.59 20.61 23.32
CA ASP J 94 -3.92 21.79 23.87
C ASP J 94 -4.97 22.70 24.50
N LEU J 95 -4.83 22.98 25.80
CA LEU J 95 -5.74 23.87 26.52
C LEU J 95 -4.99 25.13 26.93
N PHE J 96 -5.54 26.29 26.58
CA PHE J 96 -4.95 27.57 26.98
C PHE J 96 -5.58 28.01 28.29
N SER J 97 -4.90 27.74 29.39
CA SER J 97 -5.39 28.07 30.72
C SER J 97 -4.26 27.83 31.71
N SER J 98 -4.55 28.02 32.99
CA SER J 98 -3.55 27.83 34.03
C SER J 98 -3.47 26.35 34.42
N PRO J 99 -2.33 25.92 34.97
CA PRO J 99 -2.22 24.51 35.38
C PRO J 99 -3.29 24.07 36.36
N ASP J 100 -3.66 24.93 37.31
CA ASP J 100 -4.64 24.55 38.31
C ASP J 100 -6.00 24.24 37.67
N VAL J 101 -6.42 25.07 36.71
CA VAL J 101 -7.69 24.82 36.04
C VAL J 101 -7.63 23.51 35.26
N VAL J 102 -6.53 23.28 34.55
CA VAL J 102 -6.38 22.04 33.79
C VAL J 102 -6.39 20.84 34.74
N LYS J 103 -5.68 20.95 35.87
CA LYS J 103 -5.70 19.87 36.85
C LYS J 103 -7.12 19.58 37.32
N GLN J 104 -7.99 20.59 37.30
CA GLN J 104 -9.38 20.37 37.70
C GLN J 104 -10.15 19.59 36.64
N ILE J 105 -9.95 19.93 35.37
CA ILE J 105 -10.66 19.25 34.30
C ILE J 105 -10.20 17.80 34.18
N THR J 106 -8.88 17.57 34.23
CA THR J 106 -8.38 16.22 33.99
C THR J 106 -8.58 15.32 35.21
N SER J 107 -8.87 15.90 36.39
CA SER J 107 -9.02 15.10 37.59
C SER J 107 -10.21 14.17 37.53
N ILE J 108 -11.14 14.38 36.60
CA ILE J 108 -12.31 13.53 36.47
C ILE J 108 -11.86 12.09 36.23
N THR J 109 -12.66 11.13 36.68
CA THR J 109 -12.32 9.73 36.48
C THR J 109 -12.22 9.41 34.99
N ILE J 110 -11.16 8.70 34.61
CA ILE J 110 -10.86 8.39 33.22
C ILE J 110 -11.20 6.94 32.96
N GLU J 111 -11.59 6.63 31.72
CA GLU J 111 -11.99 5.28 31.38
C GLU J 111 -10.80 4.34 31.44
N PRO J 112 -11.03 3.05 31.68
CA PRO J 112 -9.92 2.11 31.80
C PRO J 112 -9.12 2.02 30.52
N GLY J 113 -7.80 1.90 30.66
CA GLY J 113 -6.91 1.72 29.55
C GLY J 113 -6.51 2.99 28.83
N VAL J 114 -7.07 4.13 29.20
CA VAL J 114 -6.71 5.41 28.59
C VAL J 114 -5.67 6.07 29.49
N GLU J 115 -4.50 6.37 28.93
CA GLU J 115 -3.40 6.93 29.69
C GLU J 115 -3.34 8.43 29.43
N VAL J 116 -3.58 9.22 30.49
CA VAL J 116 -3.60 10.67 30.41
C VAL J 116 -2.25 11.19 30.88
N GLU J 117 -1.73 12.18 30.15
CA GLU J 117 -0.40 12.73 30.44
C GLU J 117 -0.46 14.24 30.21
N VAL J 118 -0.29 15.01 31.30
CA VAL J 118 -0.40 16.46 31.25
C VAL J 118 1.00 17.05 31.35
N THR J 119 1.34 17.93 30.41
CA THR J 119 2.63 18.60 30.41
C THR J 119 2.44 20.05 30.01
N ILE J 120 3.31 20.90 30.52
CA ILE J 120 3.32 22.31 30.14
C ILE J 120 4.09 22.43 28.83
N ALA J 121 3.40 22.79 27.75
CA ALA J 121 4.02 22.84 26.44
C ALA J 121 5.23 23.78 26.47
N GLU J 122 6.35 23.28 25.95
CA GLU J 122 7.57 24.08 25.90
C GLU J 122 7.50 25.20 24.87
N SER J 123 6.53 25.14 23.96
CA SER J 123 6.30 26.19 22.97
C SER J 123 7.54 26.39 22.09
N GLU K 2 -10.64 -26.85 -56.71
CA GLU K 2 -9.66 -25.97 -56.02
C GLU K 2 -10.34 -25.14 -54.94
N SER K 3 -9.55 -24.66 -53.99
CA SER K 3 -10.06 -23.90 -52.86
C SER K 3 -10.08 -22.41 -53.19
N VAL K 4 -11.17 -21.75 -52.84
CA VAL K 4 -11.34 -20.32 -53.08
C VAL K 4 -11.63 -19.66 -51.73
N THR K 5 -10.83 -18.66 -51.37
CA THR K 5 -11.04 -17.97 -50.11
C THR K 5 -12.38 -17.25 -50.10
N LYS K 6 -13.12 -17.40 -49.01
CA LYS K 6 -14.43 -16.78 -48.84
C LYS K 6 -14.50 -16.17 -47.46
N HIS K 7 -15.38 -15.18 -47.32
CA HIS K 7 -15.64 -14.52 -46.05
C HIS K 7 -17.07 -14.81 -45.62
N ALA K 8 -17.23 -15.19 -44.36
CA ALA K 8 -18.54 -15.50 -43.79
C ALA K 8 -18.64 -14.85 -42.43
N ILE K 9 -19.85 -14.45 -42.06
CA ILE K 9 -20.12 -13.78 -40.79
C ILE K 9 -20.75 -14.77 -39.84
N VAL K 10 -20.36 -14.70 -38.57
CA VAL K 10 -20.85 -15.62 -37.55
C VAL K 10 -22.28 -15.23 -37.18
N ILE K 11 -23.18 -16.20 -37.21
CA ILE K 11 -24.59 -15.98 -36.91
C ILE K 11 -24.94 -16.36 -35.48
N LYS K 12 -24.57 -17.56 -35.06
CA LYS K 12 -24.82 -18.00 -33.70
C LYS K 12 -23.67 -18.87 -33.21
N ILE K 13 -23.46 -18.85 -31.90
CA ILE K 13 -22.42 -19.65 -31.25
C ILE K 13 -23.07 -20.95 -30.78
N MET K 14 -22.73 -22.06 -31.43
CA MET K 14 -23.32 -23.34 -31.05
C MET K 14 -22.85 -23.77 -29.66
N GLY K 15 -21.55 -23.71 -29.41
CA GLY K 15 -21.01 -24.07 -28.13
C GLY K 15 -19.58 -24.56 -28.24
N ARG K 16 -18.89 -24.53 -27.11
CA ARG K 16 -17.49 -24.94 -27.08
C ARG K 16 -17.37 -26.44 -27.21
N THR K 17 -16.46 -26.89 -28.07
CA THR K 17 -16.25 -28.30 -28.35
C THR K 17 -14.77 -28.59 -28.23
N GLY K 18 -14.37 -29.78 -28.66
CA GLY K 18 -13.00 -30.23 -28.51
C GLY K 18 -12.78 -30.93 -27.18
N SER K 19 -11.68 -31.68 -27.11
CA SER K 19 -11.39 -32.46 -25.91
C SER K 19 -11.21 -31.55 -24.70
N ARG K 20 -10.47 -30.44 -24.88
CA ARG K 20 -10.21 -29.49 -23.81
C ARG K 20 -11.05 -28.23 -23.92
N GLY K 21 -12.08 -28.24 -24.77
CA GLY K 21 -12.92 -27.08 -24.95
C GLY K 21 -12.25 -25.94 -25.68
N GLN K 22 -11.20 -26.21 -26.45
CA GLN K 22 -10.45 -25.15 -27.11
C GLN K 22 -11.08 -24.70 -28.43
N VAL K 23 -12.08 -25.43 -28.92
CA VAL K 23 -12.71 -25.12 -30.18
C VAL K 23 -14.11 -24.60 -29.92
N THR K 24 -14.60 -23.77 -30.84
CA THR K 24 -15.96 -23.26 -30.81
C THR K 24 -16.61 -23.56 -32.15
N GLN K 25 -17.81 -24.12 -32.10
CA GLN K 25 -18.59 -24.37 -33.31
C GLN K 25 -19.57 -23.23 -33.52
N VAL K 26 -19.62 -22.71 -34.74
CA VAL K 26 -20.41 -21.53 -35.06
C VAL K 26 -21.17 -21.78 -36.36
N ARG K 27 -22.26 -21.06 -36.52
CA ARG K 27 -23.02 -21.04 -37.76
C ARG K 27 -22.70 -19.74 -38.50
N VAL K 28 -22.27 -19.88 -39.75
CA VAL K 28 -21.77 -18.76 -40.53
C VAL K 28 -22.59 -18.62 -41.80
N LYS K 29 -22.79 -17.38 -42.22
CA LYS K 29 -23.48 -17.03 -43.46
C LYS K 29 -22.46 -16.42 -44.42
N PHE K 30 -22.37 -16.98 -45.61
CA PHE K 30 -21.44 -16.46 -46.61
C PHE K 30 -21.87 -15.07 -47.05
N LEU K 31 -20.89 -14.16 -47.17
CA LEU K 31 -21.19 -12.80 -47.55
C LEU K 31 -21.48 -12.68 -49.05
N ASP K 32 -20.73 -13.42 -49.88
CA ASP K 32 -20.97 -13.39 -51.31
C ASP K 32 -22.39 -13.88 -51.63
N ASP K 33 -22.77 -15.02 -51.06
CA ASP K 33 -24.13 -15.55 -51.18
C ASP K 33 -24.70 -15.66 -49.77
N GLN K 34 -25.67 -14.80 -49.46
CA GLN K 34 -26.20 -14.70 -48.11
C GLN K 34 -27.37 -15.64 -47.85
N ASN K 35 -27.62 -16.58 -48.75
CA ASN K 35 -28.60 -17.63 -48.54
C ASN K 35 -27.97 -18.98 -48.25
N ARG K 36 -26.65 -19.03 -48.06
CA ARG K 36 -25.94 -20.26 -47.75
C ARG K 36 -25.40 -20.19 -46.33
N PHE K 37 -25.67 -21.23 -45.54
CA PHE K 37 -25.19 -21.35 -44.19
C PHE K 37 -24.45 -22.66 -44.02
N ILE K 38 -23.45 -22.67 -43.15
CA ILE K 38 -22.71 -23.88 -42.79
C ILE K 38 -22.22 -23.75 -41.36
N MET K 39 -21.67 -24.86 -40.85
CA MET K 39 -21.10 -24.93 -39.52
C MET K 39 -19.59 -25.07 -39.62
N ARG K 40 -18.87 -24.29 -38.81
CA ARG K 40 -17.42 -24.28 -38.85
C ARG K 40 -16.89 -24.37 -37.42
N ASN K 41 -15.73 -25.02 -37.29
CA ASN K 41 -15.00 -25.04 -36.03
C ASN K 41 -13.98 -23.91 -36.03
N VAL K 42 -13.95 -23.15 -34.95
CA VAL K 42 -13.15 -21.94 -34.85
C VAL K 42 -12.28 -22.03 -33.61
N LYS K 43 -10.99 -21.76 -33.79
CA LYS K 43 -10.06 -21.66 -32.67
C LYS K 43 -9.82 -20.20 -32.32
N GLY K 44 -9.83 -19.90 -31.03
CA GLY K 44 -9.66 -18.56 -30.54
C GLY K 44 -10.98 -17.91 -30.16
N PRO K 45 -10.91 -16.83 -29.40
CA PRO K 45 -12.15 -16.15 -28.97
C PRO K 45 -12.93 -15.60 -30.15
N VAL K 46 -14.21 -15.93 -30.21
CA VAL K 46 -15.09 -15.52 -31.29
C VAL K 46 -16.44 -15.15 -30.70
N ARG K 47 -17.12 -14.20 -31.34
CA ARG K 47 -18.44 -13.77 -30.90
C ARG K 47 -19.33 -13.55 -32.11
N GLU K 48 -20.63 -13.54 -31.86
CA GLU K 48 -21.60 -13.31 -32.92
C GLU K 48 -21.34 -11.96 -33.58
N GLY K 49 -21.29 -11.95 -34.91
CA GLY K 49 -21.15 -10.74 -35.70
C GLY K 49 -19.83 -10.65 -36.44
N ASP K 50 -18.74 -11.14 -35.83
CA ASP K 50 -17.43 -10.98 -36.43
C ASP K 50 -17.25 -11.90 -37.62
N ILE K 51 -16.37 -11.51 -38.53
CA ILE K 51 -16.21 -12.15 -39.83
C ILE K 51 -15.02 -13.09 -39.79
N LEU K 52 -15.09 -14.15 -40.59
CA LEU K 52 -14.05 -15.15 -40.67
C LEU K 52 -13.59 -15.28 -42.12
N THR K 53 -12.37 -15.76 -42.29
CA THR K 53 -11.82 -16.06 -43.60
C THR K 53 -11.69 -17.57 -43.73
N LEU K 54 -12.30 -18.13 -44.76
CA LEU K 54 -12.34 -19.58 -44.97
C LEU K 54 -11.47 -19.90 -46.18
N LEU K 55 -10.36 -20.58 -45.95
CA LEU K 55 -9.48 -20.96 -47.05
C LEU K 55 -10.19 -21.90 -48.01
N GLU K 56 -10.96 -22.86 -47.48
CA GLU K 56 -11.83 -23.70 -48.28
C GLU K 56 -13.22 -23.68 -47.66
N SER K 57 -14.23 -23.51 -48.49
CA SER K 57 -15.61 -23.35 -48.03
C SER K 57 -16.46 -24.59 -48.24
N GLU K 58 -15.90 -25.67 -48.79
CA GLU K 58 -16.69 -26.86 -49.04
C GLU K 58 -16.93 -27.67 -47.78
N ARG K 59 -15.97 -27.71 -46.86
CA ARG K 59 -16.11 -28.51 -45.66
C ARG K 59 -17.19 -27.95 -44.75
N GLU K 60 -17.77 -28.84 -43.95
CA GLU K 60 -18.73 -28.46 -42.92
C GLU K 60 -18.49 -29.32 -41.69
N ALA K 61 -18.56 -28.71 -40.53
CA ALA K 61 -18.31 -29.40 -39.27
C ALA K 61 -19.55 -30.12 -38.79
N ARG K 62 -19.36 -31.33 -38.25
CA ARG K 62 -20.47 -32.10 -37.72
C ARG K 62 -20.90 -31.55 -36.36
N ARG K 63 -22.21 -31.51 -36.13
CA ARG K 63 -22.73 -30.95 -34.90
C ARG K 63 -22.14 -31.67 -33.69
N LEU K 64 -21.75 -30.89 -32.68
CA LEU K 64 -21.12 -31.42 -31.47
C LEU K 64 -19.92 -32.28 -31.83
N ARG K 65 -19.11 -31.79 -32.76
CA ARG K 65 -18.00 -32.55 -33.31
C ARG K 65 -17.03 -32.99 -32.21
N TRP L 7 33.25 -21.48 37.68
CA TRP L 7 31.85 -21.83 37.64
C TRP L 7 31.04 -20.68 37.06
N ASN L 8 30.38 -20.92 35.93
CA ASN L 8 29.67 -19.88 35.18
C ASN L 8 30.60 -18.74 34.77
N ALA L 9 31.88 -19.04 34.54
CA ALA L 9 32.86 -18.00 34.25
C ALA L 9 32.70 -17.44 32.85
N HIS L 10 32.22 -18.25 31.91
CA HIS L 10 32.19 -17.83 30.52
C HIS L 10 31.30 -16.60 30.36
N PRO L 11 31.71 -15.62 29.54
CA PRO L 11 30.90 -14.39 29.41
C PRO L 11 29.50 -14.70 28.87
N LYS L 12 28.51 -13.98 29.39
CA LYS L 12 27.12 -14.14 28.98
C LYS L 12 26.52 -12.77 28.74
N ASN L 13 27.26 -11.94 28.00
CA ASN L 13 26.82 -10.58 27.68
C ASN L 13 26.06 -10.49 26.36
N TYR L 14 26.21 -11.47 25.47
CA TYR L 14 25.50 -11.48 24.21
C TYR L 14 25.35 -12.91 23.74
N GLY L 15 24.50 -13.10 22.74
CA GLY L 15 24.27 -14.40 22.17
C GLY L 15 23.07 -15.10 22.77
N PRO L 16 22.65 -16.21 22.15
CA PRO L 16 21.47 -16.93 22.65
C PRO L 16 21.60 -17.37 24.10
N GLY L 17 22.80 -17.72 24.55
CA GLY L 17 22.97 -18.21 25.91
C GLY L 17 22.64 -17.17 26.97
N SER L 18 22.74 -15.89 26.63
CA SER L 18 22.44 -14.84 27.61
C SER L 18 20.94 -14.66 27.79
N ARG L 19 20.16 -14.80 26.71
CA ARG L 19 18.74 -14.52 26.73
C ARG L 19 17.94 -15.80 26.86
N THR L 20 16.84 -15.73 27.60
CA THR L 20 15.91 -16.85 27.74
C THR L 20 14.48 -16.32 27.75
N CYS L 21 13.54 -17.23 27.53
CA CYS L 21 12.12 -16.88 27.60
C CYS L 21 11.75 -16.48 29.02
N ARG L 22 11.04 -15.36 29.15
CA ARG L 22 10.65 -14.90 30.47
C ARG L 22 9.57 -15.77 31.08
N VAL L 23 8.77 -16.44 30.25
CA VAL L 23 7.70 -17.29 30.74
C VAL L 23 8.21 -18.68 31.09
N CYS L 24 8.92 -19.32 30.16
CA CYS L 24 9.30 -20.72 30.31
C CYS L 24 10.80 -20.95 30.52
N GLY L 25 11.65 -19.98 30.19
CA GLY L 25 13.08 -20.13 30.37
C GLY L 25 13.80 -20.78 29.20
N ASN L 26 13.09 -21.18 28.16
CA ASN L 26 13.73 -21.81 27.02
C ASN L 26 14.53 -20.77 26.23
N PRO L 27 15.69 -21.16 25.66
CA PRO L 27 16.50 -20.18 24.94
C PRO L 27 16.20 -20.00 23.46
N HIS L 28 15.25 -20.73 22.89
CA HIS L 28 15.09 -20.78 21.45
C HIS L 28 13.86 -19.98 21.00
N ALA L 29 14.00 -19.36 19.83
CA ALA L 29 12.90 -18.66 19.16
C ALA L 29 12.38 -17.50 20.00
N ILE L 30 13.28 -16.81 20.68
CA ILE L 30 12.89 -15.68 21.51
C ILE L 30 12.41 -14.54 20.64
N ILE L 31 11.32 -13.90 21.05
CA ILE L 31 10.82 -12.69 20.39
C ILE L 31 11.31 -11.50 21.20
N ARG L 32 12.30 -10.78 20.66
CA ARG L 32 12.85 -9.61 21.33
C ARG L 32 12.19 -8.31 20.91
N LYS L 33 11.35 -8.34 19.88
CA LYS L 33 10.74 -7.11 19.38
C LYS L 33 9.86 -6.48 20.46
N TYR L 34 10.00 -5.16 20.64
CA TYR L 34 9.25 -4.37 21.61
C TYR L 34 9.56 -4.78 23.04
N GLY L 35 10.60 -5.58 23.26
CA GLY L 35 10.95 -6.02 24.59
C GLY L 35 10.09 -7.13 25.13
N LEU L 36 9.42 -7.90 24.27
CA LEU L 36 8.56 -8.98 24.74
C LEU L 36 9.34 -10.03 25.51
N MET L 37 10.46 -10.49 24.95
CA MET L 37 11.33 -11.48 25.58
C MET L 37 10.57 -12.78 25.89
N CYS L 38 9.72 -13.19 24.97
CA CYS L 38 9.01 -14.45 25.05
C CYS L 38 9.40 -15.32 23.86
N CYS L 39 9.45 -16.63 24.07
CA CYS L 39 9.63 -17.54 22.96
C CYS L 39 8.38 -17.58 22.11
N ARG L 40 8.54 -17.97 20.84
CA ARG L 40 7.42 -17.88 19.91
C ARG L 40 6.24 -18.74 20.34
N GLN L 41 6.50 -19.87 21.02
CA GLN L 41 5.39 -20.71 21.47
C GLN L 41 4.64 -20.08 22.63
N CYS L 42 5.36 -19.53 23.61
CA CYS L 42 4.70 -18.89 24.74
C CYS L 42 3.94 -17.65 24.32
N PHE L 43 4.47 -16.89 23.36
CA PHE L 43 3.80 -15.68 22.91
C PHE L 43 2.44 -16.00 22.29
N ARG L 44 2.39 -17.03 21.44
CA ARG L 44 1.13 -17.36 20.79
C ARG L 44 0.08 -17.76 21.82
N SER L 45 0.50 -18.46 22.87
CA SER L 45 -0.42 -18.83 23.94
C SER L 45 -0.94 -17.60 24.68
N ASN L 46 -0.07 -16.64 24.95
CA ASN L 46 -0.41 -15.47 25.76
C ASN L 46 -0.72 -14.24 24.93
N ALA L 47 -0.83 -14.37 23.60
CA ALA L 47 -0.96 -13.19 22.75
C ALA L 47 -2.23 -12.40 23.08
N LYS L 48 -3.36 -13.10 23.24
CA LYS L 48 -4.61 -12.39 23.50
C LYS L 48 -4.55 -11.62 24.81
N GLU L 49 -3.98 -12.23 25.85
CA GLU L 49 -3.88 -11.57 27.14
C GLU L 49 -2.97 -10.35 27.07
N ILE L 50 -1.87 -10.45 26.31
CA ILE L 50 -0.96 -9.32 26.18
C ILE L 50 -1.62 -8.16 25.44
N GLY L 51 -2.59 -8.43 24.58
CA GLY L 51 -3.27 -7.38 23.82
C GLY L 51 -3.10 -7.50 22.32
N PHE L 52 -2.40 -8.50 21.81
CA PHE L 52 -2.28 -8.69 20.38
C PHE L 52 -3.48 -9.44 19.83
N ILE L 53 -3.89 -9.07 18.62
CA ILE L 53 -5.13 -9.56 18.03
C ILE L 53 -4.91 -9.83 16.55
N LYS L 54 -5.67 -10.79 16.02
CA LYS L 54 -5.62 -11.16 14.62
C LYS L 54 -6.77 -10.48 13.89
N TYR L 55 -6.45 -9.63 12.91
CA TYR L 55 -7.44 -8.96 12.08
C TYR L 55 -7.45 -9.48 10.65
N ARG L 56 -6.27 -9.73 10.07
CA ARG L 56 -6.18 -10.31 8.74
C ARG L 56 -4.82 -11.01 8.59
N GLN M 3 -60.95 28.79 -18.76
CA GLN M 3 -60.69 27.36 -18.88
C GLN M 3 -59.47 27.10 -19.78
N GLU M 4 -58.49 28.00 -19.69
CA GLU M 4 -57.30 27.87 -20.52
C GLU M 4 -56.54 26.59 -20.17
N SER M 5 -56.03 25.93 -21.19
CA SER M 5 -55.20 24.75 -21.03
C SER M 5 -53.72 25.13 -21.14
N LEU M 6 -52.86 24.14 -20.90
CA LEU M 6 -51.42 24.33 -20.94
C LEU M 6 -50.80 23.39 -21.97
N VAL M 7 -49.73 23.86 -22.60
CA VAL M 7 -48.99 23.09 -23.59
C VAL M 7 -47.51 23.14 -23.25
N LEU M 8 -46.76 22.21 -23.84
CA LEU M 8 -45.35 22.05 -23.52
C LEU M 8 -44.54 23.13 -24.24
N ARG M 9 -44.03 24.09 -23.47
CA ARG M 9 -43.18 25.13 -24.06
C ARG M 9 -41.81 24.57 -24.43
N GLY M 10 -41.20 23.80 -23.53
CA GLY M 10 -39.86 23.31 -23.78
C GLY M 10 -39.39 22.45 -22.63
N THR M 11 -38.12 22.03 -22.71
CA THR M 11 -37.52 21.16 -21.72
C THR M 11 -36.12 21.64 -21.37
N MET M 12 -35.67 21.30 -20.17
CA MET M 12 -34.34 21.66 -19.68
C MET M 12 -33.68 20.40 -19.12
N LYS M 13 -32.45 20.14 -19.54
CA LYS M 13 -31.85 18.82 -19.45
C LYS M 13 -30.51 18.80 -18.71
N ALA M 14 -30.31 19.64 -17.69
CA ALA M 14 -29.02 19.65 -17.01
C ALA M 14 -28.91 18.51 -15.99
N HIS M 15 -29.95 18.28 -15.20
CA HIS M 15 -29.86 17.33 -14.10
C HIS M 15 -29.74 15.90 -14.60
N THR M 16 -29.16 15.04 -13.75
CA THR M 16 -28.93 13.64 -14.07
C THR M 16 -29.51 12.71 -13.01
N ASP M 17 -30.60 13.13 -12.38
CA ASP M 17 -31.32 12.30 -11.41
C ASP M 17 -32.67 12.95 -11.15
N TRP M 18 -33.39 12.47 -10.15
CA TRP M 18 -34.71 13.04 -9.85
C TRP M 18 -34.58 14.53 -9.58
N VAL M 19 -35.52 15.30 -10.14
CA VAL M 19 -35.62 16.73 -9.84
C VAL M 19 -36.52 16.86 -8.62
N THR M 20 -35.91 17.06 -7.45
CA THR M 20 -36.66 16.98 -6.20
C THR M 20 -37.52 18.21 -5.97
N ALA M 21 -37.03 19.39 -6.33
CA ALA M 21 -37.76 20.62 -6.05
C ALA M 21 -37.43 21.67 -7.10
N ILE M 22 -38.31 22.67 -7.19
CA ILE M 22 -38.14 23.81 -8.08
C ILE M 22 -38.55 25.07 -7.31
N ALA M 23 -37.83 26.15 -7.52
CA ALA M 23 -38.14 27.43 -6.88
C ALA M 23 -38.07 28.53 -7.92
N THR M 24 -39.15 29.32 -8.01
CA THR M 24 -39.19 30.43 -8.96
C THR M 24 -39.03 31.75 -8.22
N PRO M 25 -38.49 32.78 -8.87
CA PRO M 25 -38.34 34.07 -8.20
C PRO M 25 -39.67 34.77 -8.00
N ILE M 26 -39.76 35.56 -6.94
CA ILE M 26 -40.93 36.40 -6.71
C ILE M 26 -40.94 37.63 -7.62
N ASP M 27 -39.82 37.91 -8.29
CA ASP M 27 -39.71 39.06 -9.17
C ASP M 27 -39.99 38.72 -10.63
N ASN M 28 -40.37 37.48 -10.93
CA ASN M 28 -40.66 37.06 -12.30
C ASN M 28 -39.45 37.29 -13.21
N SER M 29 -38.29 36.92 -12.71
CA SER M 29 -37.05 37.07 -13.47
C SER M 29 -36.92 35.88 -14.44
N ASP M 30 -35.79 35.81 -15.14
CA ASP M 30 -35.50 34.72 -16.07
C ASP M 30 -34.61 33.67 -15.43
N MET M 31 -34.74 33.47 -14.12
CA MET M 31 -33.94 32.51 -13.38
C MET M 31 -34.84 31.61 -12.54
N ILE M 32 -34.52 30.32 -12.52
CA ILE M 32 -35.14 29.38 -11.59
C ILE M 32 -34.04 28.55 -10.97
N VAL M 33 -34.31 28.01 -9.79
CA VAL M 33 -33.36 27.18 -9.05
C VAL M 33 -34.02 25.84 -8.79
N THR M 34 -33.34 24.76 -9.17
CA THR M 34 -33.83 23.41 -8.96
C THR M 34 -32.83 22.60 -8.16
N SER M 35 -33.34 21.60 -7.45
CA SER M 35 -32.53 20.66 -6.70
C SER M 35 -32.76 19.27 -7.27
N SER M 36 -31.83 18.36 -6.99
CA SER M 36 -31.91 17.02 -7.55
C SER M 36 -31.20 16.04 -6.64
N ARG M 37 -31.47 14.76 -6.90
CA ARG M 37 -30.80 13.68 -6.17
C ARG M 37 -29.34 13.53 -6.55
N ASP M 38 -28.89 14.23 -7.59
CA ASP M 38 -27.46 14.25 -7.92
C ASP M 38 -26.65 15.06 -6.91
N LYS M 39 -27.31 15.59 -5.87
CA LYS M 39 -26.63 16.27 -4.77
C LYS M 39 -26.17 17.66 -5.18
N SER M 40 -26.79 18.23 -6.21
CA SER M 40 -26.43 19.54 -6.71
C SER M 40 -27.66 20.42 -6.84
N ILE M 41 -27.43 21.73 -6.82
CA ILE M 41 -28.46 22.74 -7.09
C ILE M 41 -28.00 23.54 -8.29
N ILE M 42 -28.90 23.73 -9.24
CA ILE M 42 -28.60 24.40 -10.50
C ILE M 42 -29.39 25.70 -10.56
N VAL M 43 -28.69 26.80 -10.84
CA VAL M 43 -29.33 28.07 -11.13
C VAL M 43 -29.44 28.20 -12.65
N TRP M 44 -30.62 28.54 -13.13
CA TRP M 44 -30.92 28.52 -14.56
C TRP M 44 -31.01 29.93 -15.13
N SER M 45 -30.80 30.01 -16.44
CA SER M 45 -31.04 31.23 -17.21
C SER M 45 -32.12 30.90 -18.25
N LEU M 46 -33.27 31.55 -18.13
CA LEU M 46 -34.43 31.22 -18.95
C LEU M 46 -34.35 32.01 -20.25
N THR M 47 -33.83 31.37 -21.29
CA THR M 47 -33.86 31.91 -22.64
C THR M 47 -35.02 31.23 -23.36
N LYS M 48 -36.18 31.90 -23.36
CA LYS M 48 -37.40 31.27 -23.88
C LYS M 48 -37.21 30.84 -25.33
N ASP M 49 -36.65 31.72 -26.15
CA ASP M 49 -36.35 31.38 -27.53
C ASP M 49 -35.01 30.65 -27.61
N GLY M 50 -34.93 29.71 -28.55
CA GLY M 50 -33.72 28.93 -28.74
C GLY M 50 -34.01 27.43 -28.70
N SER M 51 -32.92 26.67 -28.83
CA SER M 51 -33.04 25.22 -28.83
C SER M 51 -33.62 24.71 -27.51
N GLN M 52 -33.16 25.28 -26.39
CA GLN M 52 -33.60 24.86 -25.07
C GLN M 52 -34.20 26.05 -24.34
N TYR M 53 -35.28 25.80 -23.59
CA TYR M 53 -35.97 26.88 -22.90
C TYR M 53 -35.05 27.58 -21.90
N GLY M 54 -34.10 26.86 -21.32
CA GLY M 54 -33.16 27.45 -20.38
C GLY M 54 -31.87 26.65 -20.36
N VAL M 55 -30.84 27.27 -19.78
CA VAL M 55 -29.53 26.65 -19.68
C VAL M 55 -29.03 26.78 -18.25
N PRO M 56 -28.22 25.84 -17.76
CA PRO M 56 -27.69 25.97 -16.39
C PRO M 56 -26.66 27.06 -16.27
N ARG M 57 -26.94 28.07 -15.44
CA ARG M 57 -25.97 29.14 -15.22
C ARG M 57 -24.91 28.72 -14.21
N ARG M 58 -25.34 28.12 -13.10
CA ARG M 58 -24.46 27.73 -12.01
C ARG M 58 -24.84 26.36 -11.50
N ARG M 59 -23.88 25.67 -10.88
CA ARG M 59 -24.12 24.39 -10.24
C ARG M 59 -23.43 24.41 -8.88
N LEU M 60 -24.20 24.31 -7.81
CA LEU M 60 -23.69 24.34 -6.45
C LEU M 60 -23.77 22.92 -5.88
N THR M 61 -22.64 22.43 -5.37
CA THR M 61 -22.53 21.01 -4.99
C THR M 61 -21.97 20.81 -3.59
N GLY M 62 -22.35 21.66 -2.64
CA GLY M 62 -21.84 21.52 -1.29
C GLY M 62 -22.42 20.38 -0.49
N HIS M 63 -23.61 19.89 -0.87
CA HIS M 63 -24.29 18.89 -0.05
C HIS M 63 -23.68 17.51 -0.23
N GLY M 64 -23.74 16.70 0.83
CA GLY M 64 -23.20 15.36 0.81
C GLY M 64 -24.16 14.25 0.47
N HIS M 65 -25.45 14.56 0.31
CA HIS M 65 -26.46 13.57 -0.04
C HIS M 65 -27.49 14.24 -0.93
N PHE M 66 -28.62 13.56 -1.12
CA PHE M 66 -29.68 14.10 -1.96
C PHE M 66 -30.14 15.45 -1.44
N VAL M 67 -30.37 16.38 -2.36
CA VAL M 67 -31.01 17.64 -2.04
C VAL M 67 -32.51 17.48 -2.25
N GLU M 68 -33.28 17.63 -1.17
CA GLU M 68 -34.70 17.32 -1.20
C GLU M 68 -35.58 18.53 -1.47
N ASP M 69 -35.17 19.72 -1.05
CA ASP M 69 -35.99 20.91 -1.22
C ASP M 69 -35.09 22.12 -1.45
N VAL M 70 -35.64 23.14 -2.09
CA VAL M 70 -34.93 24.38 -2.35
C VAL M 70 -35.94 25.51 -2.46
N VAL M 71 -35.65 26.63 -1.79
CA VAL M 71 -36.53 27.80 -1.80
C VAL M 71 -35.68 29.05 -1.96
N LEU M 72 -36.21 30.03 -2.69
CA LEU M 72 -35.54 31.30 -2.89
C LEU M 72 -36.08 32.34 -1.92
N SER M 73 -35.21 33.26 -1.51
CA SER M 73 -35.62 34.37 -0.68
C SER M 73 -36.35 35.42 -1.53
N SER M 74 -36.99 36.38 -0.85
CA SER M 74 -37.74 37.40 -1.55
C SER M 74 -36.81 38.24 -2.43
N ASP M 75 -35.62 38.55 -1.92
CA ASP M 75 -34.66 39.30 -2.73
C ASP M 75 -34.27 38.53 -3.99
N GLY M 76 -34.28 37.20 -3.92
CA GLY M 76 -33.92 36.37 -5.06
C GLY M 76 -32.44 36.13 -5.20
N MET M 77 -31.61 36.68 -4.33
CA MET M 77 -30.17 36.51 -4.39
C MET M 77 -29.64 35.45 -3.45
N PHE M 78 -30.52 34.76 -2.71
CA PHE M 78 -30.11 33.69 -1.82
C PHE M 78 -31.07 32.52 -1.96
N ALA M 79 -30.55 31.31 -1.77
CA ALA M 79 -31.33 30.09 -1.83
C ALA M 79 -31.08 29.26 -0.59
N LEU M 80 -32.12 28.58 -0.12
CA LEU M 80 -32.07 27.70 1.03
C LEU M 80 -32.45 26.30 0.59
N SER M 81 -31.67 25.31 1.03
CA SER M 81 -31.89 23.94 0.59
C SER M 81 -31.76 23.00 1.78
N GLY M 82 -32.46 21.87 1.68
CA GLY M 82 -32.34 20.79 2.64
C GLY M 82 -31.77 19.56 1.99
N SER M 83 -31.22 18.64 2.79
CA SER M 83 -30.55 17.47 2.23
C SER M 83 -30.71 16.30 3.18
N TRP M 84 -30.50 15.10 2.64
CA TRP M 84 -30.58 13.88 3.45
C TRP M 84 -29.40 13.74 4.39
N ASP M 85 -28.37 14.57 4.28
CA ASP M 85 -27.31 14.60 5.27
C ASP M 85 -27.73 15.28 6.56
N GLY M 86 -28.93 15.83 6.62
CA GLY M 86 -29.42 16.45 7.83
C GLY M 86 -28.98 17.88 8.04
N GLU M 87 -28.67 18.60 6.96
CA GLU M 87 -28.15 19.95 7.05
C GLU M 87 -28.91 20.88 6.12
N LEU M 88 -29.02 22.14 6.53
CA LEU M 88 -29.54 23.21 5.70
C LEU M 88 -28.40 24.11 5.26
N ARG M 89 -28.43 24.54 4.01
CA ARG M 89 -27.41 25.42 3.47
C ARG M 89 -28.06 26.65 2.84
N LEU M 90 -27.56 27.81 3.21
CA LEU M 90 -27.97 29.07 2.56
C LEU M 90 -26.94 29.41 1.50
N TRP M 91 -27.40 29.55 0.25
CA TRP M 91 -26.51 29.69 -0.90
C TRP M 91 -26.51 31.14 -1.35
N ASP M 92 -25.32 31.72 -1.43
CA ASP M 92 -25.13 33.02 -2.09
C ASP M 92 -25.07 32.76 -3.58
N LEU M 93 -26.20 32.98 -4.27
CA LEU M 93 -26.29 32.61 -5.68
C LEU M 93 -25.30 33.40 -6.53
N GLN M 94 -25.13 34.68 -6.25
CA GLN M 94 -24.20 35.49 -7.03
C GLN M 94 -22.78 34.94 -6.94
N ALA M 95 -22.34 34.63 -5.72
CA ALA M 95 -21.00 34.08 -5.51
C ALA M 95 -20.95 32.56 -5.66
N GLY M 96 -22.09 31.90 -5.75
CA GLY M 96 -22.10 30.45 -5.89
C GLY M 96 -21.43 29.72 -4.75
N THR M 97 -21.58 30.22 -3.53
CA THR M 97 -20.94 29.65 -2.35
C THR M 97 -21.96 29.50 -1.23
N THR M 98 -21.55 28.83 -0.16
CA THR M 98 -22.40 28.62 1.01
C THR M 98 -22.11 29.72 2.02
N ALA M 99 -23.17 30.41 2.45
CA ALA M 99 -23.02 31.53 3.38
C ALA M 99 -23.25 31.10 4.83
N ARG M 100 -24.16 30.18 5.06
CA ARG M 100 -24.54 29.76 6.40
C ARG M 100 -24.89 28.29 6.39
N ARG M 101 -24.58 27.61 7.49
CA ARG M 101 -24.92 26.20 7.69
C ARG M 101 -25.71 26.06 8.97
N PHE M 102 -26.91 25.48 8.87
CA PHE M 102 -27.77 25.25 10.02
C PHE M 102 -27.69 23.78 10.39
N VAL M 103 -27.14 23.50 11.57
CA VAL M 103 -26.97 22.14 12.07
C VAL M 103 -27.97 21.88 13.17
N GLY M 104 -28.30 20.61 13.41
CA GLY M 104 -29.19 20.25 14.48
C GLY M 104 -30.16 19.13 14.16
N HIS M 105 -30.55 19.00 12.90
CA HIS M 105 -31.41 17.88 12.51
C HIS M 105 -30.60 16.60 12.49
N THR M 106 -31.11 15.56 13.15
CA THR M 106 -30.39 14.31 13.30
C THR M 106 -30.65 13.32 12.19
N LYS M 107 -31.55 13.62 11.26
CA LYS M 107 -31.83 12.74 10.13
C LYS M 107 -32.12 13.61 8.91
N ASP M 108 -32.58 12.97 7.84
CA ASP M 108 -32.79 13.66 6.57
C ASP M 108 -33.75 14.82 6.76
N VAL M 109 -33.43 15.95 6.13
CA VAL M 109 -34.34 17.09 6.04
C VAL M 109 -35.18 16.90 4.78
N LEU M 110 -36.50 16.90 4.95
CA LEU M 110 -37.42 16.63 3.85
C LEU M 110 -38.10 17.86 3.30
N SER M 111 -38.05 18.99 4.00
CA SER M 111 -38.71 20.20 3.52
C SER M 111 -38.19 21.39 4.29
N VAL M 112 -38.05 22.50 3.58
CA VAL M 112 -37.67 23.79 4.18
C VAL M 112 -38.57 24.86 3.58
N ALA M 113 -38.69 25.97 4.31
CA ALA M 113 -39.51 27.08 3.83
C ALA M 113 -39.02 28.37 4.47
N PHE M 114 -39.08 29.44 3.69
CA PHE M 114 -38.76 30.79 4.16
C PHE M 114 -40.02 31.46 4.68
N SER M 115 -39.86 32.28 5.71
CA SER M 115 -40.95 33.12 6.16
C SER M 115 -41.23 34.22 5.14
N VAL M 116 -42.39 34.86 5.27
CA VAL M 116 -42.74 35.94 4.34
C VAL M 116 -41.71 37.06 4.43
N ASP M 117 -41.21 37.34 5.64
CA ASP M 117 -40.18 38.35 5.82
C ASP M 117 -38.79 37.82 5.52
N ASN M 118 -38.64 36.50 5.36
CA ASN M 118 -37.34 35.85 5.24
C ASN M 118 -36.51 36.03 6.51
N ARG M 119 -37.18 36.26 7.64
CA ARG M 119 -36.51 36.41 8.92
C ARG M 119 -36.41 35.11 9.70
N GLN M 120 -37.23 34.11 9.36
CA GLN M 120 -37.24 32.83 10.05
C GLN M 120 -37.25 31.70 9.03
N ILE M 121 -36.62 30.59 9.39
CA ILE M 121 -36.57 29.40 8.56
C ILE M 121 -37.16 28.24 9.33
N VAL M 122 -37.98 27.43 8.66
CA VAL M 122 -38.56 26.24 9.24
C VAL M 122 -38.19 25.05 8.36
N SER M 123 -37.88 23.92 9.00
CA SER M 123 -37.48 22.73 8.27
C SER M 123 -38.17 21.51 8.86
N ALA M 124 -38.37 20.51 8.01
CA ALA M 124 -38.94 19.24 8.40
C ALA M 124 -37.91 18.14 8.17
N SER M 125 -37.98 17.09 8.99
CA SER M 125 -36.96 16.05 8.96
C SER M 125 -37.60 14.70 9.27
N ARG M 126 -36.88 13.64 8.93
CA ARG M 126 -37.29 12.29 9.27
C ARG M 126 -37.13 11.99 10.75
N ASP M 127 -36.45 12.86 11.51
CA ASP M 127 -36.37 12.67 12.95
C ASP M 127 -37.65 13.04 13.66
N LYS M 128 -38.72 13.34 12.92
CA LYS M 128 -40.06 13.57 13.44
C LYS M 128 -40.22 14.92 14.11
N THR M 129 -39.34 15.86 13.83
CA THR M 129 -39.34 17.16 14.48
C THR M 129 -39.38 18.29 13.46
N ILE M 130 -39.87 19.44 13.90
CA ILE M 130 -39.83 20.68 13.14
C ILE M 130 -39.01 21.69 13.92
N LYS M 131 -38.06 22.32 13.24
CA LYS M 131 -37.16 23.28 13.88
C LYS M 131 -37.30 24.63 13.21
N LEU M 132 -37.21 25.69 14.02
CA LEU M 132 -37.29 27.06 13.55
C LEU M 132 -35.95 27.73 13.78
N TRP M 133 -35.45 28.44 12.77
CA TRP M 133 -34.13 29.05 12.78
C TRP M 133 -34.25 30.54 12.55
N ASN M 134 -33.17 31.25 12.84
CA ASN M 134 -33.00 32.65 12.44
C ASN M 134 -32.01 32.69 11.27
N THR M 135 -32.40 33.37 10.20
CA THR M 135 -31.59 33.37 8.99
C THR M 135 -30.21 33.95 9.25
N LEU M 136 -30.14 35.06 10.00
CA LEU M 136 -28.87 35.73 10.27
C LEU M 136 -28.38 35.53 11.70
N GLY M 137 -29.23 35.04 12.60
CA GLY M 137 -28.83 34.77 13.97
C GLY M 137 -28.30 33.37 14.15
N GLU M 138 -28.19 32.97 15.42
CA GLU M 138 -27.76 31.63 15.78
C GLU M 138 -28.82 30.87 16.58
N CYS M 139 -29.96 31.49 16.86
CA CYS M 139 -30.96 30.86 17.70
C CYS M 139 -31.67 29.73 16.95
N LYS M 140 -32.22 28.80 17.72
CA LYS M 140 -32.99 27.70 17.16
C LYS M 140 -34.02 27.26 18.18
N TYR M 141 -35.23 26.95 17.71
CA TYR M 141 -36.33 26.54 18.58
C TYR M 141 -37.01 25.33 17.94
N THR M 142 -36.67 24.13 18.42
CA THR M 142 -37.31 22.93 17.94
C THR M 142 -38.75 22.87 18.44
N ILE M 143 -39.68 22.55 17.55
CA ILE M 143 -41.08 22.41 17.94
C ILE M 143 -41.33 20.98 18.39
N GLN M 144 -41.02 20.71 19.66
CA GLN M 144 -41.28 19.41 20.28
C GLN M 144 -42.26 19.60 21.42
N GLU M 145 -43.32 18.80 21.43
CA GLU M 145 -44.35 18.88 22.44
C GLU M 145 -45.01 17.52 22.59
N GLN M 146 -45.88 17.42 23.60
CA GLN M 146 -46.64 16.19 23.77
C GLN M 146 -47.49 15.91 22.55
N ASP M 147 -48.04 16.96 21.92
CA ASP M 147 -48.83 16.84 20.71
C ASP M 147 -47.94 17.24 19.53
N SER M 148 -47.31 16.24 18.91
CA SER M 148 -46.42 16.48 17.79
C SER M 148 -46.44 15.25 16.89
N HIS M 149 -45.97 15.42 15.66
CA HIS M 149 -45.99 14.33 14.71
C HIS M 149 -45.22 13.14 15.24
N SER M 150 -45.78 11.94 15.04
CA SER M 150 -45.20 10.70 15.52
C SER M 150 -44.42 9.96 14.43
N ASP M 151 -44.33 10.52 13.22
CA ASP M 151 -43.56 9.91 12.15
C ASP M 151 -42.90 11.02 11.34
N TRP M 152 -42.37 10.66 10.18
CA TRP M 152 -41.65 11.62 9.34
C TRP M 152 -42.51 12.82 9.03
N VAL M 153 -41.93 14.00 9.17
CA VAL M 153 -42.57 15.24 8.74
C VAL M 153 -42.12 15.49 7.31
N SER M 154 -43.04 15.32 6.36
CA SER M 154 -42.70 15.31 4.94
C SER M 154 -42.88 16.66 4.26
N CYS M 155 -43.45 17.65 4.93
CA CYS M 155 -43.62 18.95 4.33
C CYS M 155 -44.04 19.99 5.37
N VAL M 156 -43.44 21.18 5.30
CA VAL M 156 -43.81 22.29 6.16
C VAL M 156 -43.91 23.54 5.28
N ARG M 157 -44.99 24.30 5.47
CA ARG M 157 -45.25 25.50 4.68
C ARG M 157 -45.70 26.63 5.60
N PHE M 158 -45.26 27.83 5.29
CA PHE M 158 -45.70 29.02 6.02
C PHE M 158 -47.00 29.54 5.42
N SER M 159 -47.92 29.93 6.30
CA SER M 159 -49.14 30.55 5.84
C SER M 159 -48.85 31.98 5.36
N PRO M 160 -49.39 32.39 4.20
CA PRO M 160 -49.17 33.76 3.70
C PRO M 160 -50.09 34.79 4.38
N ASN M 161 -50.14 34.75 5.70
CA ASN M 161 -50.95 35.67 6.50
C ASN M 161 -50.06 36.23 7.61
N ASN M 162 -49.76 37.53 7.52
CA ASN M 162 -48.84 38.13 8.48
C ASN M 162 -49.48 38.33 9.85
N LEU M 163 -50.76 38.73 9.88
CA LEU M 163 -51.39 39.05 11.14
C LEU M 163 -51.47 37.83 12.05
N GLN M 164 -51.67 36.64 11.49
CA GLN M 164 -51.76 35.40 12.25
C GLN M 164 -50.78 34.40 11.65
N PRO M 165 -49.50 34.48 12.00
CA PRO M 165 -48.53 33.54 11.43
C PRO M 165 -48.89 32.10 11.80
N THR M 166 -48.72 31.20 10.83
CA THR M 166 -49.14 29.82 11.00
C THR M 166 -48.22 28.90 10.22
N ILE M 167 -47.94 27.73 10.79
CA ILE M 167 -47.15 26.69 10.12
C ILE M 167 -48.04 25.48 9.92
N VAL M 168 -48.05 24.96 8.70
CA VAL M 168 -48.82 23.77 8.34
C VAL M 168 -47.84 22.68 7.96
N SER M 169 -47.88 21.56 8.67
CA SER M 169 -46.92 20.48 8.50
C SER M 169 -47.65 19.17 8.22
N GLY M 170 -47.35 18.56 7.08
CA GLY M 170 -47.79 17.21 6.84
C GLY M 170 -46.84 16.20 7.46
N SER M 171 -47.25 14.94 7.48
CA SER M 171 -46.43 13.90 8.09
C SER M 171 -46.89 12.54 7.61
N TRP M 172 -46.03 11.54 7.80
CA TRP M 172 -46.36 10.17 7.43
C TRP M 172 -47.23 9.47 8.45
N ASP M 173 -47.51 10.10 9.59
CA ASP M 173 -48.46 9.58 10.55
C ASP M 173 -49.90 9.87 10.14
N ARG M 174 -50.12 10.40 8.93
CA ARG M 174 -51.44 10.64 8.36
C ARG M 174 -52.16 11.82 9.00
N THR M 175 -51.42 12.76 9.60
CA THR M 175 -52.02 13.93 10.21
C THR M 175 -51.39 15.18 9.62
N VAL M 176 -52.20 16.23 9.51
CA VAL M 176 -51.74 17.53 9.01
C VAL M 176 -51.95 18.56 10.10
N LYS M 177 -50.92 18.80 10.90
CA LYS M 177 -51.05 19.70 12.04
C LYS M 177 -50.89 21.16 11.59
N ILE M 178 -51.53 22.05 12.35
CA ILE M 178 -51.45 23.49 12.11
C ILE M 178 -50.95 24.12 13.40
N TRP M 179 -49.82 24.81 13.31
CA TRP M 179 -49.15 25.39 14.47
C TRP M 179 -49.30 26.91 14.46
N ASN M 180 -49.28 27.50 15.65
CA ASN M 180 -49.32 28.95 15.82
C ASN M 180 -47.91 29.43 16.16
N LEU M 181 -47.31 30.18 15.24
CA LEU M 181 -45.92 30.58 15.39
C LEU M 181 -45.71 31.54 16.56
N THR M 182 -46.77 32.24 16.99
CA THR M 182 -46.61 33.22 18.07
C THR M 182 -46.14 32.54 19.34
N ASN M 183 -46.73 31.41 19.70
CA ASN M 183 -46.37 30.68 20.90
C ASN M 183 -45.73 29.33 20.61
N CYS M 184 -45.59 28.95 19.33
CA CYS M 184 -45.02 27.67 18.96
C CYS M 184 -45.77 26.51 19.61
N LYS M 185 -47.08 26.59 19.60
CA LYS M 185 -47.95 25.56 20.16
C LYS M 185 -48.94 25.09 19.10
N LEU M 186 -49.32 23.82 19.21
CA LEU M 186 -50.24 23.24 18.23
C LEU M 186 -51.60 23.90 18.32
N ARG M 187 -52.20 24.15 17.17
CA ARG M 187 -53.53 24.75 17.08
C ARG M 187 -54.61 23.73 16.74
N SER M 188 -54.43 22.98 15.66
CA SER M 188 -55.42 22.00 15.24
C SER M 188 -54.70 20.83 14.58
N THR M 189 -55.36 19.68 14.59
CA THR M 189 -54.87 18.47 13.94
C THR M 189 -55.93 17.97 12.96
N LEU M 190 -55.51 17.69 11.74
CA LEU M 190 -56.41 17.26 10.67
C LEU M 190 -56.14 15.80 10.35
N ALA M 191 -57.18 14.96 10.42
CA ALA M 191 -57.06 13.52 10.23
C ALA M 191 -58.18 13.06 9.28
N GLY M 192 -57.84 12.97 8.00
CA GLY M 192 -58.78 12.46 7.02
C GLY M 192 -58.12 11.61 5.94
N HIS M 193 -56.85 11.28 6.13
CA HIS M 193 -56.07 10.56 5.13
C HIS M 193 -55.92 9.10 5.54
N SER M 194 -56.13 8.20 4.58
CA SER M 194 -55.94 6.79 4.85
C SER M 194 -54.46 6.41 4.88
N GLY M 195 -53.65 7.06 4.06
CA GLY M 195 -52.23 6.77 3.98
C GLY M 195 -51.39 7.97 4.36
N TYR M 196 -50.08 7.79 4.24
CA TYR M 196 -49.15 8.84 4.61
C TYR M 196 -49.33 10.07 3.72
N VAL M 197 -49.10 11.23 4.30
CA VAL M 197 -49.16 12.50 3.58
C VAL M 197 -47.72 12.93 3.27
N ASN M 198 -47.43 13.18 2.00
CA ASN M 198 -46.10 13.59 1.58
C ASN M 198 -46.07 14.99 0.97
N THR M 199 -47.13 15.78 1.13
CA THR M 199 -47.13 17.13 0.61
C THR M 199 -48.33 17.89 1.15
N VAL M 200 -48.12 19.17 1.45
CA VAL M 200 -49.19 20.10 1.80
C VAL M 200 -48.96 21.39 1.04
N ALA M 201 -50.04 22.15 0.84
CA ALA M 201 -49.96 23.43 0.16
C ALA M 201 -50.90 24.41 0.85
N VAL M 202 -50.57 25.70 0.75
CA VAL M 202 -51.38 26.76 1.33
C VAL M 202 -51.73 27.73 0.22
N SER M 203 -52.99 28.14 0.18
CA SER M 203 -53.46 29.00 -0.88
C SER M 203 -52.80 30.38 -0.79
N PRO M 204 -52.64 31.08 -1.93
CA PRO M 204 -51.99 32.40 -1.87
C PRO M 204 -52.68 33.35 -0.91
N ASP M 205 -54.01 33.32 -0.86
CA ASP M 205 -54.73 34.14 0.11
C ASP M 205 -54.56 33.60 1.52
N GLY M 206 -54.32 32.30 1.66
CA GLY M 206 -54.13 31.68 2.96
C GLY M 206 -55.38 31.11 3.59
N SER M 207 -56.48 31.03 2.84
CA SER M 207 -57.75 30.52 3.37
C SER M 207 -57.97 29.04 3.07
N LEU M 208 -57.05 28.38 2.38
CA LEU M 208 -57.22 27.00 1.97
C LEU M 208 -55.93 26.23 2.14
N CYS M 209 -56.07 24.90 2.26
CA CYS M 209 -54.96 23.98 2.28
C CYS M 209 -55.25 22.83 1.34
N ALA M 210 -54.21 22.07 1.01
CA ALA M 210 -54.36 20.94 0.10
C ALA M 210 -53.35 19.88 0.49
N SER M 211 -53.83 18.71 0.89
CA SER M 211 -52.99 17.62 1.35
C SER M 211 -53.19 16.39 0.48
N GLY M 212 -52.09 15.70 0.16
CA GLY M 212 -52.14 14.51 -0.64
C GLY M 212 -51.04 13.56 -0.23
N GLY M 213 -51.11 12.33 -0.74
CA GLY M 213 -50.11 11.34 -0.39
C GLY M 213 -50.44 9.97 -0.95
N LYS M 214 -50.27 8.97 -0.09
CA LYS M 214 -50.40 7.57 -0.53
C LYS M 214 -51.81 7.29 -1.07
N ASP M 215 -52.84 7.72 -0.34
CA ASP M 215 -54.20 7.34 -0.70
C ASP M 215 -54.63 7.93 -2.04
N GLY M 216 -53.89 8.91 -2.56
CA GLY M 216 -54.26 9.51 -3.83
C GLY M 216 -55.48 10.39 -3.77
N VAL M 217 -55.81 10.91 -2.59
CA VAL M 217 -56.98 11.75 -2.38
C VAL M 217 -56.51 13.11 -1.89
N ILE M 218 -56.92 14.17 -2.57
CA ILE M 218 -56.57 15.53 -2.18
C ILE M 218 -57.67 16.07 -1.29
N LEU M 219 -57.33 16.36 -0.04
CA LEU M 219 -58.27 16.88 0.95
C LEU M 219 -57.99 18.37 1.15
N LEU M 220 -58.93 19.21 0.75
CA LEU M 220 -58.80 20.65 0.94
C LEU M 220 -59.42 21.04 2.27
N TRP M 221 -58.61 21.61 3.15
CA TRP M 221 -59.04 22.02 4.48
C TRP M 221 -59.26 23.53 4.52
N ASP M 222 -59.87 23.98 5.60
CA ASP M 222 -60.03 25.40 5.90
C ASP M 222 -59.06 25.75 7.02
N LEU M 223 -58.05 26.55 6.71
CA LEU M 223 -56.98 26.81 7.66
C LEU M 223 -57.51 27.50 8.91
N ALA M 224 -58.43 28.45 8.75
CA ALA M 224 -58.92 29.20 9.89
C ALA M 224 -59.64 28.31 10.88
N GLU M 225 -60.50 27.40 10.40
CA GLU M 225 -61.31 26.56 11.25
C GLU M 225 -60.85 25.10 11.28
N GLY M 226 -59.92 24.72 10.42
CA GLY M 226 -59.47 23.33 10.38
C GLY M 226 -60.59 22.35 10.05
N LYS M 227 -61.35 22.66 9.00
CA LYS M 227 -62.47 21.83 8.58
C LYS M 227 -62.24 21.37 7.15
N LYS M 228 -62.72 20.17 6.83
CA LYS M 228 -62.59 19.60 5.50
C LYS M 228 -63.70 20.15 4.62
N LEU M 229 -63.33 21.03 3.68
CA LEU M 229 -64.34 21.61 2.79
C LEU M 229 -64.82 20.59 1.77
N TYR M 230 -63.91 19.87 1.13
CA TYR M 230 -64.26 18.89 0.11
C TYR M 230 -63.00 18.09 -0.21
N SER M 231 -63.14 17.16 -1.16
CA SER M 231 -62.07 16.23 -1.48
C SER M 231 -62.03 16.01 -2.98
N LEU M 232 -60.84 16.14 -3.57
CA LEU M 232 -60.60 15.77 -4.95
C LEU M 232 -59.91 14.41 -5.02
N ASP M 233 -60.11 13.72 -6.13
CA ASP M 233 -59.63 12.35 -6.29
C ASP M 233 -58.60 12.32 -7.42
N ALA M 234 -57.32 12.24 -7.06
CA ALA M 234 -56.27 12.17 -8.07
C ALA M 234 -56.20 10.78 -8.70
N GLY M 235 -56.42 9.74 -7.90
CA GLY M 235 -56.36 8.37 -8.37
C GLY M 235 -54.98 7.75 -8.37
N SER M 236 -53.95 8.49 -7.93
CA SER M 236 -52.60 7.97 -7.91
C SER M 236 -51.84 8.68 -6.79
N ILE M 237 -50.68 8.13 -6.44
CA ILE M 237 -49.86 8.73 -5.39
C ILE M 237 -49.55 10.17 -5.75
N ILE M 238 -49.75 11.07 -4.81
CA ILE M 238 -49.53 12.50 -5.00
C ILE M 238 -48.19 12.86 -4.39
N HIS M 239 -47.37 13.59 -5.14
CA HIS M 239 -46.02 13.93 -4.70
C HIS M 239 -45.86 15.39 -4.33
N THR M 240 -46.55 16.31 -5.02
CA THR M 240 -46.48 17.71 -4.64
C THR M 240 -47.76 18.41 -5.09
N LEU M 241 -48.13 19.45 -4.35
CA LEU M 241 -49.31 20.26 -4.64
C LEU M 241 -48.91 21.73 -4.66
N CYS M 242 -49.49 22.49 -5.57
CA CYS M 242 -49.23 23.92 -5.66
C CYS M 242 -50.46 24.64 -6.21
N PHE M 243 -50.88 25.69 -5.52
CA PHE M 243 -51.97 26.53 -6.00
C PHE M 243 -51.46 27.50 -7.06
N SER M 244 -52.27 27.73 -8.08
CA SER M 244 -51.88 28.69 -9.11
C SER M 244 -51.85 30.10 -8.52
N PRO M 245 -50.85 30.92 -8.86
CA PRO M 245 -50.79 32.25 -8.26
C PRO M 245 -51.97 33.14 -8.61
N ASN M 246 -52.55 32.98 -9.80
CA ASN M 246 -53.54 33.92 -10.31
C ASN M 246 -54.87 33.29 -10.73
N ARG M 247 -54.88 32.04 -11.17
CA ARG M 247 -56.05 31.46 -11.81
C ARG M 247 -56.86 30.56 -10.88
N TYR M 248 -56.56 30.56 -9.59
CA TYR M 248 -57.36 29.83 -8.60
C TYR M 248 -57.50 28.36 -8.99
N TRP M 249 -56.39 27.76 -9.39
CA TRP M 249 -56.31 26.34 -9.70
C TRP M 249 -55.53 25.64 -8.62
N LEU M 250 -55.51 24.30 -8.69
CA LEU M 250 -54.72 23.47 -7.80
C LEU M 250 -54.10 22.36 -8.62
N CYS M 251 -52.77 22.38 -8.75
CA CYS M 251 -52.06 21.37 -9.51
C CYS M 251 -51.53 20.29 -8.58
N ALA M 252 -51.65 19.04 -9.02
CA ALA M 252 -51.16 17.89 -8.27
C ALA M 252 -50.26 17.07 -9.17
N ALA M 253 -49.07 16.75 -8.69
CA ALA M 253 -48.13 15.91 -9.42
C ALA M 253 -48.36 14.46 -8.98
N THR M 254 -49.05 13.69 -9.82
CA THR M 254 -49.31 12.29 -9.56
C THR M 254 -48.41 11.43 -10.43
N GLU M 255 -48.22 10.19 -10.00
CA GLU M 255 -47.39 9.27 -10.79
C GLU M 255 -48.00 9.03 -12.15
N SER M 256 -49.33 9.07 -12.26
CA SER M 256 -49.98 8.89 -13.55
C SER M 256 -49.78 10.11 -14.45
N SER M 257 -49.96 11.31 -13.90
CA SER M 257 -49.86 12.53 -14.68
C SER M 257 -49.95 13.72 -13.75
N ILE M 258 -49.89 14.92 -14.34
CA ILE M 258 -50.11 16.17 -13.63
C ILE M 258 -51.54 16.62 -13.90
N LYS M 259 -52.33 16.74 -12.84
CA LYS M 259 -53.76 17.06 -12.95
C LYS M 259 -54.04 18.39 -12.27
N ILE M 260 -54.74 19.28 -12.98
CA ILE M 260 -55.10 20.59 -12.47
C ILE M 260 -56.62 20.63 -12.32
N TRP M 261 -57.09 20.99 -11.13
CA TRP M 261 -58.51 21.05 -10.82
C TRP M 261 -58.92 22.51 -10.67
N ASP M 262 -59.97 22.90 -11.38
CA ASP M 262 -60.58 24.21 -11.12
C ASP M 262 -61.37 24.15 -9.83
N LEU M 263 -60.90 24.90 -8.82
CA LEU M 263 -61.46 24.77 -7.49
C LEU M 263 -62.93 25.20 -7.45
N GLU M 264 -63.29 26.26 -8.17
CA GLU M 264 -64.68 26.69 -8.19
C GLU M 264 -65.59 25.64 -8.81
N SER M 265 -65.10 24.92 -9.82
CA SER M 265 -65.89 23.89 -10.48
C SER M 265 -65.51 22.48 -10.07
N LYS M 266 -64.35 22.28 -9.44
CA LYS M 266 -63.90 20.97 -9.00
C LYS M 266 -63.80 19.98 -10.17
N SER M 267 -63.45 20.49 -11.35
CA SER M 267 -63.27 19.67 -12.54
C SER M 267 -61.85 19.82 -13.06
N ILE M 268 -61.32 18.75 -13.65
CA ILE M 268 -59.95 18.75 -14.13
C ILE M 268 -59.86 19.69 -15.33
N VAL M 269 -59.07 20.75 -15.20
CA VAL M 269 -58.87 21.67 -16.32
C VAL M 269 -58.16 20.96 -17.47
N VAL M 270 -57.11 20.21 -17.15
CA VAL M 270 -56.34 19.49 -18.15
C VAL M 270 -55.47 18.48 -17.44
N ASP M 271 -55.14 17.38 -18.13
CA ASP M 271 -54.21 16.38 -17.63
C ASP M 271 -52.98 16.40 -18.53
N LEU M 272 -51.82 16.65 -17.92
CA LEU M 272 -50.56 16.78 -18.64
C LEU M 272 -49.78 15.49 -18.46
N LYS M 273 -49.57 14.76 -19.56
CA LYS M 273 -48.88 13.48 -19.53
C LYS M 273 -47.61 13.56 -20.36
N VAL M 274 -46.52 13.03 -19.80
CA VAL M 274 -45.25 13.01 -20.51
C VAL M 274 -45.40 12.16 -21.77
N ASP M 275 -44.92 12.69 -22.89
CA ASP M 275 -44.97 12.00 -24.18
C ASP M 275 -43.63 12.23 -24.86
N LEU M 276 -42.70 11.30 -24.65
CA LEU M 276 -41.37 11.44 -25.23
C LEU M 276 -41.40 11.50 -26.75
N LYS M 277 -42.44 10.95 -27.37
CA LYS M 277 -42.58 11.09 -28.82
C LYS M 277 -42.69 12.54 -29.23
N GLN M 278 -43.53 13.31 -28.52
CA GLN M 278 -43.67 14.72 -28.83
C GLN M 278 -42.37 15.48 -28.56
N GLU M 279 -41.77 15.27 -27.39
CA GLU M 279 -40.55 15.97 -27.04
C GLU M 279 -39.41 15.61 -27.98
N SER M 280 -39.41 14.39 -28.52
CA SER M 280 -38.35 13.98 -29.43
C SER M 280 -38.35 14.84 -30.68
N GLU M 281 -39.54 15.15 -31.22
CA GLU M 281 -39.65 15.93 -32.44
C GLU M 281 -39.86 17.41 -32.20
N MET M 282 -40.45 17.80 -31.07
CA MET M 282 -40.70 19.21 -30.81
C MET M 282 -39.39 19.94 -30.48
N PHE M 283 -38.66 19.45 -29.49
CA PHE M 283 -37.46 20.14 -29.00
C PHE M 283 -36.27 19.20 -28.90
N GLY M 284 -36.26 18.12 -29.67
CA GLY M 284 -35.15 17.17 -29.65
C GLY M 284 -34.17 17.39 -30.80
N LYS M 291 -34.57 5.14 -21.49
CA LYS M 291 -33.85 5.43 -20.25
C LYS M 291 -34.56 4.81 -19.05
N THR M 292 -35.83 5.15 -18.87
CA THR M 292 -36.64 4.57 -17.81
C THR M 292 -38.09 4.56 -18.26
N LYS M 293 -38.76 3.41 -18.10
CA LYS M 293 -40.17 3.33 -18.45
C LYS M 293 -41.02 4.23 -17.56
N VAL M 294 -40.74 4.24 -16.26
CA VAL M 294 -41.58 4.93 -15.28
C VAL M 294 -40.98 6.32 -15.07
N ILE M 295 -41.59 7.31 -15.70
CA ILE M 295 -41.23 8.72 -15.52
C ILE M 295 -42.45 9.45 -15.02
N TYR M 296 -42.31 10.13 -13.88
CA TYR M 296 -43.42 10.91 -13.34
C TYR M 296 -42.86 12.17 -12.68
N CYS M 297 -43.72 13.18 -12.59
CA CYS M 297 -43.35 14.46 -12.02
C CYS M 297 -43.16 14.32 -10.51
N THR M 298 -42.07 14.91 -10.00
CA THR M 298 -41.78 14.91 -8.58
C THR M 298 -41.85 16.29 -7.95
N SER M 299 -41.82 17.35 -8.75
CA SER M 299 -41.86 18.70 -8.22
C SER M 299 -42.60 19.61 -9.19
N LEU M 300 -43.28 20.60 -8.65
CA LEU M 300 -44.02 21.58 -9.43
C LEU M 300 -43.76 22.97 -8.87
N SER M 301 -43.86 23.98 -9.73
CA SER M 301 -43.70 25.36 -9.28
C SER M 301 -44.26 26.28 -10.35
N TRP M 302 -45.08 27.23 -9.95
CA TRP M 302 -45.65 28.21 -10.87
C TRP M 302 -44.73 29.41 -11.01
N SER M 303 -44.75 30.01 -12.20
CA SER M 303 -44.07 31.28 -12.39
C SER M 303 -44.76 32.37 -11.60
N ALA M 304 -44.01 33.42 -11.27
CA ALA M 304 -44.57 34.50 -10.48
C ALA M 304 -45.81 35.09 -11.13
N ASP M 305 -45.78 35.24 -12.45
CA ASP M 305 -46.92 35.75 -13.21
C ASP M 305 -47.95 34.67 -13.54
N GLY M 306 -47.63 33.41 -13.29
CA GLY M 306 -48.56 32.32 -13.57
C GLY M 306 -48.65 31.94 -15.03
N SER M 307 -47.76 32.45 -15.87
CA SER M 307 -47.82 32.13 -17.30
C SER M 307 -47.31 30.73 -17.59
N THR M 308 -46.32 30.25 -16.85
CA THR M 308 -45.68 28.97 -17.12
C THR M 308 -45.62 28.13 -15.85
N LEU M 309 -45.70 26.82 -16.02
CA LEU M 309 -45.58 25.85 -14.94
C LEU M 309 -44.36 24.99 -15.17
N PHE M 310 -43.52 24.86 -14.14
CA PHE M 310 -42.31 24.06 -14.22
C PHE M 310 -42.52 22.74 -13.50
N SER M 311 -42.12 21.64 -14.15
CA SER M 311 -42.29 20.30 -13.61
C SER M 311 -40.96 19.59 -13.63
N GLY M 312 -40.57 19.04 -12.47
CA GLY M 312 -39.38 18.21 -12.38
C GLY M 312 -39.76 16.74 -12.37
N TYR M 313 -39.01 15.95 -13.14
CA TYR M 313 -39.35 14.55 -13.38
C TYR M 313 -38.23 13.65 -12.87
N THR M 314 -38.58 12.37 -12.67
CA THR M 314 -37.64 11.40 -12.14
C THR M 314 -36.47 11.14 -13.09
N ASP M 315 -36.61 11.47 -14.37
CA ASP M 315 -35.55 11.29 -15.34
C ASP M 315 -34.58 12.47 -15.38
N GLY M 316 -34.74 13.44 -14.50
CA GLY M 316 -33.86 14.59 -14.48
C GLY M 316 -34.17 15.65 -15.52
N LEU M 317 -35.33 15.56 -16.16
CA LEU M 317 -35.74 16.53 -17.17
C LEU M 317 -36.77 17.48 -16.57
N ILE M 318 -36.63 18.76 -16.87
CA ILE M 318 -37.57 19.79 -16.44
C ILE M 318 -38.40 20.19 -17.64
N ARG M 319 -39.70 20.00 -17.56
CA ARG M 319 -40.63 20.35 -18.63
C ARG M 319 -41.39 21.61 -18.24
N VAL M 320 -41.43 22.57 -19.16
CA VAL M 320 -42.11 23.84 -18.93
C VAL M 320 -43.45 23.81 -19.64
N TRP M 321 -44.53 24.03 -18.89
CA TRP M 321 -45.89 24.03 -19.42
C TRP M 321 -46.40 25.47 -19.35
N GLY M 322 -46.76 26.03 -20.50
CA GLY M 322 -47.29 27.37 -20.57
C GLY M 322 -48.76 27.39 -20.92
N ILE M 323 -49.47 28.37 -20.37
CA ILE M 323 -50.89 28.52 -20.66
C ILE M 323 -51.07 28.89 -22.13
N GLY M 324 -52.01 28.21 -22.78
CA GLY M 324 -52.24 28.44 -24.19
C GLY M 324 -53.06 27.30 -24.78
N ARG M 325 -52.97 27.17 -26.11
CA ARG M 325 -53.69 26.12 -26.82
C ARG M 325 -52.75 25.38 -27.76
N LYS N 34 29.56 -21.65 -37.16
CA LYS N 34 29.53 -20.22 -36.89
C LYS N 34 30.92 -19.62 -36.99
N GLU N 35 31.13 -18.81 -38.02
CA GLU N 35 32.41 -18.12 -38.21
C GLU N 35 32.42 -16.80 -37.44
N LYS N 36 33.63 -16.33 -37.16
CA LYS N 36 33.82 -15.08 -36.44
C LYS N 36 34.01 -13.93 -37.43
N VAL N 37 33.29 -12.84 -37.19
CA VAL N 37 33.48 -11.65 -38.00
C VAL N 37 34.87 -11.07 -37.71
N ASN N 38 35.44 -10.43 -38.72
CA ASN N 38 36.72 -9.74 -38.59
C ASN N 38 36.50 -8.30 -39.04
N ASN N 39 36.04 -7.46 -38.11
CA ASN N 39 35.73 -6.07 -38.41
C ASN N 39 36.98 -5.22 -38.17
N MET N 40 37.35 -4.42 -39.16
CA MET N 40 38.53 -3.59 -39.03
C MET N 40 38.27 -2.44 -38.06
N VAL N 41 39.26 -2.15 -37.21
CA VAL N 41 39.14 -1.09 -36.24
C VAL N 41 39.54 0.27 -36.79
N LEU N 42 40.32 0.30 -37.87
CA LEU N 42 40.68 1.53 -38.55
C LEU N 42 40.52 1.33 -40.05
N PHE N 43 40.15 2.39 -40.75
CA PHE N 43 39.93 2.29 -42.19
C PHE N 43 41.25 2.07 -42.92
N ASP N 44 41.15 1.44 -44.09
CA ASP N 44 42.19 1.44 -45.09
C ASP N 44 41.75 2.30 -46.26
N LYS N 45 42.72 2.73 -47.06
CA LYS N 45 42.41 3.68 -48.15
C LYS N 45 41.24 3.19 -48.99
N GLY N 46 41.20 1.89 -49.29
CA GLY N 46 40.14 1.37 -50.12
C GLY N 46 38.77 1.51 -49.48
N THR N 47 38.66 1.14 -48.20
CA THR N 47 37.36 1.19 -47.53
C THR N 47 36.94 2.62 -47.21
N TYR N 48 37.91 3.48 -46.87
CA TYR N 48 37.57 4.86 -46.56
C TYR N 48 36.97 5.57 -47.76
N ASP N 49 37.52 5.34 -48.95
CA ASP N 49 36.96 5.95 -50.15
C ASP N 49 35.56 5.42 -50.43
N LYS N 50 35.33 4.13 -50.14
CA LYS N 50 34.00 3.57 -50.31
C LYS N 50 33.00 4.26 -49.38
N LEU N 51 33.43 4.59 -48.16
CA LEU N 51 32.56 5.29 -47.22
C LEU N 51 32.16 6.65 -47.77
N ILE N 52 33.11 7.40 -48.34
CA ILE N 52 32.83 8.76 -48.77
C ILE N 52 31.95 8.78 -50.01
N THR N 53 31.99 7.74 -50.82
CA THR N 53 31.23 7.71 -52.07
C THR N 53 29.90 6.99 -51.93
N GLU N 54 29.89 5.80 -51.31
CA GLU N 54 28.68 5.00 -51.28
C GLU N 54 27.78 5.36 -50.10
N ALA N 55 28.36 5.51 -48.91
CA ALA N 55 27.54 5.73 -47.73
C ALA N 55 26.63 6.95 -47.85
N PRO N 56 27.08 8.10 -48.37
CA PRO N 56 26.14 9.23 -48.51
C PRO N 56 24.88 8.90 -49.26
N LYS N 57 24.87 7.85 -50.08
CA LYS N 57 23.71 7.49 -50.87
C LYS N 57 22.73 6.57 -50.14
N TYR N 58 23.06 6.09 -48.95
CA TYR N 58 22.16 5.21 -48.23
C TYR N 58 20.94 5.96 -47.73
N LYS N 59 19.78 5.30 -47.76
CA LYS N 59 18.58 5.88 -47.17
C LYS N 59 18.66 5.88 -45.66
N LEU N 60 19.08 4.77 -45.07
CA LEU N 60 19.24 4.65 -43.63
C LEU N 60 20.72 4.45 -43.32
N ILE N 61 21.24 5.29 -42.43
CA ILE N 61 22.63 5.22 -42.01
C ILE N 61 22.64 5.14 -40.48
N THR N 62 23.11 4.01 -39.96
CA THR N 62 23.29 3.79 -38.54
C THR N 62 24.63 3.10 -38.34
N PRO N 63 25.14 3.10 -37.11
CA PRO N 63 26.40 2.38 -36.85
C PRO N 63 26.34 0.92 -37.26
N SER N 64 25.21 0.24 -37.05
CA SER N 64 25.12 -1.17 -37.41
C SER N 64 25.00 -1.37 -38.91
N VAL N 65 24.36 -0.42 -39.61
CA VAL N 65 24.29 -0.51 -41.07
C VAL N 65 25.67 -0.40 -41.68
N LEU N 66 26.43 0.61 -41.29
CA LEU N 66 27.80 0.76 -41.79
C LEU N 66 28.67 -0.39 -41.32
N SER N 67 28.52 -0.81 -40.06
CA SER N 67 29.35 -1.89 -39.54
C SER N 67 29.19 -3.17 -40.36
N ASP N 68 27.98 -3.45 -40.84
CA ASP N 68 27.74 -4.65 -41.62
C ASP N 68 28.11 -4.49 -43.08
N ARG N 69 27.83 -3.33 -43.68
CA ARG N 69 28.11 -3.14 -45.09
C ARG N 69 29.60 -2.97 -45.36
N LEU N 70 30.28 -2.19 -44.54
CA LEU N 70 31.70 -1.90 -44.74
C LEU N 70 32.61 -2.83 -43.94
N ARG N 71 32.05 -3.75 -43.17
CA ARG N 71 32.84 -4.68 -42.36
C ARG N 71 33.77 -3.92 -41.42
N ILE N 72 33.20 -2.91 -40.75
CA ILE N 72 33.92 -2.12 -39.77
C ILE N 72 33.27 -2.32 -38.41
N SER N 73 34.05 -2.12 -37.35
CA SER N 73 33.51 -2.24 -36.01
C SER N 73 32.53 -1.10 -35.73
N GLY N 74 31.62 -1.34 -34.79
CA GLY N 74 30.68 -0.31 -34.41
C GLY N 74 31.36 0.93 -33.86
N SER N 75 32.48 0.74 -33.16
CA SER N 75 33.24 1.88 -32.66
C SER N 75 33.78 2.74 -33.80
N LEU N 76 34.29 2.11 -34.85
CA LEU N 76 34.76 2.87 -36.00
C LEU N 76 33.60 3.51 -36.75
N ALA N 77 32.47 2.82 -36.81
CA ALA N 77 31.30 3.37 -37.49
C ALA N 77 30.79 4.63 -36.79
N ARG N 78 30.81 4.65 -35.46
CA ARG N 78 30.37 5.85 -34.75
C ARG N 78 31.26 7.04 -35.07
N LYS N 79 32.57 6.85 -35.11
CA LYS N 79 33.46 7.94 -35.48
C LYS N 79 33.27 8.34 -36.94
N ALA N 80 33.05 7.36 -37.81
CA ALA N 80 32.85 7.65 -39.23
C ALA N 80 31.61 8.50 -39.45
N ILE N 81 30.53 8.21 -38.73
CA ILE N 81 29.30 8.98 -38.89
C ILE N 81 29.51 10.42 -38.45
N ARG N 82 30.31 10.64 -37.40
CA ARG N 82 30.62 12.00 -37.00
C ARG N 82 31.37 12.74 -38.10
N GLU N 83 32.32 12.07 -38.75
CA GLU N 83 33.05 12.71 -39.85
C GLU N 83 32.12 13.07 -41.00
N LEU N 84 31.21 12.16 -41.35
CA LEU N 84 30.25 12.47 -42.41
C LEU N 84 29.35 13.62 -42.01
N MET N 85 28.98 13.72 -40.74
CA MET N 85 28.21 14.86 -40.27
C MET N 85 29.00 16.15 -40.41
N ALA N 86 30.29 16.12 -40.04
CA ALA N 86 31.12 17.32 -40.17
C ALA N 86 31.25 17.74 -41.63
N LYS N 87 31.43 16.78 -42.53
CA LYS N 87 31.50 17.08 -43.96
C LYS N 87 30.15 17.50 -44.54
N GLY N 88 29.07 17.34 -43.79
CA GLY N 88 27.75 17.68 -44.30
C GLY N 88 27.21 16.73 -45.33
N LEU N 89 27.72 15.50 -45.38
CA LEU N 89 27.25 14.52 -46.34
C LEU N 89 25.99 13.80 -45.90
N ILE N 90 25.71 13.76 -44.60
CA ILE N 90 24.53 13.08 -44.07
C ILE N 90 23.89 13.98 -43.03
N ARG N 91 22.56 13.94 -42.96
CA ARG N 91 21.80 14.68 -41.98
C ARG N 91 21.24 13.72 -40.93
N MET N 92 20.95 14.27 -39.76
CA MET N 92 20.45 13.50 -38.64
C MET N 92 18.93 13.42 -38.70
N VAL N 93 18.38 12.27 -38.33
CA VAL N 93 16.95 12.08 -38.19
C VAL N 93 16.56 11.93 -36.72
N SER N 94 17.27 11.07 -36.00
CA SER N 94 17.02 10.86 -34.58
C SER N 94 18.35 10.70 -33.86
N ALA N 95 18.40 11.20 -32.64
CA ALA N 95 19.58 11.07 -31.78
C ALA N 95 19.14 10.49 -30.45
N HIS N 96 19.69 9.33 -30.12
CA HIS N 96 19.47 8.72 -28.82
C HIS N 96 20.73 7.95 -28.47
N ALA N 97 21.09 7.94 -27.19
CA ALA N 97 22.31 7.27 -26.79
C ALA N 97 22.32 5.82 -27.25
N SER N 98 21.15 5.18 -27.30
CA SER N 98 21.08 3.77 -27.67
C SER N 98 20.92 3.58 -29.17
N GLN N 99 20.23 4.49 -29.85
CA GLN N 99 19.95 4.34 -31.28
C GLN N 99 20.14 5.68 -31.97
N GLN N 100 21.04 5.72 -32.96
CA GLN N 100 21.29 6.92 -33.76
C GLN N 100 20.85 6.63 -35.19
N ILE N 101 20.07 7.55 -35.76
CA ILE N 101 19.50 7.39 -37.09
C ILE N 101 19.93 8.57 -37.95
N TYR N 102 20.48 8.26 -39.13
CA TYR N 102 20.94 9.28 -40.06
C TYR N 102 20.44 8.93 -41.45
N THR N 103 20.56 9.88 -42.37
CA THR N 103 20.11 9.68 -43.73
C THR N 103 20.86 10.63 -44.65
N ARG N 104 20.81 10.34 -45.94
CA ARG N 104 21.49 11.16 -46.92
C ARG N 104 20.99 12.60 -46.86
N ALA N 105 21.93 13.54 -46.96
CA ALA N 105 21.57 14.95 -46.83
C ALA N 105 20.60 15.39 -47.92
N THR N 106 20.83 14.95 -49.15
CA THR N 106 19.97 15.28 -50.28
C THR N 106 19.44 13.99 -50.89
N ASN N 107 18.15 13.99 -51.20
CA ASN N 107 17.50 12.79 -51.70
C ASN N 107 17.89 12.53 -53.15
N THR N 108 18.34 11.31 -53.42
CA THR N 108 18.66 10.86 -54.78
C THR N 108 19.48 11.87 -55.55
K K Q . 10.21 -26.02 4.10
K K R . -1.22 -34.91 19.94
K K S . 17.08 -23.82 -15.92
K K T . 4.70 -30.61 23.52
K K U . 7.82 -37.67 29.20
K K V . 10.85 38.51 -4.24
K K W . 36.41 -12.52 -7.38
N2 PUT X . 5.23 -9.93 -8.51
C4 PUT X . 6.54 -9.40 -8.14
C3 PUT X . 6.59 -8.92 -6.69
C2 PUT X . 6.04 -7.51 -6.55
C1 PUT X . 5.53 -7.23 -5.15
N1 PUT X . 4.69 -6.02 -5.08
HN21 PUT X . 5.27 -10.81 -8.38
HN22 PUT X . 5.14 -9.80 -9.38
H41 PUT X . 7.22 -10.10 -8.25
H42 PUT X . 6.76 -8.66 -8.72
H31 PUT X . 6.07 -9.52 -6.15
H32 PUT X . 7.51 -8.93 -6.39
H21 PUT X . 5.30 -7.39 -7.18
H22 PUT X . 6.74 -6.87 -6.77
H11 PUT X . 5.02 -7.99 -4.84
H12 PUT X . 6.30 -7.11 -4.55
HN11 PUT X . 4.03 -6.21 -4.49
HN12 PUT X . 5.19 -5.39 -4.71
MG MG Y . 1.19 -30.03 -10.36
MG MG Z . -0.09 -25.42 -20.52
MG MG AA . 17.07 -18.13 -13.30
MG MG BA . 20.54 -26.10 -11.63
MG MG CA . -3.78 -30.97 -0.28
MG MG DA . 15.88 -19.84 8.36
MG MG EA . 26.97 -17.87 12.18
MG MG FA . 29.30 -25.22 20.51
MG MG GA . 30.78 -26.43 25.69
MG MG HA . 12.54 -31.12 29.88
MG MG IA . 0.26 -38.90 16.70
MG MG JA . 3.24 -41.83 14.29
MG MG KA . -13.91 -28.29 7.76
MG MG LA . -17.64 -16.90 6.52
MG MG MA . -22.92 -19.03 11.12
MG MG NA . 22.81 -31.81 30.18
MG MG OA . 23.23 -28.23 10.65
MG MG PA . 36.44 -11.64 -19.42
MG MG QA . 31.55 -7.37 -15.44
MG MG RA . -9.60 16.65 3.46
MG MG SA . 23.46 3.30 -15.96
MG MG TA . 11.86 11.07 -2.24
MG MG UA . -10.67 -21.46 -13.97
MG MG VA . 21.61 -30.94 -10.20
MG MG WA . 10.41 -23.27 1.12
MG MG XA . -17.36 3.87 6.37
MG MG YA . 32.92 -23.15 6.74
C2 BGC ZA . -15.48 -15.64 32.59
C3 BGC ZA . -15.12 -14.25 32.13
C4 BGC ZA . -16.01 -13.21 32.81
C5 BGC ZA . -15.94 -13.39 34.32
C6 BGC ZA . -16.88 -12.45 35.06
C1 BGC ZA . -15.46 -15.72 34.11
O2 BGC ZA . -14.58 -16.59 32.06
O3 BGC ZA . -15.25 -14.14 30.72
O4 BGC ZA . -15.60 -11.90 32.46
O5 BGC ZA . -16.33 -14.73 34.67
O6 BGC ZA . -16.52 -11.10 34.84
H2 BGC ZA . -16.49 -15.86 32.23
H3 BGC ZA . -14.09 -14.03 32.40
H4 BGC ZA . -17.04 -13.36 32.48
H5 BGC ZA . -14.92 -13.21 34.66
H61 BGC ZA . -17.89 -12.53 34.65
H62 BGC ZA . -16.93 -12.69 36.12
H1 BGC ZA . -14.45 -15.65 34.52
HO2 BGC ZA . -15.07 -17.45 31.96
HO3 BGC ZA . -14.44 -14.57 30.32
HO4 BGC ZA . -15.62 -11.84 31.47
HO6 BGC ZA . -17.32 -10.53 35.00
K K AB . 33.30 -30.88 -3.04
MG MG BB . 45.80 -9.01 -16.58
K K CB . 22.47 8.10 -7.40
K K DB . 11.20 -22.13 22.47
ZN ZN EB . 8.61 -19.76 26.29
#